data_7USM
#
_entry.id   7USM
#
_cell.length_a   1.00
_cell.length_b   1.00
_cell.length_c   1.00
_cell.angle_alpha   90.00
_cell.angle_beta   90.00
_cell.angle_gamma   90.00
#
_symmetry.space_group_name_H-M   'P 1'
#
loop_
_entity.id
_entity.type
_entity.pdbx_description
1 polymer 'Integrin alpha-M'
2 polymer 'Integrin beta'
3 branched 2-acetamido-2-deoxy-beta-D-glucopyranose-(1-4)-2-acetamido-2-deoxy-beta-D-glucopyranose
4 non-polymer 'CALCIUM ION'
5 non-polymer 2-acetamido-2-deoxy-beta-D-glucopyranose
#
loop_
_entity_poly.entity_id
_entity_poly.type
_entity_poly.pdbx_seq_one_letter_code
_entity_poly.pdbx_strand_id
1 'polypeptide(L)'
;FNLDTENAMTFQENARGFGQSVVQLQGSRVVVGAPQEIVAANQRGSLYQCDYSTGSCEPIRLQVPVEAVNMSLGLSLAAT
TSPPQLLACGPTVHQTCSENTYVKGLCFLFGSNLRQQPQKFPEALRGCPQEDSDIAFLIDGSGSIIPHDFRRMKEFVSTV
MEQLKKSKTLFSLMQYSEEFRIHFTFKEFQNNPNPRSLVKPITQLLGRTHTATGIRKVVRELFNITNGARKNAFKILVVI
TDGEKFGDPLGYEDVIPEADREGVIRYVIGVGDAFRSEKSRQELNTIASKPPRDHVFQVNNFEALKTIQNQLREKIFAIE
GTQTGSSSSFEHEMSQEGFSAAITSNGPLLSTVGSYDWAGGVFLYTSKEKSTFINMTRVDSDMNDAYLGYAAAIILRNRV
QSLVLGAPRYQHIGLVAMFRQNTGMWESNANVKGTQIGAYFGASLCSVDVDSNGSTDLVLIGAPHYYEQTRGGQVSVCPL
PRGRARWQCDAVLYGEQGQPWGRFGAALTVLGDVNGDKLTDVAIGAPGEEDNRGAVYLFHGTSGSGISPSHSQRIAGSKL
SPRLQYFGQSLSGGQDLTMDGLVDLTVGAQGHVLLLRSQPVLRVKAIMEFNPREVARNVFECNDQVVKGKEAGEVRVCLH
VQKSTRDRLREGQIQSVVTYDLALDSGRPHSRAVFNETKNSTRRQTQVLGLTQTCETLKLQLPNCIEDPVSPIVLRLNFS
LVGTPLSAFGNLRPVLAEDAQRLFTALFPFEKNCGNDNICQDDLSITFSFMSLDCLVVGGPREFNVTVTVRNDGEDSYRT
QVTFFFPLDLSYRKVSTLQNQRSQRSWRLACESASSTEVSGALKSTSCSINHPIFPENSEVTFNITFDVDSKASLGNKLL
LKANVTSENNMPRTNKTEFQLELPVKYAVYMVVTSHGVSTKYLNFTASENTSRVMQHQYQVSNLGQRSLPISLVFLVPVR
LNQTVIWDRPQVTFSENLSSTCHTKERLPSHSDFLAELRKAPVVNCSIAVCQRIQCDIPFFGIQEEFNATLKGNLSFDWY
IKTSHNHLLIVSTAEILFNDSVFTLLPGQGAFVRSQTETKVEPFEVPNGCGGLEVLFQGPGENAQCEKELQALEKENAQL
EWELQALEKELAQWSHPQFEKGGGSGGGGSGGSAWSHPQFEK
;
A
2 'polypeptide(L)'
;QECTKFKVSSCRECIESGPGCTWCQKLNFTGPGDPDSIRCDTRPQLLMRGCAADDIMDPTSLAETQEDHNGGQKQLSPQK
VTLYLRPGQAAAFNVTFRRAKGYPIDLYYLMDLSYSMLDDLRNVKKLGGDLLRALNEITESGRIGFGSFVDKTVLPFVNT
HPDKLRNPCPNKEKECQPPFAFRHVLKLTNNSNQFQTEVGKQLISGNLDAPEGGLDAMMQVAACPEEIGWRNVTRLLVFA
TDDGFHFAGDGKLGAILTPNDGRCHLEDNLYKRSNEFDYPSVGQLAHKLAENNIQPIFAVTSRMVKTYEKLTEIIPKSAV
GELSEDSSNVVHLIKNAYNKLSSRVFLDHNALPDTLKVTYDSFCSNGVTHRNQPRGDCDGVQINVPITFQVKVTATECIQ
EQSFVIRALGFTDIVTVQVLPQCECRCRDQSRDRSLCHGKGFLECGICRCDTGYIGKNCECQTQGRSSQELEGSCRKDNN
SIICSGLGDCVCGQCLCHTSDVPGKLIYGQYCECDTINCERYNGQVCGGPGRGLCFCGKCRCHPGFEGSACQCERTTEGC
LNPRRVECSGRGRCRCNVCECHSGYQLPLCQECPGCPSPCGKYISCAECLKFEKGPFGKNCSAACPGLQLSNNPVKGRTC
KERDSEGCWVAYTLEQQDGMDRYLIYVDESRECVAGPDGCGLEVLFQGPGKNAQCKKKLQALKKKNAQLKWKLQALKKKL
AQGGHHHHHH
;
B
#
# COMPACT_ATOMS: atom_id res chain seq x y z
N PHE A 1 -9.22 8.07 -22.54
CA PHE A 1 -8.69 9.21 -21.81
C PHE A 1 -7.55 9.82 -22.64
N ASN A 2 -6.54 10.37 -21.96
CA ASN A 2 -5.64 11.34 -22.58
C ASN A 2 -4.87 10.73 -23.75
N LEU A 3 -4.24 9.58 -23.54
CA LEU A 3 -3.50 8.94 -24.62
C LEU A 3 -4.46 8.48 -25.72
N ASP A 4 -4.13 8.82 -26.96
CA ASP A 4 -4.97 8.51 -28.11
C ASP A 4 -4.69 7.12 -28.63
N THR A 5 -5.76 6.44 -29.06
CA THR A 5 -5.66 5.14 -29.73
C THR A 5 -6.54 5.04 -30.96
N GLU A 6 -7.58 5.87 -31.10
CA GLU A 6 -8.47 5.78 -32.24
C GLU A 6 -7.73 6.09 -33.54
N ASN A 7 -6.78 7.01 -33.50
CA ASN A 7 -6.00 7.40 -34.68
C ASN A 7 -4.52 7.29 -34.41
N ALA A 8 -4.11 6.19 -33.77
CA ALA A 8 -2.71 6.02 -33.40
C ALA A 8 -1.87 5.73 -34.63
N MET A 9 -0.77 6.48 -34.78
CA MET A 9 0.15 6.23 -35.87
C MET A 9 0.98 4.99 -35.56
N THR A 10 1.25 4.19 -36.60
CA THR A 10 1.92 2.91 -36.44
C THR A 10 3.05 2.77 -37.46
N PHE A 11 4.16 2.22 -37.00
CA PHE A 11 5.28 1.85 -37.86
C PHE A 11 5.36 0.34 -37.95
N GLN A 12 5.52 -0.17 -39.17
CA GLN A 12 5.76 -1.59 -39.41
C GLN A 12 7.16 -1.78 -39.98
N GLU A 13 7.74 -2.94 -39.68
CA GLU A 13 9.01 -3.33 -40.27
C GLU A 13 9.18 -4.83 -40.10
N ASN A 14 9.61 -5.50 -41.16
CA ASN A 14 9.82 -6.94 -41.13
C ASN A 14 11.12 -7.33 -40.42
N ALA A 15 11.75 -6.36 -39.74
CA ALA A 15 12.99 -6.62 -39.03
C ALA A 15 12.72 -7.44 -37.78
N ARG A 16 13.52 -8.48 -37.56
CA ARG A 16 13.37 -9.30 -36.37
C ARG A 16 13.76 -8.50 -35.14
N GLY A 17 12.87 -8.48 -34.15
CA GLY A 17 13.10 -7.76 -32.92
C GLY A 17 12.73 -6.29 -32.95
N PHE A 18 12.20 -5.80 -34.06
CA PHE A 18 11.81 -4.40 -34.17
C PHE A 18 10.77 -4.06 -33.12
N GLY A 19 10.95 -2.93 -32.44
CA GLY A 19 10.06 -2.52 -31.38
C GLY A 19 10.46 -2.95 -29.99
N GLN A 20 11.67 -3.50 -29.82
CA GLN A 20 12.10 -3.95 -28.50
C GLN A 20 12.49 -2.79 -27.60
N SER A 21 13.09 -1.75 -28.17
CA SER A 21 13.51 -0.58 -27.40
C SER A 21 13.29 0.67 -28.23
N VAL A 22 12.73 1.70 -27.61
CA VAL A 22 12.43 2.96 -28.29
C VAL A 22 12.89 4.11 -27.41
N VAL A 23 13.49 5.12 -28.05
CA VAL A 23 13.83 6.38 -27.39
C VAL A 23 13.46 7.53 -28.33
N GLN A 24 12.91 8.60 -27.77
CA GLN A 24 12.58 9.77 -28.56
C GLN A 24 13.82 10.64 -28.77
N LEU A 25 13.84 11.30 -29.92
CA LEU A 25 14.91 12.24 -30.27
C LEU A 25 14.29 13.59 -30.61
N GLN A 26 15.07 14.65 -30.41
CA GLN A 26 14.55 16.01 -30.59
C GLN A 26 14.02 16.21 -32.00
N GLY A 27 12.90 16.90 -32.09
CA GLY A 27 12.25 17.16 -33.37
C GLY A 27 11.06 16.26 -33.62
N SER A 28 11.20 15.33 -34.57
CA SER A 28 10.15 14.36 -34.85
C SER A 28 10.72 12.98 -35.14
N ARG A 29 11.85 12.63 -34.52
CA ARG A 29 12.55 11.40 -34.83
C ARG A 29 12.54 10.46 -33.63
N VAL A 30 12.35 9.17 -33.90
CA VAL A 30 12.38 8.11 -32.90
C VAL A 30 13.39 7.07 -33.36
N VAL A 31 14.23 6.61 -32.44
CA VAL A 31 15.20 5.56 -32.73
C VAL A 31 14.71 4.27 -32.12
N VAL A 32 14.50 3.26 -32.96
CA VAL A 32 13.95 1.97 -32.55
C VAL A 32 14.99 0.90 -32.83
N GLY A 33 15.26 0.07 -31.83
CA GLY A 33 16.21 -1.01 -31.98
C GLY A 33 15.55 -2.29 -32.46
N ALA A 34 16.31 -3.06 -33.24
CA ALA A 34 15.88 -4.37 -33.75
C ALA A 34 16.94 -5.39 -33.39
N PRO A 35 17.01 -5.78 -32.10
CA PRO A 35 18.17 -6.54 -31.61
C PRO A 35 18.33 -7.94 -32.20
N GLN A 36 17.47 -8.37 -33.11
CA GLN A 36 17.59 -9.69 -33.70
C GLN A 36 17.59 -9.70 -35.22
N GLU A 37 17.50 -8.54 -35.87
CA GLU A 37 17.48 -8.48 -37.32
C GLU A 37 18.89 -8.70 -37.86
N ILE A 38 19.07 -9.74 -38.67
CA ILE A 38 20.36 -10.05 -39.26
C ILE A 38 20.46 -9.34 -40.61
N VAL A 39 21.51 -8.53 -40.76
CA VAL A 39 21.70 -7.74 -41.97
C VAL A 39 23.00 -8.08 -42.69
N ALA A 40 23.91 -8.81 -42.06
CA ALA A 40 25.19 -9.16 -42.65
C ALA A 40 25.73 -10.35 -41.88
N ALA A 41 26.89 -10.85 -42.33
CA ALA A 41 27.53 -11.96 -41.64
C ALA A 41 28.03 -11.51 -40.28
N ASN A 42 27.60 -12.23 -39.23
CA ASN A 42 27.99 -11.94 -37.85
C ASN A 42 27.58 -10.53 -37.44
N GLN A 43 26.45 -10.04 -37.94
CA GLN A 43 25.95 -8.71 -37.62
C GLN A 43 24.44 -8.77 -37.43
N ARG A 44 23.98 -8.59 -36.19
CA ARG A 44 22.57 -8.56 -35.88
C ARG A 44 22.26 -7.34 -35.01
N GLY A 45 21.15 -6.68 -35.31
CA GLY A 45 20.79 -5.48 -34.61
C GLY A 45 21.13 -4.22 -35.37
N SER A 46 20.11 -3.44 -35.73
CA SER A 46 20.30 -2.19 -36.44
C SER A 46 19.30 -1.16 -35.95
N LEU A 47 19.69 0.11 -36.02
CA LEU A 47 18.83 1.22 -35.61
C LEU A 47 17.91 1.61 -36.74
N TYR A 48 16.67 1.93 -36.40
CA TYR A 48 15.69 2.46 -37.35
C TYR A 48 15.20 3.80 -36.82
N GLN A 49 15.59 4.88 -37.48
CA GLN A 49 15.15 6.21 -37.10
C GLN A 49 13.83 6.50 -37.83
N CYS A 50 12.78 6.76 -37.07
CA CYS A 50 11.44 6.91 -37.61
C CYS A 50 11.00 8.36 -37.48
N ASP A 51 10.32 8.85 -38.51
CA ASP A 51 9.94 10.26 -38.59
C ASP A 51 8.43 10.36 -38.75
N TYR A 52 7.83 11.27 -37.99
CA TYR A 52 6.39 11.50 -38.08
C TYR A 52 5.99 12.04 -39.45
N SER A 53 6.80 12.92 -40.02
CA SER A 53 6.45 13.55 -41.29
C SER A 53 6.54 12.56 -42.45
N THR A 54 7.60 11.76 -42.50
CA THR A 54 7.79 10.82 -43.60
C THR A 54 6.90 9.58 -43.49
N GLY A 55 6.37 9.30 -42.30
CA GLY A 55 5.47 8.17 -42.14
C GLY A 55 6.12 6.82 -42.32
N SER A 56 7.44 6.74 -42.25
CA SER A 56 8.16 5.49 -42.45
C SER A 56 9.47 5.55 -41.68
N CYS A 57 10.30 4.53 -41.85
CA CYS A 57 11.59 4.46 -41.18
C CYS A 57 12.63 3.90 -42.14
N GLU A 58 13.86 4.39 -42.00
CA GLU A 58 15.01 3.89 -42.74
C GLU A 58 16.16 3.68 -41.77
N PRO A 59 17.01 2.69 -42.03
CA PRO A 59 18.11 2.40 -41.09
C PRO A 59 19.13 3.52 -41.05
N ILE A 60 19.66 3.75 -39.85
CA ILE A 60 20.76 4.69 -39.69
C ILE A 60 22.03 4.09 -40.29
N ARG A 61 22.67 4.84 -41.19
CA ARG A 61 23.84 4.33 -41.88
C ARG A 61 25.04 4.25 -40.95
N LEU A 62 25.00 3.31 -40.01
CA LEU A 62 26.03 3.17 -39.00
C LEU A 62 27.15 2.27 -39.51
N GLN A 63 28.39 2.66 -39.25
CA GLN A 63 29.56 1.89 -39.65
C GLN A 63 29.97 0.97 -38.50
N VAL A 64 29.34 -0.19 -38.44
CA VAL A 64 29.61 -1.15 -37.35
C VAL A 64 31.02 -1.69 -37.51
N PRO A 65 31.79 -1.82 -36.42
CA PRO A 65 33.09 -2.49 -36.51
C PRO A 65 32.95 -3.93 -36.96
N VAL A 66 34.10 -4.53 -37.29
CA VAL A 66 34.13 -5.84 -37.95
C VAL A 66 34.51 -6.96 -36.97
N GLU A 67 34.55 -6.68 -35.67
CA GLU A 67 35.07 -7.65 -34.71
C GLU A 67 34.05 -8.71 -34.33
N ALA A 68 33.44 -9.36 -35.32
CA ALA A 68 32.52 -10.49 -35.12
C ALA A 68 31.52 -10.19 -34.00
N VAL A 69 30.74 -9.14 -34.21
CA VAL A 69 30.07 -8.48 -33.09
C VAL A 69 28.81 -9.23 -32.66
N ASN A 70 27.84 -9.39 -33.58
CA ASN A 70 26.47 -9.76 -33.19
C ASN A 70 25.95 -8.87 -32.07
N MET A 71 26.22 -7.57 -32.18
CA MET A 71 25.99 -6.62 -31.08
C MET A 71 24.62 -6.74 -30.43
N SER A 72 23.63 -7.27 -31.13
CA SER A 72 22.23 -7.13 -30.72
C SER A 72 21.92 -5.67 -30.51
N LEU A 73 22.43 -4.85 -31.43
CA LEU A 73 22.40 -3.40 -31.31
C LEU A 73 20.95 -2.91 -31.28
N GLY A 74 20.71 -1.88 -30.47
CA GLY A 74 19.37 -1.42 -30.21
C GLY A 74 18.70 -2.05 -29.01
N LEU A 75 19.36 -2.99 -28.35
CA LEU A 75 18.79 -3.58 -27.13
C LEU A 75 18.71 -2.55 -26.01
N SER A 76 19.63 -1.59 -25.99
CA SER A 76 19.61 -0.49 -25.02
C SER A 76 19.86 0.82 -25.74
N LEU A 77 19.16 1.87 -25.32
CA LEU A 77 19.24 3.17 -25.96
C LEU A 77 19.14 4.27 -24.91
N ALA A 78 19.65 5.45 -25.26
CA ALA A 78 19.57 6.62 -24.41
C ALA A 78 19.68 7.87 -25.28
N ALA A 79 19.19 8.98 -24.74
CA ALA A 79 19.23 10.25 -25.47
C ALA A 79 19.00 11.41 -24.52
N THR A 80 19.47 12.58 -24.93
CA THR A 80 19.19 13.84 -24.26
C THR A 80 18.89 14.91 -25.30
N THR A 81 18.13 15.92 -24.90
CA THR A 81 17.65 16.95 -25.81
C THR A 81 18.49 18.21 -25.82
N SER A 82 19.24 18.50 -24.76
CA SER A 82 20.03 19.73 -24.67
C SER A 82 21.27 19.46 -23.84
N PRO A 83 22.45 19.33 -24.47
CA PRO A 83 22.67 19.37 -25.92
C PRO A 83 22.16 18.11 -26.61
N PRO A 84 21.91 18.18 -27.93
CA PRO A 84 21.38 16.99 -28.63
C PRO A 84 22.38 15.84 -28.61
N GLN A 85 22.05 14.79 -27.87
CA GLN A 85 22.86 13.58 -27.81
C GLN A 85 21.95 12.37 -27.87
N LEU A 86 22.48 11.26 -28.37
CA LEU A 86 21.74 10.02 -28.41
C LEU A 86 22.75 8.87 -28.32
N LEU A 87 22.43 7.88 -27.49
CA LEU A 87 23.35 6.79 -27.18
C LEU A 87 22.73 5.46 -27.57
N ALA A 88 23.48 4.67 -28.33
CA ALA A 88 23.06 3.33 -28.71
C ALA A 88 24.15 2.36 -28.31
N CYS A 89 23.77 1.27 -27.63
CA CYS A 89 24.71 0.31 -27.10
C CYS A 89 24.32 -1.09 -27.55
N GLY A 90 25.33 -1.92 -27.82
CA GLY A 90 25.12 -3.32 -28.06
C GLY A 90 25.61 -4.14 -26.88
N PRO A 91 24.67 -4.58 -26.04
CA PRO A 91 25.08 -5.31 -24.82
C PRO A 91 25.81 -6.61 -25.08
N THR A 92 25.54 -7.28 -26.20
CA THR A 92 26.06 -8.62 -26.45
C THR A 92 26.98 -8.61 -27.66
N VAL A 93 28.26 -8.37 -27.43
CA VAL A 93 29.29 -8.47 -28.45
C VAL A 93 30.05 -9.77 -28.22
N HIS A 94 29.81 -10.77 -29.06
CA HIS A 94 30.34 -12.11 -28.86
C HIS A 94 31.80 -12.14 -29.28
N GLN A 95 32.69 -11.86 -28.33
CA GLN A 95 34.13 -11.89 -28.56
C GLN A 95 34.60 -13.35 -28.48
N THR A 96 34.63 -14.01 -29.63
CA THR A 96 35.06 -15.41 -29.70
C THR A 96 36.58 -15.48 -29.59
N CYS A 97 37.04 -15.64 -28.35
CA CYS A 97 38.47 -15.71 -28.07
C CYS A 97 38.97 -17.13 -28.34
N SER A 98 40.19 -17.42 -27.90
CA SER A 98 40.77 -18.73 -28.17
C SER A 98 40.03 -19.84 -27.43
N GLU A 99 39.63 -19.58 -26.19
CA GLU A 99 38.99 -20.60 -25.35
C GLU A 99 37.51 -20.34 -25.11
N ASN A 100 37.09 -19.09 -24.95
CA ASN A 100 35.73 -18.78 -24.53
C ASN A 100 35.20 -17.62 -25.36
N THR A 101 33.86 -17.53 -25.41
CA THR A 101 33.16 -16.45 -26.10
C THR A 101 32.60 -15.52 -25.03
N TYR A 102 33.36 -14.48 -24.71
CA TYR A 102 32.93 -13.49 -23.73
C TYR A 102 31.87 -12.58 -24.32
N VAL A 103 31.16 -11.88 -23.44
CA VAL A 103 30.09 -10.98 -23.84
C VAL A 103 30.40 -9.61 -23.25
N LYS A 104 30.66 -8.64 -24.12
CA LYS A 104 30.98 -7.29 -23.71
C LYS A 104 30.04 -6.32 -24.43
N GLY A 105 30.08 -5.06 -24.01
CA GLY A 105 29.25 -4.03 -24.59
C GLY A 105 30.06 -3.08 -25.44
N LEU A 106 29.40 -2.48 -26.43
CA LEU A 106 30.02 -1.48 -27.29
C LEU A 106 29.02 -0.34 -27.44
N CYS A 107 29.52 0.90 -27.44
CA CYS A 107 28.69 2.06 -27.20
C CYS A 107 28.92 3.13 -28.25
N PHE A 108 27.83 3.65 -28.80
CA PHE A 108 27.86 4.72 -29.80
C PHE A 108 27.23 5.98 -29.23
N LEU A 109 27.97 7.09 -29.29
CA LEU A 109 27.47 8.40 -28.89
C LEU A 109 27.35 9.29 -30.12
N PHE A 110 26.15 9.80 -30.37
CA PHE A 110 25.86 10.65 -31.50
C PHE A 110 25.52 12.06 -31.06
N GLY A 111 25.81 13.02 -31.94
CA GLY A 111 25.40 14.40 -31.72
C GLY A 111 24.17 14.75 -32.51
N SER A 112 24.19 15.90 -33.17
CA SER A 112 23.04 16.31 -33.98
C SER A 112 22.91 15.51 -35.27
N ASN A 113 23.99 14.92 -35.77
CA ASN A 113 23.97 14.13 -36.99
C ASN A 113 24.37 12.69 -36.66
N LEU A 114 23.59 11.74 -37.18
CA LEU A 114 23.82 10.32 -36.93
C LEU A 114 24.70 9.71 -38.02
N ARG A 115 25.93 10.22 -38.12
CA ARG A 115 26.82 9.82 -39.20
C ARG A 115 28.08 9.14 -38.72
N GLN A 116 28.84 9.76 -37.82
CA GLN A 116 30.03 9.15 -37.25
C GLN A 116 30.02 9.36 -35.74
N GLN A 117 30.59 8.40 -35.01
CA GLN A 117 30.47 8.39 -33.56
C GLN A 117 31.64 7.66 -32.93
N PRO A 118 32.02 8.02 -31.71
CA PRO A 118 33.01 7.22 -30.98
C PRO A 118 32.40 5.90 -30.52
N GLN A 119 33.27 4.91 -30.36
CA GLN A 119 32.82 3.55 -30.06
C GLN A 119 33.28 3.02 -28.70
N LYS A 120 34.20 3.70 -28.02
CA LYS A 120 34.74 3.18 -26.77
C LYS A 120 33.73 3.31 -25.63
N HIS A 332 37.34 -7.68 -15.89
CA HIS A 332 36.03 -7.06 -15.90
C HIS A 332 35.21 -7.63 -17.05
N GLU A 333 35.56 -8.84 -17.47
CA GLU A 333 34.90 -9.47 -18.59
C GLU A 333 33.47 -9.88 -18.22
N MET A 334 32.74 -10.36 -19.23
CA MET A 334 31.36 -10.80 -19.06
C MET A 334 30.42 -9.68 -18.61
N SER A 335 30.85 -8.44 -18.77
CA SER A 335 30.21 -7.33 -18.09
C SER A 335 28.96 -6.83 -18.82
N GLN A 336 28.90 -6.97 -20.13
CA GLN A 336 27.80 -6.43 -20.94
C GLN A 336 27.60 -4.95 -20.64
N GLU A 337 28.63 -4.17 -20.99
CA GLU A 337 28.79 -2.82 -20.46
C GLU A 337 27.59 -1.93 -20.74
N GLY A 338 26.90 -2.14 -21.85
CA GLY A 338 25.82 -1.24 -22.20
C GLY A 338 24.43 -1.81 -22.02
N PHE A 339 24.22 -2.62 -20.98
CA PHE A 339 22.91 -3.25 -20.78
C PHE A 339 21.84 -2.20 -20.56
N SER A 340 22.12 -1.18 -19.75
CA SER A 340 21.27 -0.01 -19.63
C SER A 340 22.15 1.23 -19.69
N ALA A 341 21.61 2.31 -20.23
CA ALA A 341 22.39 3.49 -20.51
C ALA A 341 21.66 4.75 -20.05
N ALA A 342 22.45 5.73 -19.60
CA ALA A 342 21.95 7.05 -19.29
C ALA A 342 23.02 8.07 -19.64
N ILE A 343 22.61 9.29 -19.93
CA ILE A 343 23.52 10.37 -20.30
C ILE A 343 23.54 11.37 -19.16
N THR A 344 24.68 11.48 -18.48
CA THR A 344 24.84 12.44 -17.41
C THR A 344 25.19 13.81 -17.99
N SER A 345 25.43 14.77 -17.11
CA SER A 345 25.88 16.09 -17.55
C SER A 345 27.36 16.12 -17.87
N ASN A 346 28.08 15.01 -17.71
CA ASN A 346 29.47 14.92 -18.11
C ASN A 346 29.75 13.80 -19.09
N GLY A 347 28.74 13.00 -19.46
CA GLY A 347 28.93 11.95 -20.43
C GLY A 347 27.98 10.78 -20.24
N PRO A 348 28.17 9.73 -21.03
CA PRO A 348 27.30 8.56 -20.92
C PRO A 348 27.54 7.77 -19.64
N LEU A 349 26.50 7.06 -19.21
CA LEU A 349 26.54 6.18 -18.04
C LEU A 349 26.16 4.78 -18.47
N LEU A 350 27.10 3.85 -18.34
CA LEU A 350 26.93 2.49 -18.82
C LEU A 350 26.87 1.52 -17.64
N SER A 351 25.94 0.58 -17.71
CA SER A 351 25.68 -0.35 -16.61
C SER A 351 26.13 -1.75 -17.00
N THR A 352 26.94 -2.37 -16.13
CA THR A 352 27.47 -3.70 -16.35
C THR A 352 26.74 -4.66 -15.41
N VAL A 353 25.79 -5.42 -15.97
CA VAL A 353 25.01 -6.35 -15.16
C VAL A 353 25.83 -7.56 -14.73
N GLY A 354 26.94 -7.83 -15.42
CA GLY A 354 27.70 -9.04 -15.16
C GLY A 354 29.06 -8.85 -14.51
N SER A 355 29.40 -7.66 -14.05
CA SER A 355 30.70 -7.45 -13.44
C SER A 355 30.79 -8.12 -12.07
N TYR A 356 31.93 -8.75 -11.81
CA TYR A 356 32.23 -9.41 -10.54
C TYR A 356 31.19 -10.50 -10.22
N ASP A 357 31.17 -11.52 -11.08
CA ASP A 357 30.27 -12.67 -10.95
C ASP A 357 28.81 -12.22 -10.86
N TRP A 358 28.39 -11.46 -11.87
CA TRP A 358 27.03 -10.96 -12.01
C TRP A 358 26.56 -10.15 -10.80
N ALA A 359 27.50 -9.62 -10.01
CA ALA A 359 27.12 -8.73 -8.92
C ALA A 359 26.59 -7.41 -9.47
N GLY A 360 27.32 -6.79 -10.37
CA GLY A 360 26.88 -5.59 -11.05
C GLY A 360 27.80 -4.40 -10.78
N GLY A 361 27.43 -3.29 -11.40
CA GLY A 361 28.19 -2.06 -11.33
C GLY A 361 27.92 -1.20 -12.55
N VAL A 362 28.37 0.05 -12.46
CA VAL A 362 28.21 1.00 -13.55
C VAL A 362 29.52 1.72 -13.80
N PHE A 363 29.71 2.15 -15.04
CA PHE A 363 30.80 3.03 -15.42
C PHE A 363 30.24 4.40 -15.76
N LEU A 364 30.76 5.43 -15.11
CA LEU A 364 30.38 6.81 -15.38
C LEU A 364 31.51 7.46 -16.17
N TYR A 365 31.16 8.06 -17.30
CA TYR A 365 32.15 8.58 -18.24
C TYR A 365 32.11 10.10 -18.24
N THR A 366 33.26 10.71 -18.00
CA THR A 366 33.45 12.14 -18.20
C THR A 366 34.00 12.44 -19.58
N SER A 367 34.82 11.53 -20.11
CA SER A 367 35.37 11.62 -21.46
C SER A 367 35.61 10.20 -21.95
N LYS A 368 35.92 10.08 -23.24
CA LYS A 368 36.13 8.76 -23.83
C LYS A 368 37.35 8.05 -23.27
N GLU A 369 38.23 8.74 -22.55
CA GLU A 369 39.43 8.14 -22.00
C GLU A 369 39.36 7.91 -20.50
N LYS A 370 38.54 8.66 -19.77
CA LYS A 370 38.51 8.62 -18.31
C LYS A 370 37.12 8.23 -17.83
N SER A 371 37.06 7.24 -16.94
CA SER A 371 35.81 6.80 -16.36
C SER A 371 36.07 6.22 -14.98
N THR A 372 35.02 6.17 -14.17
CA THR A 372 35.11 5.68 -12.79
C THR A 372 34.05 4.61 -12.58
N PHE A 373 34.46 3.48 -12.00
CA PHE A 373 33.54 2.40 -11.70
C PHE A 373 32.82 2.67 -10.38
N ILE A 374 31.52 2.38 -10.36
CA ILE A 374 30.68 2.60 -9.18
C ILE A 374 29.96 1.30 -8.85
N ASN A 375 30.05 0.87 -7.59
CA ASN A 375 29.37 -0.33 -7.12
C ASN A 375 29.34 -0.31 -5.60
N MET A 376 28.81 -1.39 -5.02
CA MET A 376 28.72 -1.56 -3.59
C MET A 376 29.97 -2.22 -3.02
N THR A 377 30.13 -2.10 -1.70
CA THR A 377 31.15 -2.84 -1.00
C THR A 377 30.75 -4.32 -0.91
N ARG A 378 31.73 -5.21 -1.01
CA ARG A 378 31.47 -6.64 -1.01
C ARG A 378 31.41 -7.17 0.40
N VAL A 379 30.34 -7.91 0.71
CA VAL A 379 30.15 -8.49 2.03
C VAL A 379 29.67 -9.93 1.88
N ASP A 380 30.60 -10.88 2.01
CA ASP A 380 30.30 -12.30 2.15
C ASP A 380 29.43 -12.82 0.98
N SER A 381 29.71 -12.34 -0.22
CA SER A 381 29.10 -12.82 -1.46
C SER A 381 27.57 -12.72 -1.44
N ASP A 382 27.01 -11.85 -0.60
CA ASP A 382 25.56 -11.69 -0.57
C ASP A 382 25.03 -10.98 -1.81
N MET A 383 25.88 -10.27 -2.54
CA MET A 383 25.46 -9.53 -3.72
C MET A 383 25.68 -10.28 -5.03
N ASN A 384 26.15 -11.52 -4.97
CA ASN A 384 26.34 -12.31 -6.19
C ASN A 384 25.01 -12.55 -6.89
N ASP A 385 25.08 -12.67 -8.22
CA ASP A 385 23.95 -12.87 -9.11
C ASP A 385 22.87 -11.79 -9.01
N ALA A 386 23.14 -10.69 -8.31
CA ALA A 386 22.09 -9.69 -8.09
C ALA A 386 21.72 -8.94 -9.37
N TYR A 387 22.60 -8.90 -10.36
CA TYR A 387 22.39 -8.12 -11.59
C TYR A 387 22.22 -6.63 -11.31
N LEU A 388 23.15 -6.05 -10.55
CA LEU A 388 23.11 -4.61 -10.33
C LEU A 388 23.43 -3.89 -11.62
N GLY A 389 22.65 -2.86 -11.94
CA GLY A 389 22.73 -2.23 -13.24
C GLY A 389 21.75 -2.76 -14.27
N TYR A 390 20.90 -3.73 -13.89
CA TYR A 390 19.83 -4.16 -14.79
C TYR A 390 18.90 -3.01 -15.11
N ALA A 391 18.82 -2.01 -14.23
CA ALA A 391 18.18 -0.74 -14.51
C ALA A 391 18.99 0.35 -13.83
N ALA A 392 18.89 1.57 -14.37
CA ALA A 392 19.63 2.70 -13.84
C ALA A 392 18.80 3.95 -14.02
N ALA A 393 19.04 4.94 -13.16
CA ALA A 393 18.33 6.20 -13.22
C ALA A 393 19.18 7.29 -12.58
N ILE A 394 18.84 8.53 -12.87
CA ILE A 394 19.55 9.70 -12.37
C ILE A 394 18.62 10.50 -11.50
N ILE A 395 19.06 10.80 -10.27
CA ILE A 395 18.30 11.61 -9.33
C ILE A 395 19.04 12.93 -9.10
N LEU A 396 18.29 14.03 -9.17
CA LEU A 396 18.85 15.36 -9.01
C LEU A 396 18.64 15.83 -7.58
N ARG A 397 19.75 16.16 -6.90
CA ARG A 397 19.72 16.70 -5.53
C ARG A 397 20.38 18.06 -5.58
N ASN A 398 19.56 19.11 -5.53
CA ASN A 398 20.03 20.49 -5.67
C ASN A 398 20.85 20.67 -6.94
N ARG A 399 20.36 20.07 -8.03
CA ARG A 399 21.01 20.08 -9.34
C ARG A 399 22.39 19.41 -9.32
N VAL A 400 22.64 18.54 -8.34
CA VAL A 400 23.85 17.73 -8.30
C VAL A 400 23.50 16.31 -8.72
N GLN A 401 24.28 15.74 -9.62
CA GLN A 401 23.99 14.42 -10.15
C GLN A 401 24.15 13.34 -9.08
N SER A 402 23.22 12.39 -9.08
CA SER A 402 23.29 11.24 -8.18
C SER A 402 22.62 10.06 -8.86
N LEU A 403 22.91 8.86 -8.36
CA LEU A 403 22.62 7.62 -9.07
C LEU A 403 21.75 6.69 -8.24
N VAL A 404 20.86 5.97 -8.93
CA VAL A 404 20.06 4.89 -8.37
C VAL A 404 20.23 3.66 -9.26
N LEU A 405 20.44 2.50 -8.64
CA LEU A 405 20.65 1.26 -9.37
C LEU A 405 19.75 0.17 -8.82
N GLY A 406 19.35 -0.75 -9.69
CA GLY A 406 18.45 -1.82 -9.34
C GLY A 406 19.10 -3.18 -9.51
N ALA A 407 18.76 -4.11 -8.62
CA ALA A 407 19.25 -5.49 -8.68
C ALA A 407 18.05 -6.43 -8.59
N PRO A 408 17.44 -6.77 -9.72
CA PRO A 408 16.19 -7.54 -9.68
C PRO A 408 16.36 -8.95 -9.16
N ARG A 409 17.57 -9.48 -9.16
CA ARG A 409 17.85 -10.85 -8.73
C ARG A 409 18.51 -10.93 -7.36
N TYR A 410 18.65 -9.82 -6.65
CA TYR A 410 19.40 -9.80 -5.40
C TYR A 410 18.91 -10.90 -4.47
N GLN A 411 19.84 -11.75 -4.04
CA GLN A 411 19.48 -13.02 -3.41
C GLN A 411 18.50 -13.75 -4.33
N HIS A 412 17.22 -13.77 -3.96
CA HIS A 412 16.15 -14.02 -4.90
C HIS A 412 14.99 -13.04 -4.76
N ILE A 413 15.17 -11.97 -3.99
CA ILE A 413 14.08 -11.06 -3.70
C ILE A 413 14.23 -9.69 -4.37
N GLY A 414 15.45 -9.24 -4.63
CA GLY A 414 15.66 -7.98 -5.31
C GLY A 414 16.14 -6.88 -4.37
N LEU A 415 16.73 -5.85 -4.97
CA LEU A 415 17.27 -4.73 -4.20
C LEU A 415 17.44 -3.53 -5.12
N VAL A 416 17.24 -2.34 -4.55
CA VAL A 416 17.49 -1.07 -5.23
C VAL A 416 18.18 -0.12 -4.26
N ALA A 417 19.21 0.58 -4.73
CA ALA A 417 20.05 1.41 -3.88
C ALA A 417 20.28 2.79 -4.50
N MET A 418 20.59 3.75 -3.63
CA MET A 418 21.00 5.08 -4.04
C MET A 418 22.50 5.24 -3.87
N PHE A 419 23.12 5.92 -4.83
CA PHE A 419 24.53 6.27 -4.76
C PHE A 419 24.67 7.79 -4.77
N ARG A 420 25.47 8.31 -3.85
CA ARG A 420 25.67 9.75 -3.71
C ARG A 420 27.14 10.09 -3.85
N GLN A 421 27.41 11.31 -4.31
CA GLN A 421 28.78 11.82 -4.44
C GLN A 421 29.14 12.59 -3.17
N ASN A 422 29.39 11.83 -2.10
CA ASN A 422 29.73 12.41 -0.81
C ASN A 422 31.21 12.74 -0.79
N THR A 423 31.53 14.03 -1.00
CA THR A 423 32.90 14.54 -1.00
C THR A 423 33.74 13.79 -2.05
N GLY A 424 33.34 13.97 -3.31
CA GLY A 424 34.08 13.39 -4.42
C GLY A 424 33.80 11.93 -4.72
N MET A 425 33.94 11.06 -3.72
CA MET A 425 33.75 9.64 -3.92
C MET A 425 32.28 9.30 -4.07
N TRP A 426 32.01 8.17 -4.72
CA TRP A 426 30.66 7.66 -4.90
C TRP A 426 30.40 6.58 -3.85
N GLU A 427 29.40 6.80 -3.01
CA GLU A 427 29.08 5.90 -1.91
C GLU A 427 27.59 5.57 -1.91
N SER A 428 27.28 4.35 -1.50
CA SER A 428 25.90 3.88 -1.40
C SER A 428 25.38 4.19 0.00
N ASN A 429 24.39 5.07 0.10
CA ASN A 429 23.88 5.53 1.39
C ASN A 429 22.64 4.78 1.85
N ALA A 430 21.75 4.41 0.93
CA ALA A 430 20.50 3.78 1.32
C ALA A 430 20.10 2.75 0.27
N ASN A 431 19.30 1.77 0.71
CA ASN A 431 18.82 0.73 -0.18
C ASN A 431 17.58 0.09 0.43
N VAL A 432 16.75 -0.50 -0.44
CA VAL A 432 15.53 -1.17 -0.05
C VAL A 432 15.52 -2.56 -0.67
N LYS A 433 14.70 -3.44 -0.09
CA LYS A 433 14.65 -4.84 -0.48
C LYS A 433 13.22 -5.26 -0.79
N GLY A 434 13.10 -6.32 -1.59
CA GLY A 434 11.79 -6.86 -1.94
C GLY A 434 11.33 -7.94 -0.99
N THR A 435 10.05 -8.30 -1.13
CA THR A 435 9.42 -9.25 -0.20
C THR A 435 9.34 -10.66 -0.77
N GLN A 436 8.68 -10.84 -1.91
CA GLN A 436 8.37 -12.16 -2.43
C GLN A 436 9.53 -12.72 -3.25
N ILE A 437 9.78 -14.01 -3.09
CA ILE A 437 10.79 -14.70 -3.90
C ILE A 437 10.29 -14.84 -5.32
N GLY A 438 11.13 -14.48 -6.29
CA GLY A 438 10.78 -14.55 -7.69
C GLY A 438 9.96 -13.40 -8.20
N ALA A 439 9.55 -12.47 -7.33
CA ALA A 439 8.84 -11.29 -7.79
C ALA A 439 9.70 -10.40 -8.65
N TYR A 440 11.03 -10.57 -8.57
CA TYR A 440 11.98 -9.97 -9.49
C TYR A 440 11.98 -8.45 -9.30
N PHE A 441 12.11 -8.05 -8.03
CA PHE A 441 11.98 -6.66 -7.60
C PHE A 441 13.20 -5.85 -7.99
N GLY A 442 12.99 -4.79 -8.77
CA GLY A 442 14.08 -3.97 -9.27
C GLY A 442 14.34 -4.07 -10.76
N ALA A 443 13.45 -4.69 -11.52
CA ALA A 443 13.66 -4.87 -12.95
C ALA A 443 13.78 -3.54 -13.68
N SER A 444 12.94 -2.58 -13.34
CA SER A 444 12.94 -1.26 -13.96
C SER A 444 12.88 -0.18 -12.90
N LEU A 445 13.59 0.92 -13.15
CA LEU A 445 13.65 2.05 -12.25
C LEU A 445 13.22 3.31 -12.98
N CYS A 446 12.65 4.26 -12.23
CA CYS A 446 12.14 5.49 -12.83
C CYS A 446 12.16 6.57 -11.76
N SER A 447 13.18 7.43 -11.82
CA SER A 447 13.21 8.60 -10.95
C SER A 447 12.17 9.61 -11.42
N VAL A 448 11.34 10.09 -10.50
CA VAL A 448 10.24 10.99 -10.83
C VAL A 448 10.42 12.28 -10.05
N ASP A 449 10.44 13.41 -10.75
CA ASP A 449 10.43 14.74 -10.14
C ASP A 449 8.99 15.24 -10.23
N VAL A 450 8.23 15.02 -9.16
CA VAL A 450 6.79 15.26 -9.22
C VAL A 450 6.50 16.76 -9.29
N ASP A 451 7.17 17.54 -8.44
CA ASP A 451 6.84 18.96 -8.29
C ASP A 451 7.55 19.85 -9.30
N SER A 452 8.49 19.31 -10.09
CA SER A 452 9.24 20.06 -11.10
C SER A 452 10.10 21.16 -10.49
N ASN A 453 10.42 21.08 -9.21
CA ASN A 453 11.25 22.10 -8.57
C ASN A 453 12.72 22.00 -8.94
N GLY A 454 13.13 20.94 -9.64
CA GLY A 454 14.51 20.72 -9.97
C GLY A 454 15.20 19.67 -9.12
N SER A 455 14.48 19.01 -8.22
CA SER A 455 15.04 17.97 -7.38
C SER A 455 14.14 16.74 -7.43
N THR A 456 14.76 15.56 -7.47
CA THR A 456 14.02 14.32 -7.54
C THR A 456 13.23 14.09 -6.25
N ASP A 457 12.09 13.42 -6.38
CA ASP A 457 11.21 13.13 -5.25
C ASP A 457 11.05 11.63 -5.01
N LEU A 458 10.77 10.86 -6.06
CA LEU A 458 10.44 9.44 -5.90
C LEU A 458 11.28 8.60 -6.84
N VAL A 459 11.43 7.33 -6.46
CA VAL A 459 12.01 6.31 -7.31
C VAL A 459 11.02 5.14 -7.39
N LEU A 460 10.65 4.76 -8.61
CA LEU A 460 9.72 3.66 -8.82
C LEU A 460 10.50 2.38 -9.10
N ILE A 461 10.12 1.31 -8.40
CA ILE A 461 10.79 0.03 -8.49
C ILE A 461 9.77 -1.00 -8.96
N GLY A 462 9.97 -1.53 -10.16
CA GLY A 462 9.04 -2.49 -10.74
C GLY A 462 9.41 -3.92 -10.42
N ALA A 463 8.39 -4.73 -10.14
CA ALA A 463 8.53 -6.17 -9.91
C ALA A 463 7.52 -6.87 -10.80
N PRO A 464 7.85 -7.06 -12.09
CA PRO A 464 6.84 -7.56 -13.04
C PRO A 464 6.38 -8.98 -12.75
N HIS A 465 7.12 -9.75 -11.96
CA HIS A 465 6.80 -11.17 -11.75
C HIS A 465 6.26 -11.45 -10.36
N TYR A 466 5.75 -10.43 -9.67
CA TYR A 466 5.04 -10.65 -8.42
C TYR A 466 3.81 -11.52 -8.67
N TYR A 467 3.64 -12.56 -7.87
CA TYR A 467 2.60 -13.56 -8.11
C TYR A 467 1.53 -13.48 -7.05
N GLU A 468 0.28 -13.34 -7.49
CA GLU A 468 -0.90 -13.52 -6.67
C GLU A 468 -1.86 -14.44 -7.42
N GLN A 469 -2.96 -14.80 -6.75
CA GLN A 469 -3.90 -15.75 -7.36
C GLN A 469 -4.53 -15.18 -8.62
N THR A 470 -4.80 -13.87 -8.64
CA THR A 470 -5.45 -13.24 -9.77
C THR A 470 -4.70 -12.02 -10.31
N ARG A 471 -3.48 -11.77 -9.85
CA ARG A 471 -2.69 -10.66 -10.34
C ARG A 471 -1.25 -11.08 -10.57
N GLY A 472 -0.59 -10.40 -11.50
CA GLY A 472 0.82 -10.61 -11.76
C GLY A 472 1.60 -9.32 -11.92
N GLY A 473 2.58 -9.09 -11.06
CA GLY A 473 3.43 -7.92 -11.16
C GLY A 473 3.00 -6.76 -10.30
N GLN A 474 3.97 -6.01 -9.77
CA GLN A 474 3.68 -4.85 -8.95
C GLN A 474 4.84 -3.86 -9.03
N VAL A 475 4.53 -2.59 -8.78
CA VAL A 475 5.52 -1.52 -8.68
C VAL A 475 5.29 -0.81 -7.36
N SER A 476 6.38 -0.32 -6.76
CA SER A 476 6.33 0.31 -5.46
C SER A 476 6.96 1.70 -5.49
N VAL A 477 6.47 2.57 -4.61
CA VAL A 477 6.92 3.95 -4.52
C VAL A 477 7.84 4.10 -3.32
N CYS A 478 9.03 4.65 -3.56
CA CYS A 478 10.03 4.85 -2.52
C CYS A 478 10.50 6.30 -2.51
N PRO A 479 9.89 7.15 -1.70
CA PRO A 479 10.31 8.56 -1.64
C PRO A 479 11.73 8.69 -1.09
N LEU A 480 12.38 9.79 -1.46
CA LEU A 480 13.77 9.99 -1.07
C LEU A 480 13.87 10.11 0.44
N PRO A 481 14.86 9.48 1.06
CA PRO A 481 15.07 9.67 2.49
C PRO A 481 15.51 11.09 2.81
N ARG A 482 15.10 11.56 3.98
CA ARG A 482 15.43 12.90 4.45
C ARG A 482 16.49 12.80 5.55
N GLY A 483 17.59 13.54 5.38
CA GLY A 483 18.65 13.48 6.36
C GLY A 483 19.27 12.10 6.43
N ARG A 484 19.48 11.63 7.66
CA ARG A 484 20.09 10.33 7.91
C ARG A 484 19.05 9.22 8.09
N ALA A 485 17.80 9.48 7.74
CA ALA A 485 16.75 8.48 7.94
C ALA A 485 16.92 7.32 6.97
N ARG A 486 16.37 6.17 7.36
CA ARG A 486 16.45 4.97 6.54
C ARG A 486 15.42 5.01 5.42
N TRP A 487 15.82 4.50 4.26
CA TRP A 487 14.97 4.51 3.07
C TRP A 487 13.95 3.37 3.14
N GLN A 488 12.68 3.68 2.92
CA GLN A 488 11.61 2.70 3.05
C GLN A 488 10.51 3.01 2.06
N CYS A 489 9.79 1.96 1.66
CA CYS A 489 8.67 2.09 0.74
C CYS A 489 7.44 2.61 1.49
N ASP A 490 6.48 3.14 0.74
CA ASP A 490 5.22 3.58 1.33
C ASP A 490 3.98 3.23 0.52
N ALA A 491 4.11 2.65 -0.67
CA ALA A 491 2.94 2.33 -1.47
C ALA A 491 3.31 1.26 -2.48
N VAL A 492 2.28 0.57 -2.98
CA VAL A 492 2.41 -0.46 -4.00
C VAL A 492 1.29 -0.30 -5.01
N LEU A 493 1.62 -0.43 -6.30
CA LEU A 493 0.64 -0.31 -7.36
C LEU A 493 0.42 -1.66 -8.04
N TYR A 494 -0.80 -1.87 -8.52
CA TYR A 494 -1.19 -3.15 -9.11
C TYR A 494 -1.96 -2.91 -10.40
N GLY A 495 -1.93 -3.91 -11.27
CA GLY A 495 -2.76 -3.93 -12.46
C GLY A 495 -4.17 -4.42 -12.16
N GLU A 496 -4.92 -4.60 -13.24
CA GLU A 496 -6.27 -5.13 -13.15
C GLU A 496 -6.26 -6.54 -12.55
N GLN A 497 -7.31 -6.85 -11.80
CA GLN A 497 -7.54 -8.22 -11.36
C GLN A 497 -7.89 -9.10 -12.55
N GLY A 498 -7.75 -10.41 -12.34
CA GLY A 498 -8.06 -11.36 -13.38
C GLY A 498 -7.09 -11.35 -14.54
N GLN A 499 -5.88 -10.84 -14.33
CA GLN A 499 -4.85 -10.78 -15.36
C GLN A 499 -3.56 -11.37 -14.81
N PRO A 500 -3.58 -12.64 -14.38
CA PRO A 500 -2.34 -13.28 -13.94
C PRO A 500 -1.28 -13.32 -15.02
N TRP A 501 -0.03 -13.21 -14.58
CA TRP A 501 1.15 -13.16 -15.45
C TRP A 501 1.11 -11.97 -16.40
N GLY A 502 0.44 -10.89 -16.01
CA GLY A 502 0.40 -9.69 -16.83
C GLY A 502 1.72 -8.96 -16.96
N ARG A 503 2.72 -9.30 -16.13
CA ARG A 503 4.02 -8.66 -16.14
C ARG A 503 3.93 -7.14 -16.00
N PHE A 504 2.98 -6.71 -15.17
CA PHE A 504 2.80 -5.29 -14.87
C PHE A 504 4.04 -4.74 -14.18
N GLY A 505 4.58 -3.67 -14.74
CA GLY A 505 5.82 -3.09 -14.25
C GLY A 505 7.08 -3.51 -14.98
N ALA A 506 6.97 -4.04 -16.20
CA ALA A 506 8.16 -4.36 -16.98
C ALA A 506 8.80 -3.11 -17.58
N ALA A 507 7.99 -2.11 -17.93
CA ALA A 507 8.48 -0.89 -18.55
C ALA A 507 8.02 0.32 -17.74
N LEU A 508 8.94 1.27 -17.54
CA LEU A 508 8.67 2.50 -16.80
C LEU A 508 9.18 3.68 -17.60
N THR A 509 8.45 4.79 -17.55
CA THR A 509 8.86 5.99 -18.27
C THR A 509 8.20 7.21 -17.64
N VAL A 510 8.81 8.36 -17.86
CA VAL A 510 8.28 9.66 -17.41
C VAL A 510 7.61 10.35 -18.59
N LEU A 511 6.31 10.62 -18.46
CA LEU A 511 5.54 11.30 -19.48
C LEU A 511 5.42 12.80 -19.26
N GLY A 512 6.12 13.34 -18.26
CA GLY A 512 5.89 14.72 -17.90
C GLY A 512 4.50 14.93 -17.33
N ASP A 513 3.95 16.11 -17.58
CA ASP A 513 2.60 16.47 -17.11
C ASP A 513 1.63 16.22 -18.24
N VAL A 514 0.83 15.17 -18.11
CA VAL A 514 -0.06 14.73 -19.18
C VAL A 514 -1.42 15.41 -19.08
N ASN A 515 -1.98 15.53 -17.88
CA ASN A 515 -3.32 16.08 -17.70
C ASN A 515 -3.32 17.59 -17.46
N GLY A 516 -2.15 18.22 -17.31
CA GLY A 516 -2.08 19.66 -17.14
C GLY A 516 -2.29 20.12 -15.72
N ASP A 517 -1.48 19.60 -14.79
CA ASP A 517 -1.58 19.99 -13.39
C ASP A 517 -0.20 20.13 -12.74
N LYS A 518 0.87 20.27 -13.54
CA LYS A 518 2.23 20.54 -13.09
C LYS A 518 2.83 19.41 -12.27
N LEU A 519 2.18 18.25 -12.22
CA LEU A 519 2.68 17.09 -11.48
C LEU A 519 3.05 15.99 -12.46
N THR A 520 4.26 15.48 -12.33
CA THR A 520 4.78 14.47 -13.25
C THR A 520 4.00 13.17 -13.18
N ASP A 521 3.70 12.61 -14.35
CA ASP A 521 2.93 11.39 -14.48
C ASP A 521 3.78 10.28 -15.08
N VAL A 522 3.45 9.04 -14.75
CA VAL A 522 4.22 7.87 -15.15
C VAL A 522 3.31 6.95 -15.97
N ALA A 523 3.89 6.28 -16.96
CA ALA A 523 3.25 5.16 -17.63
C ALA A 523 4.02 3.87 -17.39
N ILE A 524 3.27 2.77 -17.27
CA ILE A 524 3.80 1.48 -16.84
C ILE A 524 3.30 0.41 -17.81
N GLY A 525 4.22 -0.45 -18.28
CA GLY A 525 3.88 -1.44 -19.28
C GLY A 525 3.44 -2.76 -18.66
N ALA A 526 2.44 -3.39 -19.30
CA ALA A 526 1.90 -4.68 -18.86
C ALA A 526 1.77 -5.61 -20.06
N PRO A 527 2.91 -6.05 -20.62
CA PRO A 527 2.85 -6.78 -21.90
C PRO A 527 2.30 -8.20 -21.82
N GLY A 528 2.11 -8.77 -20.63
CA GLY A 528 1.59 -10.12 -20.53
C GLY A 528 0.08 -10.28 -20.55
N GLU A 529 -0.66 -9.19 -20.38
CA GLU A 529 -2.11 -9.26 -20.25
C GLU A 529 -2.78 -9.79 -21.51
N GLU A 530 -3.96 -10.39 -21.32
CA GLU A 530 -4.84 -10.84 -22.39
C GLU A 530 -4.14 -11.80 -23.36
N ASP A 531 -3.48 -12.81 -22.80
CA ASP A 531 -2.68 -13.79 -23.56
C ASP A 531 -1.53 -13.13 -24.34
N ASN A 532 -0.69 -12.40 -23.60
CA ASN A 532 0.50 -11.74 -24.13
C ASN A 532 0.23 -10.70 -25.21
N ARG A 533 -1.00 -10.19 -25.34
CA ARG A 533 -1.21 -9.04 -26.21
C ARG A 533 -1.05 -7.72 -25.48
N GLY A 534 -0.94 -7.74 -24.16
CA GLY A 534 -0.39 -6.65 -23.39
C GLY A 534 -1.33 -5.47 -23.16
N ALA A 535 -0.89 -4.61 -22.24
CA ALA A 535 -1.57 -3.36 -21.92
C ALA A 535 -0.54 -2.35 -21.44
N VAL A 536 -0.95 -1.09 -21.35
CA VAL A 536 -0.15 -0.02 -20.77
C VAL A 536 -1.00 0.78 -19.79
N TYR A 537 -0.42 1.07 -18.63
CA TYR A 537 -1.12 1.75 -17.53
C TYR A 537 -0.52 3.13 -17.30
N LEU A 538 -1.39 4.14 -17.21
CA LEU A 538 -1.00 5.50 -16.87
C LEU A 538 -1.36 5.80 -15.42
N PHE A 539 -0.37 6.23 -14.64
CA PHE A 539 -0.59 6.68 -13.26
C PHE A 539 -0.25 8.15 -13.13
N HIS A 540 -1.15 8.92 -12.52
CA HIS A 540 -0.88 10.31 -12.21
C HIS A 540 -0.04 10.46 -10.94
N GLY A 541 0.83 11.45 -10.93
CA GLY A 541 1.46 11.91 -9.70
C GLY A 541 0.51 12.78 -8.88
N THR A 542 0.57 12.60 -7.56
CA THR A 542 -0.28 13.33 -6.64
C THR A 542 0.46 14.53 -6.06
N SER A 543 -0.31 15.54 -5.64
CA SER A 543 0.26 16.77 -5.10
C SER A 543 1.06 16.54 -3.82
N GLY A 544 0.80 15.47 -3.09
CA GLY A 544 1.55 15.17 -1.89
C GLY A 544 2.87 14.48 -2.15
N SER A 545 3.46 14.75 -3.32
CA SER A 545 4.71 14.13 -3.74
C SER A 545 4.59 12.60 -3.74
N GLY A 546 3.50 12.13 -4.32
CA GLY A 546 3.20 10.71 -4.38
C GLY A 546 2.68 10.29 -5.74
N ILE A 547 2.29 9.02 -5.86
CA ILE A 547 1.62 8.51 -7.05
C ILE A 547 0.28 7.91 -6.63
N SER A 548 -0.74 8.13 -7.45
CA SER A 548 -2.09 7.73 -7.09
C SER A 548 -2.23 6.20 -7.11
N PRO A 549 -2.87 5.61 -6.11
CA PRO A 549 -2.85 4.14 -5.97
C PRO A 549 -3.56 3.40 -7.10
N SER A 550 -4.32 4.08 -7.95
CA SER A 550 -5.08 3.44 -9.00
C SER A 550 -4.76 4.07 -10.34
N HIS A 551 -4.74 3.25 -11.40
CA HIS A 551 -4.39 3.73 -12.72
C HIS A 551 -5.49 4.63 -13.28
N SER A 552 -5.07 5.60 -14.09
CA SER A 552 -5.99 6.48 -14.78
C SER A 552 -6.45 5.95 -16.14
N GLN A 553 -5.59 5.24 -16.86
CA GLN A 553 -5.97 4.70 -18.15
C GLN A 553 -5.28 3.36 -18.37
N ARG A 554 -5.99 2.44 -19.04
CA ARG A 554 -5.42 1.21 -19.56
C ARG A 554 -5.63 1.15 -21.07
N ILE A 555 -4.53 1.03 -21.80
CA ILE A 555 -4.57 0.83 -23.25
C ILE A 555 -4.33 -0.64 -23.53
N ALA A 556 -5.23 -1.26 -24.30
CA ALA A 556 -5.17 -2.69 -24.54
C ALA A 556 -4.84 -2.97 -26.01
N GLY A 557 -3.88 -3.87 -26.23
CA GLY A 557 -3.45 -4.21 -27.57
C GLY A 557 -4.56 -4.76 -28.44
N SER A 558 -5.47 -5.53 -27.82
CA SER A 558 -6.67 -6.01 -28.52
C SER A 558 -7.44 -4.88 -29.19
N LYS A 559 -7.65 -3.77 -28.47
CA LYS A 559 -8.40 -2.67 -29.05
C LYS A 559 -7.63 -1.93 -30.14
N LEU A 560 -6.31 -2.08 -30.18
CA LEU A 560 -5.52 -1.43 -31.21
C LEU A 560 -5.50 -2.25 -32.51
N SER A 561 -4.97 -3.48 -32.44
CA SER A 561 -4.95 -4.33 -33.62
C SER A 561 -4.72 -5.78 -33.21
N PRO A 562 -5.38 -6.74 -33.87
CA PRO A 562 -5.09 -8.17 -33.63
C PRO A 562 -3.63 -8.57 -33.79
N ARG A 563 -2.85 -7.80 -34.55
CA ARG A 563 -1.47 -8.19 -34.85
C ARG A 563 -0.50 -7.89 -33.71
N LEU A 564 -0.89 -7.05 -32.75
CA LEU A 564 0.02 -6.67 -31.68
C LEU A 564 0.25 -7.82 -30.72
N GLN A 565 1.53 -8.14 -30.49
CA GLN A 565 1.92 -9.09 -29.46
C GLN A 565 2.99 -8.46 -28.58
N TYR A 566 2.91 -8.75 -27.27
CA TYR A 566 3.79 -8.16 -26.25
C TYR A 566 3.68 -6.64 -26.20
N PHE A 567 2.49 -6.10 -26.44
CA PHE A 567 2.30 -4.65 -26.44
C PHE A 567 2.63 -4.06 -25.08
N GLY A 568 3.42 -2.98 -25.09
CA GLY A 568 3.90 -2.36 -23.88
C GLY A 568 5.22 -2.87 -23.37
N GLN A 569 5.96 -3.63 -24.17
CA GLN A 569 7.28 -4.11 -23.75
C GLN A 569 8.31 -2.99 -23.66
N SER A 570 8.07 -1.85 -24.31
CA SER A 570 9.01 -0.73 -24.29
C SER A 570 8.25 0.58 -24.30
N LEU A 571 8.76 1.57 -23.57
CA LEU A 571 8.13 2.88 -23.45
C LEU A 571 9.18 3.97 -23.60
N SER A 572 8.75 5.13 -24.08
CA SER A 572 9.61 6.30 -24.16
C SER A 572 8.73 7.55 -24.18
N GLY A 573 9.04 8.50 -23.31
CA GLY A 573 8.28 9.73 -23.24
C GLY A 573 9.09 10.85 -22.64
N GLY A 574 8.68 12.08 -22.94
CA GLY A 574 9.37 13.24 -22.42
C GLY A 574 9.45 14.40 -23.40
N GLN A 575 9.24 14.12 -24.69
CA GLN A 575 9.36 15.13 -25.72
C GLN A 575 8.14 15.09 -26.63
N ASP A 576 7.92 16.21 -27.33
CA ASP A 576 6.85 16.31 -28.31
C ASP A 576 7.38 15.97 -29.69
N LEU A 577 6.73 15.03 -30.36
CA LEU A 577 7.10 14.62 -31.71
C LEU A 577 6.12 15.10 -32.78
N THR A 578 4.87 15.34 -32.41
CA THR A 578 3.82 15.78 -33.33
C THR A 578 3.84 17.30 -33.53
N MET A 579 4.74 17.99 -32.82
CA MET A 579 4.90 19.46 -32.85
C MET A 579 3.55 20.17 -32.64
N ASP A 580 2.67 19.57 -31.85
CA ASP A 580 1.47 20.24 -31.37
C ASP A 580 1.66 20.92 -30.03
N GLY A 581 2.79 20.68 -29.37
CA GLY A 581 3.02 21.20 -28.03
C GLY A 581 2.71 20.25 -26.90
N LEU A 582 2.43 18.98 -27.19
CA LEU A 582 2.05 18.00 -26.19
C LEU A 582 3.01 16.82 -26.21
N VAL A 583 3.40 16.37 -25.01
CA VAL A 583 4.33 15.24 -24.90
C VAL A 583 3.71 14.00 -25.53
N ASP A 584 4.54 13.20 -26.20
CA ASP A 584 4.07 12.01 -26.89
C ASP A 584 4.76 10.77 -26.34
N LEU A 585 3.99 9.69 -26.21
CA LEU A 585 4.49 8.41 -25.73
C LEU A 585 4.59 7.42 -26.88
N THR A 586 5.75 6.80 -27.03
CA THR A 586 5.99 5.79 -28.04
C THR A 586 6.12 4.43 -27.36
N VAL A 587 5.40 3.44 -27.87
CA VAL A 587 5.29 2.12 -27.25
C VAL A 587 5.85 1.07 -28.20
N GLY A 588 6.52 0.07 -27.62
CA GLY A 588 7.14 -0.99 -28.39
C GLY A 588 6.31 -2.25 -28.40
N ALA A 589 6.40 -2.98 -29.50
CA ALA A 589 5.75 -4.28 -29.64
C ALA A 589 6.57 -5.13 -30.61
N GLN A 590 6.19 -6.39 -30.74
CA GLN A 590 6.90 -7.32 -31.61
C GLN A 590 6.62 -6.96 -33.06
N GLY A 591 7.56 -6.24 -33.68
CA GLY A 591 7.44 -5.86 -35.07
C GLY A 591 6.62 -4.61 -35.32
N HIS A 592 6.11 -3.96 -34.29
CA HIS A 592 5.31 -2.75 -34.45
C HIS A 592 5.77 -1.70 -33.44
N VAL A 593 5.63 -0.43 -33.83
CA VAL A 593 5.83 0.70 -32.94
C VAL A 593 4.68 1.67 -33.14
N LEU A 594 4.06 2.10 -32.05
CA LEU A 594 2.91 2.99 -32.10
C LEU A 594 3.24 4.31 -31.42
N LEU A 595 2.56 5.36 -31.84
CA LEU A 595 2.73 6.70 -31.29
C LEU A 595 1.42 7.09 -30.61
N LEU A 596 1.36 6.91 -29.29
CA LEU A 596 0.20 7.29 -28.49
C LEU A 596 0.33 8.77 -28.16
N ARG A 597 -0.17 9.61 -29.06
CA ARG A 597 -0.07 11.06 -28.87
C ARG A 597 -0.99 11.50 -27.74
N SER A 598 -0.48 12.34 -26.85
CA SER A 598 -1.29 12.85 -25.75
C SER A 598 -2.29 13.85 -26.27
N GLN A 599 -3.56 13.62 -25.98
CA GLN A 599 -4.59 14.50 -26.48
C GLN A 599 -4.78 15.69 -25.54
N PRO A 600 -5.05 16.88 -26.09
CA PRO A 600 -5.30 18.04 -25.22
C PRO A 600 -6.52 17.83 -24.34
N VAL A 601 -6.42 18.28 -23.09
CA VAL A 601 -7.46 18.09 -22.09
C VAL A 601 -8.34 19.33 -22.05
N LEU A 602 -9.65 19.12 -22.18
CA LEU A 602 -10.62 20.20 -22.16
C LEU A 602 -11.46 20.11 -20.90
N ARG A 603 -11.61 21.23 -20.21
CA ARG A 603 -12.48 21.35 -19.06
C ARG A 603 -13.58 22.34 -19.38
N VAL A 604 -14.79 22.07 -18.88
CA VAL A 604 -15.96 22.89 -19.15
C VAL A 604 -16.42 23.53 -17.87
N LYS A 605 -16.56 24.86 -17.89
CA LYS A 605 -17.07 25.62 -16.76
C LYS A 605 -18.47 26.13 -17.12
N ALA A 606 -19.47 25.68 -16.36
CA ALA A 606 -20.86 26.04 -16.63
C ALA A 606 -21.32 27.07 -15.61
N ILE A 607 -21.92 28.15 -16.09
CA ILE A 607 -22.42 29.23 -15.24
C ILE A 607 -23.91 29.39 -15.51
N MET A 608 -24.73 29.05 -14.52
CA MET A 608 -26.17 29.25 -14.61
C MET A 608 -26.53 30.47 -13.77
N GLU A 609 -27.14 31.46 -14.41
CA GLU A 609 -27.49 32.73 -13.76
C GLU A 609 -28.97 32.99 -14.03
N PHE A 610 -29.80 32.68 -13.05
CA PHE A 610 -31.24 32.89 -13.21
C PHE A 610 -31.54 34.38 -13.19
N ASN A 611 -32.47 34.79 -14.05
CA ASN A 611 -32.89 36.19 -14.15
C ASN A 611 -34.41 36.24 -14.11
N PRO A 612 -35.02 36.76 -13.04
CA PRO A 612 -34.36 37.35 -11.87
C PRO A 612 -33.68 36.32 -10.97
N ARG A 613 -32.86 36.79 -10.03
CA ARG A 613 -32.08 35.88 -9.19
C ARG A 613 -32.98 34.99 -8.34
N GLU A 614 -34.19 35.44 -8.04
CA GLU A 614 -35.12 34.70 -7.21
C GLU A 614 -36.49 34.71 -7.86
N VAL A 615 -37.26 33.66 -7.61
CA VAL A 615 -38.59 33.52 -8.20
C VAL A 615 -39.52 34.56 -7.62
N ALA A 616 -40.15 35.35 -8.48
CA ALA A 616 -41.08 36.38 -8.05
C ALA A 616 -42.22 35.75 -7.24
N ARG A 617 -42.68 36.48 -6.23
CA ARG A 617 -43.74 35.95 -5.36
C ARG A 617 -45.02 35.70 -6.14
N ASN A 618 -45.43 36.65 -6.99
CA ASN A 618 -46.68 36.51 -7.72
C ASN A 618 -46.63 35.41 -8.76
N VAL A 619 -45.44 34.99 -9.17
CA VAL A 619 -45.32 33.93 -10.17
C VAL A 619 -45.65 32.56 -9.58
N PHE A 620 -45.39 32.36 -8.29
CA PHE A 620 -45.56 31.04 -7.68
C PHE A 620 -46.69 30.95 -6.67
N GLU A 621 -47.02 32.04 -5.98
CA GLU A 621 -48.05 31.98 -4.95
C GLU A 621 -49.41 31.64 -5.56
N CYS A 622 -50.17 30.82 -4.85
CA CYS A 622 -51.47 30.37 -5.33
C CYS A 622 -52.51 31.49 -5.22
N GLY A 629 -50.74 28.27 -15.72
CA GLY A 629 -49.53 27.61 -16.15
C GLY A 629 -48.67 28.47 -17.05
N LYS A 630 -49.10 29.71 -17.26
CA LYS A 630 -48.37 30.64 -18.11
C LYS A 630 -47.23 31.35 -17.37
N GLU A 631 -47.05 31.08 -16.08
CA GLU A 631 -46.00 31.73 -15.32
C GLU A 631 -44.64 31.24 -15.79
N ALA A 632 -43.67 32.15 -15.80
CA ALA A 632 -42.44 31.92 -16.54
C ALA A 632 -41.25 32.53 -15.80
N GLY A 633 -40.05 32.14 -16.26
CA GLY A 633 -38.81 32.69 -15.75
C GLY A 633 -37.75 32.80 -16.83
N GLU A 634 -36.48 32.83 -16.46
CA GLU A 634 -35.40 32.91 -17.43
C GLU A 634 -34.10 32.46 -16.78
N VAL A 635 -33.32 31.66 -17.51
CA VAL A 635 -32.01 31.22 -17.07
C VAL A 635 -31.01 31.40 -18.21
N ARG A 636 -29.79 31.80 -17.87
CA ARG A 636 -28.69 31.93 -18.82
C ARG A 636 -27.63 30.89 -18.52
N VAL A 637 -27.42 29.97 -19.44
CA VAL A 637 -26.43 28.91 -19.30
C VAL A 637 -25.22 29.26 -20.16
N CYS A 638 -24.03 29.21 -19.57
CA CYS A 638 -22.80 29.59 -20.23
C CYS A 638 -21.82 28.43 -20.15
N LEU A 639 -21.40 27.92 -21.30
CA LEU A 639 -20.43 26.83 -21.38
C LEU A 639 -19.10 27.39 -21.86
N HIS A 640 -18.06 27.24 -21.05
CA HIS A 640 -16.74 27.76 -21.35
C HIS A 640 -15.74 26.61 -21.31
N VAL A 641 -15.14 26.32 -22.46
CA VAL A 641 -14.16 25.23 -22.58
C VAL A 641 -12.77 25.81 -22.44
N GLN A 642 -11.93 25.14 -21.64
CA GLN A 642 -10.59 25.61 -21.36
C GLN A 642 -9.60 24.47 -21.52
N LYS A 643 -8.37 24.82 -21.88
CA LYS A 643 -7.27 23.85 -21.92
C LYS A 643 -6.55 23.83 -20.59
N SER A 644 -6.31 22.63 -20.07
CA SER A 644 -5.50 22.48 -18.86
C SER A 644 -4.01 22.53 -19.17
N THR A 645 -3.61 22.16 -20.39
CA THR A 645 -2.22 22.13 -20.80
C THR A 645 -1.87 23.36 -21.64
N ARG A 646 -0.58 23.59 -21.79
CA ARG A 646 -0.04 24.62 -22.67
C ARG A 646 0.64 23.95 -23.85
N ASP A 647 0.35 24.42 -25.06
CA ASP A 647 0.85 23.78 -26.28
C ASP A 647 0.91 24.83 -27.38
N ARG A 648 1.20 24.38 -28.60
CA ARG A 648 1.42 25.25 -29.74
C ARG A 648 0.22 25.33 -30.67
N LEU A 649 -0.93 24.77 -30.28
CA LEU A 649 -2.10 24.80 -31.14
C LEU A 649 -2.65 26.21 -31.27
N ARG A 650 -3.05 26.58 -32.48
CA ARG A 650 -3.55 27.92 -32.75
C ARG A 650 -5.00 28.05 -32.28
N GLU A 651 -5.46 29.29 -32.22
CA GLU A 651 -6.86 29.57 -31.89
C GLU A 651 -7.77 29.12 -33.04
N GLY A 652 -8.90 28.52 -32.67
CA GLY A 652 -9.88 28.07 -33.64
C GLY A 652 -9.65 26.67 -34.19
N GLN A 653 -8.47 26.09 -33.96
CA GLN A 653 -8.22 24.73 -34.43
C GLN A 653 -9.01 23.70 -33.64
N ILE A 654 -9.08 23.88 -32.32
CA ILE A 654 -9.73 22.91 -31.44
C ILE A 654 -11.24 23.11 -31.53
N GLN A 655 -11.94 22.14 -32.12
CA GLN A 655 -13.39 22.13 -32.19
C GLN A 655 -13.92 20.94 -31.40
N SER A 656 -14.98 21.16 -30.63
CA SER A 656 -15.59 20.11 -29.82
C SER A 656 -17.09 20.11 -30.04
N VAL A 657 -17.68 18.91 -29.91
CA VAL A 657 -19.12 18.72 -29.95
C VAL A 657 -19.58 18.31 -28.57
N VAL A 658 -20.46 19.09 -27.97
CA VAL A 658 -20.93 18.88 -26.60
C VAL A 658 -22.43 18.67 -26.62
N THR A 659 -22.89 17.72 -25.81
CA THR A 659 -24.31 17.49 -25.58
C THR A 659 -24.55 17.49 -24.07
N TYR A 660 -25.58 18.21 -23.64
CA TYR A 660 -25.86 18.39 -22.23
C TYR A 660 -27.36 18.27 -21.97
N ASP A 661 -27.70 17.89 -20.75
CA ASP A 661 -29.09 17.72 -20.33
C ASP A 661 -29.39 18.65 -19.17
N LEU A 662 -30.47 19.40 -19.29
CA LEU A 662 -30.97 20.27 -18.23
C LEU A 662 -32.20 19.65 -17.59
N ALA A 663 -32.21 19.57 -16.26
CA ALA A 663 -33.31 18.94 -15.53
C ALA A 663 -33.79 19.88 -14.43
N LEU A 664 -35.07 20.24 -14.48
CA LEU A 664 -35.69 21.07 -13.44
C LEU A 664 -36.32 20.19 -12.38
N ASP A 665 -35.96 20.43 -11.12
CA ASP A 665 -36.30 19.55 -10.01
C ASP A 665 -35.87 18.11 -10.29
N SER A 666 -34.60 17.95 -10.68
CA SER A 666 -34.01 16.63 -10.74
C SER A 666 -34.10 15.94 -9.39
N GLY A 667 -34.53 14.69 -9.40
CA GLY A 667 -34.67 13.89 -8.20
C GLY A 667 -36.07 13.86 -7.61
N ARG A 668 -36.98 14.69 -8.11
CA ARG A 668 -38.36 14.74 -7.66
C ARG A 668 -39.31 14.32 -8.78
N PRO A 669 -40.31 13.50 -8.47
CA PRO A 669 -41.42 13.32 -9.40
C PRO A 669 -42.26 14.58 -9.48
N HIS A 670 -43.04 14.68 -10.57
CA HIS A 670 -43.90 15.82 -10.88
C HIS A 670 -43.17 17.13 -10.62
N SER A 671 -42.14 17.40 -11.44
CA SER A 671 -41.36 18.63 -11.33
C SER A 671 -42.26 19.86 -11.36
N ARG A 672 -41.87 20.87 -10.58
CA ARG A 672 -42.62 22.12 -10.47
C ARG A 672 -42.37 23.08 -11.62
N ALA A 673 -41.43 22.79 -12.52
CA ALA A 673 -41.16 23.71 -13.62
C ALA A 673 -40.78 22.92 -14.87
N VAL A 674 -40.96 23.57 -16.02
CA VAL A 674 -40.69 23.00 -17.34
C VAL A 674 -40.03 24.06 -18.21
N PHE A 675 -39.39 23.59 -19.28
CA PHE A 675 -38.78 24.49 -20.25
C PHE A 675 -39.79 24.96 -21.29
N ASN A 676 -39.53 26.13 -21.86
CA ASN A 676 -40.46 26.72 -22.82
C ASN A 676 -40.41 26.04 -24.18
N GLU A 677 -39.21 25.64 -24.62
CA GLU A 677 -39.03 25.12 -25.97
C GLU A 677 -39.29 23.62 -26.08
N THR A 678 -39.47 22.92 -24.96
CA THR A 678 -39.81 21.51 -24.96
C THR A 678 -41.09 21.19 -24.22
N LYS A 679 -41.60 22.11 -23.39
CA LYS A 679 -42.83 21.92 -22.62
C LYS A 679 -42.76 20.72 -21.68
N ASN A 680 -41.55 20.31 -21.30
CA ASN A 680 -41.37 19.30 -20.26
C ASN A 680 -40.11 19.66 -19.47
N SER A 681 -39.85 18.87 -18.42
CA SER A 681 -38.79 19.18 -17.46
C SER A 681 -37.41 18.70 -17.89
N THR A 682 -37.20 18.38 -19.17
CA THR A 682 -35.89 17.94 -19.63
C THR A 682 -35.63 18.46 -21.03
N ARG A 683 -34.37 18.81 -21.30
CA ARG A 683 -33.96 19.32 -22.60
C ARG A 683 -32.57 18.81 -22.92
N ARG A 684 -32.41 18.18 -24.07
CA ARG A 684 -31.11 17.79 -24.60
C ARG A 684 -30.74 18.65 -25.78
N GLN A 685 -29.53 19.20 -25.77
CA GLN A 685 -29.06 20.09 -26.82
C GLN A 685 -27.64 19.71 -27.21
N THR A 686 -27.35 19.77 -28.50
CA THR A 686 -26.02 19.48 -29.03
C THR A 686 -25.59 20.61 -29.96
N GLN A 687 -24.29 20.91 -29.93
CA GLN A 687 -23.72 21.95 -30.78
C GLN A 687 -22.22 21.75 -30.86
N VAL A 688 -21.61 22.39 -31.85
CA VAL A 688 -20.17 22.37 -32.04
C VAL A 688 -19.63 23.65 -31.42
N LEU A 689 -18.76 23.52 -30.42
CA LEU A 689 -18.28 24.67 -29.66
C LEU A 689 -16.79 24.88 -29.83
N GLY A 690 -16.39 26.13 -30.06
CA GLY A 690 -14.99 26.50 -30.05
C GLY A 690 -14.45 26.68 -28.64
N LEU A 691 -13.17 27.07 -28.59
CA LEU A 691 -12.47 27.27 -27.32
C LEU A 691 -12.71 28.66 -26.72
N THR A 692 -13.96 29.08 -26.59
CA THR A 692 -14.23 30.44 -26.12
C THR A 692 -15.56 30.46 -25.38
N GLN A 693 -15.83 31.58 -24.70
CA GLN A 693 -17.08 31.73 -23.98
C GLN A 693 -18.24 31.74 -24.97
N THR A 694 -19.24 30.90 -24.70
CA THR A 694 -20.46 30.85 -25.48
C THR A 694 -21.67 30.74 -24.56
N CYS A 695 -22.75 31.44 -24.90
CA CYS A 695 -23.90 31.53 -24.03
C CYS A 695 -25.17 31.39 -24.85
N GLU A 696 -26.20 30.87 -24.20
CA GLU A 696 -27.54 30.81 -24.78
C GLU A 696 -28.55 30.92 -23.65
N THR A 697 -29.65 31.62 -23.91
CA THR A 697 -30.68 31.89 -22.92
C THR A 697 -31.97 31.19 -23.30
N LEU A 698 -32.53 30.45 -22.35
CA LEU A 698 -33.73 29.65 -22.57
C LEU A 698 -34.70 29.95 -21.43
N LYS A 699 -35.95 30.22 -21.78
CA LYS A 699 -36.95 30.55 -20.77
C LYS A 699 -37.43 29.30 -20.04
N LEU A 700 -37.91 29.52 -18.82
CA LEU A 700 -38.51 28.50 -17.96
C LEU A 700 -39.99 28.81 -17.78
N GLN A 701 -40.77 27.77 -17.46
CA GLN A 701 -42.17 27.94 -17.14
C GLN A 701 -42.52 27.13 -15.90
N LEU A 702 -43.51 27.63 -15.15
CA LEU A 702 -44.09 26.88 -14.04
C LEU A 702 -45.49 26.41 -14.43
N PRO A 703 -45.73 25.10 -14.52
CA PRO A 703 -47.07 24.62 -14.91
C PRO A 703 -48.12 24.74 -13.83
N ASN A 704 -47.74 24.96 -12.56
CA ASN A 704 -48.70 25.01 -11.47
C ASN A 704 -48.28 26.06 -10.47
N CYS A 705 -49.23 26.46 -9.62
CA CYS A 705 -48.90 27.17 -8.40
C CYS A 705 -48.23 26.25 -7.39
N ILE A 706 -47.42 26.84 -6.52
CA ILE A 706 -46.70 26.11 -5.48
C ILE A 706 -47.17 26.62 -4.12
N GLU A 707 -47.69 25.72 -3.31
CA GLU A 707 -48.15 26.04 -1.96
C GLU A 707 -47.16 25.61 -0.87
N ASP A 708 -46.11 24.88 -1.23
CA ASP A 708 -45.04 24.50 -0.31
C ASP A 708 -43.69 25.06 -0.78
N PRO A 709 -43.51 26.41 -0.76
CA PRO A 709 -42.28 26.97 -1.35
C PRO A 709 -41.06 26.78 -0.46
N VAL A 710 -40.95 25.64 0.21
CA VAL A 710 -39.94 25.47 1.24
C VAL A 710 -38.55 25.36 0.62
N SER A 711 -38.44 24.72 -0.54
CA SER A 711 -37.14 24.52 -1.15
C SER A 711 -37.12 25.07 -2.57
N PRO A 712 -35.99 25.63 -3.00
CA PRO A 712 -35.94 26.29 -4.32
C PRO A 712 -36.31 25.33 -5.45
N ILE A 713 -36.62 25.92 -6.61
CA ILE A 713 -36.45 25.20 -7.86
C ILE A 713 -34.96 24.94 -8.08
N VAL A 714 -34.63 23.73 -8.52
CA VAL A 714 -33.25 23.30 -8.72
C VAL A 714 -33.06 22.97 -10.19
N LEU A 715 -31.99 23.49 -10.78
CA LEU A 715 -31.56 23.14 -12.12
C LEU A 715 -30.29 22.30 -12.04
N ARG A 716 -30.31 21.13 -12.67
CA ARG A 716 -29.12 20.31 -12.86
C ARG A 716 -28.70 20.32 -14.32
N LEU A 717 -27.39 20.43 -14.53
CA LEU A 717 -26.79 20.27 -15.85
C LEU A 717 -25.74 19.17 -15.78
N ASN A 718 -25.86 18.18 -16.69
CA ASN A 718 -24.79 17.22 -16.89
C ASN A 718 -24.58 17.00 -18.37
N PHE A 719 -23.31 16.87 -18.76
CA PHE A 719 -22.91 16.94 -20.16
C PHE A 719 -21.89 15.85 -20.47
N SER A 720 -21.76 15.56 -21.76
CA SER A 720 -20.67 14.76 -22.29
C SER A 720 -20.08 15.48 -23.50
N LEU A 721 -18.75 15.47 -23.59
CA LEU A 721 -18.03 16.23 -24.61
C LEU A 721 -17.32 15.27 -25.56
N VAL A 722 -17.48 15.50 -26.86
CA VAL A 722 -16.82 14.73 -27.90
C VAL A 722 -15.98 15.69 -28.72
N GLY A 723 -14.68 15.42 -28.82
CA GLY A 723 -13.76 16.29 -29.52
C GLY A 723 -13.57 15.89 -30.97
N THR A 724 -13.66 16.88 -31.86
CA THR A 724 -13.49 16.62 -33.28
C THR A 724 -12.02 16.38 -33.61
N PRO A 725 -11.73 15.45 -34.53
CA PRO A 725 -10.32 15.18 -34.87
C PRO A 725 -9.68 16.36 -35.58
N LEU A 726 -8.42 16.64 -35.22
CA LEU A 726 -7.68 17.73 -35.84
C LEU A 726 -7.13 17.26 -37.18
N SER A 727 -7.66 17.84 -38.27
CA SER A 727 -7.28 17.41 -39.61
C SER A 727 -5.81 17.70 -39.89
N ALA A 728 -5.31 18.87 -39.45
CA ALA A 728 -3.94 19.25 -39.76
C ALA A 728 -2.93 18.36 -39.04
N PHE A 729 -3.17 18.06 -37.77
CA PHE A 729 -2.19 17.36 -36.95
C PHE A 729 -2.36 15.84 -36.98
N GLY A 730 -3.26 15.32 -37.82
CA GLY A 730 -3.41 13.89 -37.95
C GLY A 730 -4.55 13.28 -37.16
N ASN A 731 -5.73 13.89 -37.27
CA ASN A 731 -6.96 13.35 -36.68
C ASN A 731 -6.86 13.22 -35.16
N LEU A 732 -6.17 14.17 -34.53
CA LEU A 732 -6.07 14.19 -33.08
C LEU A 732 -7.33 14.78 -32.48
N ARG A 733 -7.83 14.14 -31.41
CA ARG A 733 -9.09 14.58 -30.83
C ARG A 733 -8.90 15.15 -29.44
N PRO A 734 -9.61 16.22 -29.09
CA PRO A 734 -9.63 16.66 -27.68
C PRO A 734 -10.36 15.67 -26.79
N VAL A 735 -10.01 15.67 -25.51
CA VAL A 735 -10.60 14.78 -24.52
C VAL A 735 -11.03 15.58 -23.31
N LEU A 736 -12.25 15.33 -22.85
CA LEU A 736 -12.74 15.92 -21.60
C LEU A 736 -12.03 15.30 -20.41
N ALA A 737 -11.71 16.12 -19.41
CA ALA A 737 -10.99 15.64 -18.24
C ALA A 737 -11.83 14.64 -17.46
N GLU A 738 -11.15 13.60 -16.92
CA GLU A 738 -11.85 12.55 -16.21
C GLU A 738 -12.30 12.98 -14.82
N ASP A 739 -11.63 13.97 -14.23
CA ASP A 739 -12.02 14.50 -12.93
C ASP A 739 -12.82 15.80 -13.04
N ALA A 740 -13.14 16.22 -14.26
CA ALA A 740 -13.90 17.45 -14.45
C ALA A 740 -15.29 17.31 -13.85
N GLN A 741 -15.80 18.41 -13.31
CA GLN A 741 -17.13 18.43 -12.73
C GLN A 741 -18.14 18.29 -13.86
N ARG A 742 -18.72 17.10 -13.99
CA ARG A 742 -19.68 16.84 -15.05
C ARG A 742 -21.11 17.16 -14.65
N LEU A 743 -21.36 17.51 -13.39
CA LEU A 743 -22.70 17.83 -12.91
C LEU A 743 -22.65 19.19 -12.25
N PHE A 744 -23.49 20.11 -12.73
CA PHE A 744 -23.60 21.44 -12.16
C PHE A 744 -25.01 21.68 -11.66
N THR A 745 -25.10 22.26 -10.46
CA THR A 745 -26.38 22.53 -9.81
C THR A 745 -26.49 24.01 -9.49
N ALA A 746 -27.66 24.59 -9.74
CA ALA A 746 -27.93 25.98 -9.43
C ALA A 746 -29.32 26.11 -8.84
N LEU A 747 -29.45 27.00 -7.87
CA LEU A 747 -30.66 27.11 -7.05
C LEU A 747 -31.42 28.36 -7.47
N PHE A 748 -32.73 28.23 -7.65
CA PHE A 748 -33.60 29.33 -8.06
C PHE A 748 -34.59 29.59 -6.94
N PRO A 749 -34.20 30.37 -5.92
CA PRO A 749 -34.99 30.43 -4.69
C PRO A 749 -36.25 31.26 -4.85
N PHE A 750 -37.27 30.88 -4.08
CA PHE A 750 -38.49 31.68 -4.01
C PHE A 750 -38.29 32.88 -3.10
N GLU A 751 -39.07 33.93 -3.37
CA GLU A 751 -39.04 35.13 -2.53
C GLU A 751 -39.61 34.85 -1.15
N LYS A 752 -39.01 35.48 -0.14
CA LYS A 752 -39.50 35.37 1.23
C LYS A 752 -40.53 36.46 1.50
N ASN A 753 -41.28 36.28 2.60
CA ASN A 753 -42.33 37.24 2.95
C ASN A 753 -42.37 37.51 4.46
N CYS A 754 -41.21 37.47 5.12
CA CYS A 754 -41.16 37.66 6.59
C CYS A 754 -41.20 39.15 6.92
N GLY A 755 -42.35 39.75 6.66
CA GLY A 755 -42.54 41.16 6.97
C GLY A 755 -43.79 41.69 6.30
N ASN A 756 -43.89 43.02 6.24
CA ASN A 756 -44.98 43.69 5.54
C ASN A 756 -44.66 43.72 4.04
N ASP A 757 -44.75 42.54 3.44
CA ASP A 757 -44.40 42.25 2.04
C ASP A 757 -43.01 42.76 1.66
N ASN A 758 -42.16 43.03 2.65
CA ASN A 758 -40.83 43.55 2.41
C ASN A 758 -39.84 42.44 2.10
N ILE A 759 -38.65 42.83 1.67
CA ILE A 759 -37.57 41.88 1.41
C ILE A 759 -36.90 41.53 2.72
N CYS A 760 -36.43 40.29 2.83
CA CYS A 760 -35.81 39.79 4.05
C CYS A 760 -34.41 40.35 4.22
N GLN A 761 -34.03 40.57 5.48
CA GLN A 761 -32.67 40.99 5.82
C GLN A 761 -32.33 40.49 7.21
N ASP A 762 -31.04 40.40 7.49
CA ASP A 762 -30.58 39.93 8.78
C ASP A 762 -29.25 40.59 9.12
N ASP A 763 -28.89 40.51 10.40
CA ASP A 763 -27.62 41.04 10.91
C ASP A 763 -26.76 39.90 11.45
N LEU A 764 -26.68 38.80 10.70
CA LEU A 764 -25.99 37.62 11.17
C LEU A 764 -24.52 37.92 11.46
N SER A 765 -24.01 37.36 12.56
CA SER A 765 -22.66 37.60 13.01
C SER A 765 -22.05 36.31 13.51
N ILE A 766 -20.72 36.25 13.50
CA ILE A 766 -19.99 35.07 13.93
C ILE A 766 -18.79 35.49 14.77
N THR A 767 -18.61 34.84 15.91
CA THR A 767 -17.38 34.93 16.69
C THR A 767 -17.02 33.54 17.19
N PHE A 768 -15.72 33.30 17.37
CA PHE A 768 -15.28 32.02 17.90
C PHE A 768 -13.93 32.21 18.57
N SER A 769 -13.63 31.32 19.51
CA SER A 769 -12.40 31.43 20.31
C SER A 769 -11.89 30.05 20.65
N PHE A 770 -10.56 29.91 20.66
CA PHE A 770 -9.90 28.72 21.20
C PHE A 770 -9.92 28.82 22.73
N MET A 771 -11.12 28.67 23.29
CA MET A 771 -11.32 28.92 24.71
C MET A 771 -10.47 28.00 25.56
N SER A 772 -9.83 28.57 26.59
CA SER A 772 -8.99 27.85 27.54
C SER A 772 -7.83 27.14 26.85
N LEU A 773 -7.40 27.66 25.69
CA LEU A 773 -6.32 27.06 24.92
C LEU A 773 -5.25 28.11 24.69
N ASP A 774 -4.02 27.80 25.07
CA ASP A 774 -2.91 28.75 24.96
C ASP A 774 -2.21 28.65 23.61
N CYS A 775 -1.81 27.45 23.20
CA CYS A 775 -1.15 27.25 21.92
C CYS A 775 -1.56 25.90 21.35
N LEU A 776 -1.55 25.82 20.03
CA LEU A 776 -1.88 24.58 19.33
C LEU A 776 -0.61 23.79 19.08
N VAL A 777 -0.56 22.58 19.63
CA VAL A 777 0.60 21.70 19.49
C VAL A 777 0.27 20.67 18.41
N VAL A 778 1.07 20.67 17.34
CA VAL A 778 0.74 19.84 16.19
C VAL A 778 0.94 18.36 16.50
N GLY A 779 1.96 18.03 17.28
CA GLY A 779 2.25 16.64 17.58
C GLY A 779 1.37 16.00 18.63
N GLY A 780 0.47 16.75 19.26
CA GLY A 780 -0.43 16.20 20.22
C GLY A 780 -1.04 17.26 21.13
N PRO A 781 -2.36 17.18 21.37
CA PRO A 781 -3.29 16.15 20.89
C PRO A 781 -3.67 16.34 19.42
N ARG A 782 -4.15 15.27 18.79
CA ARG A 782 -4.43 15.29 17.36
C ARG A 782 -5.75 15.99 17.02
N GLU A 783 -6.60 16.27 18.00
CA GLU A 783 -7.89 16.88 17.74
C GLU A 783 -8.05 18.12 18.61
N PHE A 784 -8.53 19.20 18.00
CA PHE A 784 -8.89 20.41 18.73
C PHE A 784 -10.22 20.92 18.19
N ASN A 785 -10.99 21.55 19.06
CA ASN A 785 -12.31 22.05 18.71
C ASN A 785 -12.53 23.44 19.28
N VAL A 786 -13.25 24.27 18.53
CA VAL A 786 -13.40 25.69 18.81
C VAL A 786 -14.87 26.00 19.03
N THR A 787 -15.15 26.80 20.05
CA THR A 787 -16.52 27.15 20.41
C THR A 787 -17.00 28.24 19.46
N VAL A 788 -17.55 27.83 18.34
CA VAL A 788 -18.08 28.77 17.36
C VAL A 788 -19.50 29.13 17.75
N THR A 789 -19.79 30.43 17.81
CA THR A 789 -21.12 30.93 18.12
C THR A 789 -21.58 31.85 17.00
N VAL A 790 -22.85 31.73 16.63
CA VAL A 790 -23.45 32.50 15.56
C VAL A 790 -24.73 33.14 16.09
N ARG A 791 -24.88 34.44 15.88
CA ARG A 791 -26.04 35.18 16.35
C ARG A 791 -26.74 35.85 15.18
N ASN A 792 -28.07 35.89 15.25
CA ASN A 792 -28.90 36.49 14.22
C ASN A 792 -29.76 37.56 14.88
N ASP A 793 -29.97 38.66 14.15
CA ASP A 793 -30.82 39.74 14.62
C ASP A 793 -31.59 40.32 13.45
N GLY A 794 -32.65 41.05 13.76
CA GLY A 794 -33.48 41.68 12.75
C GLY A 794 -34.62 40.81 12.24
N GLU A 795 -34.31 39.85 11.39
CA GLU A 795 -35.31 38.95 10.82
C GLU A 795 -34.72 37.55 10.68
N ASP A 796 -35.61 36.59 10.46
CA ASP A 796 -35.21 35.20 10.29
C ASP A 796 -34.31 35.03 9.06
N SER A 797 -33.37 34.11 9.17
CA SER A 797 -32.40 33.84 8.11
C SER A 797 -32.66 32.45 7.54
N TYR A 798 -32.71 32.35 6.22
CA TYR A 798 -33.02 31.10 5.54
C TYR A 798 -31.77 30.43 4.98
N ARG A 799 -31.64 29.13 5.20
CA ARG A 799 -30.51 28.31 4.75
C ARG A 799 -29.16 28.92 5.09
N THR A 800 -28.92 29.09 6.39
CA THR A 800 -27.67 29.66 6.88
C THR A 800 -26.56 28.62 6.77
N GLN A 801 -25.50 28.94 6.03
CA GLN A 801 -24.33 28.09 5.93
C GLN A 801 -23.09 28.86 6.33
N VAL A 802 -22.23 28.22 7.10
CA VAL A 802 -20.99 28.81 7.59
C VAL A 802 -19.83 28.08 6.94
N THR A 803 -18.96 28.82 6.26
CA THR A 803 -17.81 28.26 5.57
C THR A 803 -16.55 28.48 6.39
N PHE A 804 -15.80 27.42 6.62
CA PHE A 804 -14.55 27.47 7.37
C PHE A 804 -13.38 27.29 6.42
N PHE A 805 -12.52 28.30 6.33
CA PHE A 805 -11.32 28.26 5.51
C PHE A 805 -10.12 28.09 6.42
N PHE A 806 -9.30 27.08 6.15
CA PHE A 806 -8.24 26.67 7.05
C PHE A 806 -7.16 25.97 6.25
N PRO A 807 -5.93 25.92 6.75
CA PRO A 807 -4.82 25.36 5.97
C PRO A 807 -5.07 23.92 5.55
N LEU A 808 -4.38 23.52 4.47
CA LEU A 808 -4.59 22.22 3.85
C LEU A 808 -4.26 21.06 4.79
N ASP A 809 -3.46 21.31 5.83
CA ASP A 809 -3.02 20.24 6.71
C ASP A 809 -4.05 19.86 7.76
N LEU A 810 -5.12 20.63 7.90
CA LEU A 810 -6.20 20.31 8.83
C LEU A 810 -7.32 19.58 8.10
N SER A 811 -8.16 18.90 8.89
CA SER A 811 -9.31 18.18 8.37
C SER A 811 -10.45 18.27 9.37
N TYR A 812 -11.67 18.08 8.87
CA TYR A 812 -12.87 18.25 9.66
C TYR A 812 -13.46 16.90 10.06
N ARG A 813 -13.86 16.80 11.33
CA ARG A 813 -14.36 15.54 11.88
C ARG A 813 -15.83 15.58 12.27
N LYS A 814 -16.24 16.51 13.14
CA LYS A 814 -17.54 16.39 13.79
C LYS A 814 -18.07 17.77 14.14
N VAL A 815 -19.40 17.86 14.18
CA VAL A 815 -20.12 19.04 14.67
C VAL A 815 -21.15 18.57 15.68
N SER A 816 -21.21 19.22 16.83
CA SER A 816 -22.09 18.85 17.92
C SER A 816 -22.79 20.08 18.46
N THR A 817 -24.07 19.92 18.79
CA THR A 817 -24.98 21.00 19.23
C THR A 817 -24.66 22.37 18.65
N TRP A 827 -31.07 22.07 17.89
CA TRP A 827 -30.98 22.48 16.49
C TRP A 827 -30.62 21.30 15.59
N ARG A 828 -31.29 21.20 14.45
CA ARG A 828 -30.97 20.18 13.46
C ARG A 828 -29.69 20.55 12.75
N LEU A 829 -28.56 20.40 13.43
CA LEU A 829 -27.27 20.90 12.98
C LEU A 829 -26.47 19.78 12.33
N ALA A 830 -26.24 19.92 11.02
CA ALA A 830 -25.48 18.94 10.26
C ALA A 830 -24.53 19.70 9.34
N CYS A 831 -23.38 19.09 9.07
CA CYS A 831 -22.32 19.77 8.33
C CYS A 831 -21.73 18.83 7.30
N GLU A 832 -21.20 19.41 6.23
CA GLU A 832 -20.60 18.65 5.15
C GLU A 832 -19.20 19.21 4.86
N SER A 833 -18.35 18.36 4.30
CA SER A 833 -16.99 18.77 3.96
C SER A 833 -16.82 18.88 2.45
N LEU A 843 -6.22 26.79 0.37
CA LEU A 843 -7.09 26.80 1.53
C LEU A 843 -8.40 26.09 1.23
N LYS A 844 -8.61 24.94 1.89
CA LYS A 844 -9.84 24.19 1.67
C LYS A 844 -10.98 24.78 2.50
N SER A 845 -12.19 24.31 2.24
CA SER A 845 -13.39 24.88 2.81
C SER A 845 -14.24 23.78 3.42
N THR A 846 -15.18 24.20 4.28
CA THR A 846 -16.11 23.28 4.93
C THR A 846 -17.36 24.07 5.28
N SER A 847 -18.50 23.67 4.72
CA SER A 847 -19.76 24.37 4.89
C SER A 847 -20.64 23.57 5.85
N CYS A 848 -21.07 24.22 6.93
CA CYS A 848 -21.91 23.61 7.95
C CYS A 848 -23.29 24.23 7.89
N SER A 849 -24.32 23.38 7.87
CA SER A 849 -25.70 23.81 7.72
C SER A 849 -26.29 24.07 9.09
N ILE A 850 -26.45 25.35 9.43
CA ILE A 850 -26.96 25.72 10.75
C ILE A 850 -28.48 25.62 10.75
N ASN A 851 -29.00 24.43 11.10
CA ASN A 851 -30.43 24.20 11.28
C ASN A 851 -31.22 24.60 10.04
N HIS A 852 -30.98 23.87 8.96
CA HIS A 852 -31.75 24.10 7.75
C HIS A 852 -33.23 23.80 8.01
N PRO A 853 -34.15 24.55 7.40
CA PRO A 853 -33.92 25.69 6.51
C PRO A 853 -33.87 27.06 7.20
N ILE A 854 -34.15 27.15 8.49
CA ILE A 854 -34.42 28.43 9.14
C ILE A 854 -33.63 28.56 10.45
N PHE A 855 -33.39 29.81 10.83
CA PHE A 855 -32.65 30.14 12.05
C PHE A 855 -33.40 31.28 12.73
N PRO A 856 -34.12 30.99 13.81
CA PRO A 856 -35.18 31.89 14.28
C PRO A 856 -34.69 33.27 14.69
N GLU A 857 -35.66 34.13 15.00
CA GLU A 857 -35.39 35.49 15.44
C GLU A 857 -34.52 35.49 16.69
N ASN A 858 -33.54 36.40 16.72
CA ASN A 858 -32.70 36.65 17.88
C ASN A 858 -31.99 35.40 18.39
N SER A 859 -31.98 34.33 17.62
CA SER A 859 -31.44 33.05 18.07
C SER A 859 -29.93 33.13 18.22
N GLU A 860 -29.41 32.25 19.08
CA GLU A 860 -27.98 32.08 19.25
C GLU A 860 -27.69 30.58 19.32
N VAL A 861 -26.62 30.15 18.65
CA VAL A 861 -26.24 28.75 18.60
C VAL A 861 -24.75 28.64 18.90
N THR A 862 -24.39 27.63 19.67
CA THR A 862 -23.00 27.34 19.98
C THR A 862 -22.71 25.89 19.64
N PHE A 863 -21.57 25.66 18.98
CA PHE A 863 -21.18 24.32 18.58
C PHE A 863 -19.67 24.22 18.56
N ASN A 864 -19.18 23.00 18.63
CA ASN A 864 -17.75 22.70 18.72
C ASN A 864 -17.31 22.05 17.41
N ILE A 865 -16.89 22.88 16.46
CA ILE A 865 -16.32 22.38 15.21
C ILE A 865 -15.00 21.68 15.55
N THR A 866 -14.96 20.36 15.40
CA THR A 866 -13.80 19.57 15.76
C THR A 866 -12.93 19.34 14.53
N PHE A 867 -11.66 19.69 14.63
CA PHE A 867 -10.70 19.53 13.55
C PHE A 867 -9.68 18.46 13.92
N ASP A 868 -9.09 17.84 12.90
CA ASP A 868 -8.02 16.88 13.07
C ASP A 868 -6.75 17.46 12.46
N VAL A 869 -5.70 17.56 13.26
CA VAL A 869 -4.43 18.14 12.84
C VAL A 869 -3.52 17.00 12.41
N ASP A 870 -2.91 17.15 11.23
CA ASP A 870 -2.01 16.13 10.71
C ASP A 870 -0.77 16.03 11.59
N SER A 871 -0.29 14.80 11.78
CA SER A 871 0.91 14.59 12.59
C SER A 871 2.14 15.19 11.91
N LYS A 872 2.21 15.11 10.58
CA LYS A 872 3.33 15.63 9.80
C LYS A 872 3.03 17.02 9.25
N ALA A 873 2.13 17.76 9.89
CA ALA A 873 1.65 19.02 9.34
C ALA A 873 2.71 20.11 9.46
N SER A 874 2.57 21.14 8.62
CA SER A 874 3.41 22.33 8.64
C SER A 874 2.50 23.54 8.41
N LEU A 875 2.01 24.13 9.49
CA LEU A 875 1.06 25.23 9.42
C LEU A 875 1.72 26.59 9.46
N GLY A 876 3.04 26.66 9.55
CA GLY A 876 3.71 27.92 9.76
C GLY A 876 3.81 28.28 11.23
N ASN A 877 4.21 29.54 11.47
CA ASN A 877 4.38 30.00 12.84
C ASN A 877 3.03 30.21 13.52
N LYS A 878 2.03 30.66 12.77
CA LYS A 878 0.69 30.83 13.31
C LYS A 878 -0.32 30.33 12.29
N LEU A 879 -1.44 29.80 12.80
CA LEU A 879 -2.49 29.28 11.94
C LEU A 879 -3.65 30.27 11.92
N LEU A 880 -4.10 30.62 10.71
CA LEU A 880 -5.12 31.65 10.52
C LEU A 880 -6.43 30.97 10.12
N LEU A 881 -7.24 30.64 11.13
CA LEU A 881 -8.59 30.19 10.86
C LEU A 881 -9.46 31.37 10.45
N LYS A 882 -10.22 31.20 9.36
CA LYS A 882 -11.08 32.25 8.86
C LYS A 882 -12.44 31.64 8.52
N ALA A 883 -13.48 32.16 9.13
CA ALA A 883 -14.84 31.68 8.87
C ALA A 883 -15.76 32.88 8.70
N ASN A 884 -16.62 32.82 7.70
CA ASN A 884 -17.63 33.85 7.50
C ASN A 884 -18.95 33.18 7.10
N VAL A 885 -20.04 33.84 7.47
CA VAL A 885 -21.37 33.29 7.32
C VAL A 885 -22.03 33.91 6.10
N THR A 886 -22.87 33.11 5.42
CA THR A 886 -23.65 33.56 4.29
C THR A 886 -25.09 33.09 4.46
N SER A 887 -26.00 33.80 3.80
CA SER A 887 -27.41 33.47 3.87
C SER A 887 -28.02 33.68 2.50
N GLU A 888 -29.23 33.12 2.32
CA GLU A 888 -29.94 33.27 1.06
C GLU A 888 -30.36 34.72 0.81
N ASN A 889 -30.40 35.55 1.86
CA ASN A 889 -30.75 36.95 1.69
C ASN A 889 -29.68 37.73 0.94
N ASN A 890 -28.44 37.24 0.94
CA ASN A 890 -27.31 37.90 0.25
C ASN A 890 -27.11 39.33 0.76
N MET A 891 -27.04 39.46 2.08
CA MET A 891 -26.74 40.74 2.70
C MET A 891 -25.28 41.12 2.48
N PRO A 892 -24.95 42.41 2.54
CA PRO A 892 -23.56 42.83 2.35
C PRO A 892 -22.65 42.31 3.45
N ARG A 893 -21.35 42.34 3.15
CA ARG A 893 -20.33 41.76 4.02
C ARG A 893 -19.99 42.75 5.13
N THR A 894 -20.80 42.72 6.18
CA THR A 894 -20.55 43.57 7.35
C THR A 894 -19.26 43.10 8.03
N ASN A 895 -18.63 44.03 8.76
CA ASN A 895 -17.32 43.74 9.36
C ASN A 895 -17.38 42.57 10.33
N LYS A 896 -18.53 42.32 10.95
CA LYS A 896 -18.65 41.23 11.91
C LYS A 896 -19.08 39.91 11.29
N THR A 897 -19.46 39.89 10.01
CA THR A 897 -19.80 38.64 9.36
C THR A 897 -18.57 37.80 9.03
N GLU A 898 -17.37 38.36 9.18
CA GLU A 898 -16.12 37.66 8.94
C GLU A 898 -15.29 37.72 10.20
N PHE A 899 -14.71 36.59 10.59
CA PHE A 899 -13.90 36.54 11.80
C PHE A 899 -12.64 35.75 11.53
N GLN A 900 -11.51 36.30 11.95
CA GLN A 900 -10.23 35.62 11.88
C GLN A 900 -9.48 35.86 13.17
N LEU A 901 -8.82 34.82 13.67
CA LEU A 901 -8.14 34.91 14.97
C LEU A 901 -6.97 33.94 14.92
N GLU A 902 -5.78 34.48 14.72
CA GLU A 902 -4.58 33.64 14.66
C GLU A 902 -4.20 33.14 16.04
N LEU A 903 -3.84 31.86 16.11
CA LEU A 903 -3.32 31.24 17.31
C LEU A 903 -1.88 30.79 17.07
N PRO A 904 -1.02 30.89 18.07
CA PRO A 904 0.35 30.42 17.90
C PRO A 904 0.40 28.94 17.57
N VAL A 905 1.32 28.57 16.68
CA VAL A 905 1.62 27.18 16.36
C VAL A 905 2.97 26.86 16.98
N LYS A 906 3.01 25.81 17.78
CA LYS A 906 4.22 25.46 18.53
C LYS A 906 4.50 23.97 18.33
N TYR A 907 5.44 23.69 17.43
CA TYR A 907 5.68 22.33 16.97
C TYR A 907 6.19 21.45 18.10
N ALA A 908 5.62 20.26 18.22
CA ALA A 908 6.03 19.32 19.25
C ALA A 908 7.35 18.68 18.88
N VAL A 909 8.29 18.68 19.82
CA VAL A 909 9.56 17.98 19.69
C VAL A 909 9.76 17.13 20.92
N TYR A 910 10.52 16.06 20.77
CA TYR A 910 10.80 15.13 21.87
C TYR A 910 12.27 14.79 21.81
N MET A 911 13.08 15.47 22.63
CA MET A 911 14.52 15.28 22.66
C MET A 911 14.92 14.71 24.00
N VAL A 912 15.70 13.62 23.97
CA VAL A 912 16.14 12.93 25.17
C VAL A 912 17.66 13.08 25.29
N VAL A 913 18.12 13.53 26.45
CA VAL A 913 19.54 13.63 26.75
C VAL A 913 19.84 12.74 27.96
N THR A 914 20.82 11.86 27.81
CA THR A 914 21.14 10.89 28.85
C THR A 914 22.65 10.74 28.94
N SER A 915 23.12 10.39 30.13
CA SER A 915 24.51 9.99 30.29
C SER A 915 24.70 8.59 29.68
N HIS A 916 25.96 8.21 29.52
CA HIS A 916 26.29 6.92 28.92
C HIS A 916 27.26 6.18 29.83
N GLY A 917 27.28 4.85 29.69
CA GLY A 917 28.09 4.02 30.55
C GLY A 917 29.59 4.26 30.44
N VAL A 918 30.05 4.82 29.32
CA VAL A 918 31.48 5.06 29.15
C VAL A 918 31.98 6.24 29.97
N SER A 919 31.07 7.04 30.54
CA SER A 919 31.48 8.15 31.38
C SER A 919 32.17 7.65 32.64
N THR A 920 33.19 8.40 33.08
CA THR A 920 33.91 8.04 34.29
C THR A 920 33.05 8.35 35.50
N LYS A 921 32.18 7.41 35.87
CA LYS A 921 31.23 7.65 36.95
C LYS A 921 31.88 7.63 38.32
N TYR A 922 33.01 6.94 38.48
CA TYR A 922 33.63 6.81 39.79
C TYR A 922 35.13 7.08 39.71
N LEU A 923 35.66 7.62 40.79
CA LEU A 923 37.09 7.79 41.00
C LEU A 923 37.41 7.60 42.47
N ASN A 924 38.69 7.36 42.76
CA ASN A 924 39.13 7.23 44.14
C ASN A 924 39.24 8.63 44.76
N PHE A 925 39.85 8.71 45.94
CA PHE A 925 40.16 10.00 46.56
C PHE A 925 41.66 10.24 46.52
N THR A 926 42.06 11.49 46.31
CA THR A 926 43.46 11.87 46.23
C THR A 926 43.64 13.19 46.97
N ALA A 927 44.36 13.16 48.09
CA ALA A 927 44.59 14.35 48.90
C ALA A 927 46.05 14.60 49.24
N SER A 928 46.95 13.66 48.97
CA SER A 928 48.36 13.88 49.27
C SER A 928 48.94 15.02 48.44
N GLU A 929 48.59 15.07 47.16
CA GLU A 929 49.10 16.11 46.28
C GLU A 929 48.12 16.29 45.11
N ASN A 930 48.07 17.50 44.57
CA ASN A 930 47.18 17.79 43.46
C ASN A 930 47.62 17.01 42.22
N THR A 931 46.64 16.62 41.41
CA THR A 931 46.88 15.82 40.22
C THR A 931 45.99 16.31 39.09
N SER A 932 46.36 15.93 37.87
CA SER A 932 45.58 16.20 36.68
C SER A 932 45.13 14.87 36.07
N ARG A 933 43.84 14.59 36.18
CA ARG A 933 43.27 13.34 35.67
C ARG A 933 42.13 13.67 34.71
N VAL A 934 42.14 13.04 33.55
CA VAL A 934 41.12 13.30 32.53
C VAL A 934 39.88 12.47 32.85
N MET A 935 38.71 13.12 32.81
CA MET A 935 37.45 12.43 32.92
C MET A 935 36.46 13.04 31.95
N GLN A 936 35.47 12.24 31.55
CA GLN A 936 34.56 12.62 30.48
C GLN A 936 33.12 12.25 30.82
N HIS A 937 32.20 13.14 30.45
CA HIS A 937 30.77 12.90 30.58
C HIS A 937 30.13 13.08 29.21
N GLN A 938 29.49 12.03 28.71
CA GLN A 938 28.90 12.02 27.38
C GLN A 938 27.39 12.15 27.51
N TYR A 939 26.86 13.31 27.15
CA TYR A 939 25.42 13.58 27.23
C TYR A 939 24.80 13.32 25.86
N GLN A 940 24.57 12.03 25.59
CA GLN A 940 24.05 11.61 24.29
C GLN A 940 22.70 12.27 24.02
N VAL A 941 22.57 12.85 22.83
CA VAL A 941 21.39 13.62 22.45
C VAL A 941 20.71 12.93 21.27
N SER A 942 19.38 12.85 21.34
CA SER A 942 18.60 12.19 20.31
C SER A 942 17.38 13.03 19.97
N ASN A 943 16.90 12.87 18.74
CA ASN A 943 15.67 13.50 18.28
C ASN A 943 14.70 12.40 17.89
N LEU A 944 13.74 12.12 18.76
CA LEU A 944 12.80 11.03 18.58
C LEU A 944 11.44 11.50 18.10
N GLY A 945 11.30 12.77 17.74
CA GLY A 945 10.09 13.29 17.13
C GLY A 945 10.14 13.18 15.62
N GLN A 946 9.37 14.04 14.97
CA GLN A 946 9.34 14.08 13.50
C GLN A 946 9.58 15.49 12.96
N ARG A 947 10.26 16.34 13.72
CA ARG A 947 10.63 17.67 13.26
C ARG A 947 12.15 17.84 13.36
N SER A 948 12.75 18.36 12.30
CA SER A 948 14.12 18.84 12.36
C SER A 948 14.13 20.25 12.93
N LEU A 949 14.99 20.50 13.91
CA LEU A 949 14.91 21.71 14.70
C LEU A 949 16.29 22.28 14.97
N PRO A 950 16.39 23.59 15.18
CA PRO A 950 17.65 24.16 15.68
C PRO A 950 17.72 24.13 17.20
N ILE A 951 18.82 23.63 17.75
CA ILE A 951 18.96 23.48 19.19
C ILE A 951 20.17 24.27 19.67
N SER A 952 20.08 24.74 20.91
CA SER A 952 21.18 25.43 21.59
C SER A 952 21.47 24.64 22.86
N LEU A 953 22.63 24.00 22.90
CA LEU A 953 22.94 23.00 23.93
C LEU A 953 23.97 23.58 24.88
N VAL A 954 23.73 23.43 26.18
CA VAL A 954 24.51 24.09 27.22
C VAL A 954 25.04 23.04 28.20
N PHE A 955 26.32 23.13 28.53
CA PHE A 955 26.90 22.41 29.66
C PHE A 955 27.27 23.40 30.75
N LEU A 956 27.11 22.97 32.00
CA LEU A 956 27.65 23.68 33.16
C LEU A 956 28.72 22.81 33.80
N VAL A 957 29.94 23.33 33.88
CA VAL A 957 31.07 22.53 34.33
C VAL A 957 31.79 23.25 35.47
N PRO A 958 32.00 22.59 36.61
CA PRO A 958 32.79 23.21 37.69
C PRO A 958 34.20 23.54 37.22
N VAL A 959 34.68 24.70 37.65
CA VAL A 959 36.04 25.13 37.28
C VAL A 959 36.88 25.59 38.46
N ARG A 960 36.30 25.98 39.59
CA ARG A 960 37.09 26.47 40.71
C ARG A 960 36.29 26.37 42.00
N LEU A 961 36.95 25.94 43.06
CA LEU A 961 36.36 25.90 44.40
C LEU A 961 37.38 26.41 45.40
N ASN A 962 36.93 27.28 46.31
CA ASN A 962 37.79 27.85 47.35
C ASN A 962 39.04 28.48 46.74
N GLN A 963 38.84 29.27 45.70
CA GLN A 963 39.91 29.93 44.96
C GLN A 963 40.90 28.95 44.36
N THR A 964 40.55 27.67 44.28
CA THR A 964 41.38 26.65 43.68
C THR A 964 40.59 25.95 42.57
N VAL A 965 41.25 25.74 41.44
CA VAL A 965 40.56 25.21 40.26
C VAL A 965 40.25 23.73 40.47
N ILE A 966 39.02 23.33 40.14
CA ILE A 966 38.69 21.92 40.03
C ILE A 966 38.89 21.42 38.61
N TRP A 967 38.66 22.27 37.61
CA TRP A 967 38.94 21.95 36.21
C TRP A 967 39.87 23.02 35.64
N ASP A 968 40.66 22.62 34.64
CA ASP A 968 41.61 23.53 34.01
C ASP A 968 41.10 24.08 32.69
N ARG A 969 40.68 23.21 31.76
CA ARG A 969 40.24 23.63 30.44
C ARG A 969 39.22 22.63 29.93
N PRO A 970 37.93 22.87 30.19
CA PRO A 970 36.89 21.96 29.69
C PRO A 970 36.64 22.19 28.21
N GLN A 971 36.97 21.19 27.39
CA GLN A 971 36.84 21.28 25.94
C GLN A 971 35.71 20.39 25.48
N VAL A 972 34.65 20.99 24.94
CA VAL A 972 33.55 20.22 24.37
C VAL A 972 33.98 19.64 23.03
N THR A 973 33.45 18.47 22.71
CA THR A 973 33.78 17.79 21.46
C THR A 973 32.54 17.06 20.96
N PHE A 974 32.37 17.02 19.65
CA PHE A 974 31.32 16.25 19.00
C PHE A 974 31.96 15.26 18.03
N SER A 975 31.53 14.00 18.10
CA SER A 975 32.12 12.96 17.27
C SER A 975 31.43 12.78 15.93
N GLU A 976 30.29 13.44 15.71
CA GLU A 976 29.52 13.29 14.48
C GLU A 976 29.83 14.35 13.44
N ASN A 977 30.76 15.26 13.73
CA ASN A 977 31.27 16.25 12.78
C ASN A 977 30.18 17.20 12.26
N LEU A 978 29.04 17.26 12.94
CA LEU A 978 28.00 18.18 12.52
C LEU A 978 28.43 19.63 12.77
N SER A 979 27.98 20.53 11.90
CA SER A 979 28.45 21.90 11.93
C SER A 979 27.93 22.62 13.17
N SER A 980 28.84 23.20 13.93
CA SER A 980 28.49 23.94 15.15
C SER A 980 29.69 24.75 15.59
N THR A 981 29.43 25.69 16.50
CA THR A 981 30.48 26.50 17.12
C THR A 981 30.21 26.55 18.62
N CYS A 982 31.29 26.68 19.39
CA CYS A 982 31.20 26.60 20.84
C CYS A 982 32.04 27.70 21.47
N HIS A 983 31.58 28.17 22.63
CA HIS A 983 32.29 29.20 23.40
C HIS A 983 32.13 28.88 24.88
N THR A 984 32.80 29.68 25.71
CA THR A 984 32.85 29.43 27.16
C THR A 984 32.61 30.72 27.92
N LYS A 985 31.93 30.60 29.06
CA LYS A 985 31.67 31.70 29.97
C LYS A 985 31.77 31.20 31.40
N GLU A 986 32.24 32.05 32.30
CA GLU A 986 32.46 31.70 33.70
C GLU A 986 31.55 32.50 34.60
N ARG A 987 30.96 31.83 35.59
CA ARG A 987 30.06 32.48 36.54
C ARG A 987 30.34 31.98 37.95
N LEU A 988 30.09 32.84 38.93
CA LEU A 988 30.44 32.59 40.31
C LEU A 988 29.38 31.74 41.02
N PRO A 989 29.75 31.10 42.14
CA PRO A 989 28.78 30.24 42.84
C PRO A 989 27.62 31.04 43.42
N SER A 990 26.49 30.37 43.57
CA SER A 990 25.27 31.00 44.04
C SER A 990 25.22 31.16 45.56
N HIS A 991 25.96 30.34 46.30
CA HIS A 991 25.98 30.41 47.76
C HIS A 991 27.41 30.55 48.25
N SER A 992 27.57 31.28 49.35
CA SER A 992 28.87 31.51 49.97
C SER A 992 29.15 30.53 51.10
N ASP A 993 28.29 29.52 51.31
CA ASP A 993 28.36 28.64 52.46
C ASP A 993 29.04 27.31 52.13
N PHE A 994 30.07 27.33 51.28
CA PHE A 994 30.73 26.09 50.87
C PHE A 994 31.39 25.38 52.05
N LEU A 995 31.61 26.08 53.16
CA LEU A 995 32.12 25.43 54.37
C LEU A 995 31.06 24.61 55.09
N ALA A 996 29.79 24.92 54.90
CA ALA A 996 28.70 24.21 55.56
C ALA A 996 27.85 23.37 54.63
N GLU A 997 27.76 23.74 53.35
CA GLU A 997 26.99 22.94 52.40
C GLU A 997 27.58 21.56 52.24
N LEU A 998 28.92 21.45 52.22
CA LEU A 998 29.56 20.14 52.19
C LEU A 998 29.23 19.32 53.43
N ARG A 999 29.12 19.98 54.59
CA ARG A 999 28.70 19.26 55.79
C ARG A 999 27.26 18.77 55.67
N LYS A 1000 26.39 19.60 55.08
CA LYS A 1000 24.99 19.19 54.92
C LYS A 1000 24.86 18.04 53.92
N ALA A 1001 25.48 18.18 52.76
CA ALA A 1001 25.43 17.17 51.71
C ALA A 1001 26.77 17.14 50.98
N PRO A 1002 27.16 15.98 50.44
CA PRO A 1002 28.46 15.88 49.76
C PRO A 1002 28.44 16.34 48.31
N VAL A 1003 27.41 17.06 47.88
CA VAL A 1003 27.28 17.49 46.50
C VAL A 1003 28.23 18.65 46.25
N VAL A 1004 28.97 18.59 45.15
CA VAL A 1004 29.89 19.65 44.74
C VAL A 1004 29.49 20.08 43.34
N ASN A 1005 28.69 21.14 43.26
CA ASN A 1005 28.28 21.70 41.98
C ASN A 1005 28.41 23.22 42.03
N CYS A 1006 27.83 23.90 41.03
CA CYS A 1006 28.03 25.35 40.89
C CYS A 1006 27.46 26.15 42.05
N SER A 1007 26.87 25.49 43.05
CA SER A 1007 26.47 26.17 44.28
C SER A 1007 27.48 25.99 45.40
N ILE A 1008 28.62 25.34 45.13
CA ILE A 1008 29.67 25.15 46.11
C ILE A 1008 30.99 25.54 45.46
N ALA A 1009 30.98 25.66 44.14
CA ALA A 1009 32.19 25.93 43.38
C ALA A 1009 31.87 26.85 42.21
N VAL A 1010 32.90 27.51 41.70
CA VAL A 1010 32.77 28.30 40.49
C VAL A 1010 32.63 27.36 39.30
N CYS A 1011 31.71 27.68 38.38
CA CYS A 1011 31.43 26.84 37.24
C CYS A 1011 31.51 27.64 35.96
N GLN A 1012 31.96 27.00 34.89
CA GLN A 1012 31.96 27.57 33.56
C GLN A 1012 30.77 27.05 32.75
N ARG A 1013 30.37 27.84 31.77
CA ARG A 1013 29.18 27.57 30.97
C ARG A 1013 29.60 27.46 29.51
N ILE A 1014 29.56 26.25 28.97
CA ILE A 1014 29.87 26.00 27.57
C ILE A 1014 28.57 25.90 26.80
N GLN A 1015 28.36 26.81 25.86
CA GLN A 1015 27.15 26.82 25.04
C GLN A 1015 27.52 26.57 23.60
N CYS A 1016 26.88 25.58 22.99
CA CYS A 1016 27.15 25.18 21.62
C CYS A 1016 25.87 25.31 20.80
N ASP A 1017 25.95 26.04 19.69
CA ASP A 1017 24.80 26.34 18.86
C ASP A 1017 24.82 25.45 17.61
N ILE A 1018 23.72 24.75 17.37
CA ILE A 1018 23.55 23.89 16.21
C ILE A 1018 22.37 24.42 15.40
N PRO A 1019 22.58 24.83 14.15
CA PRO A 1019 21.48 25.43 13.38
C PRO A 1019 20.47 24.44 12.84
N PHE A 1020 20.84 23.17 12.67
CA PHE A 1020 19.93 22.20 12.08
C PHE A 1020 20.18 20.83 12.72
N PHE A 1021 19.30 20.44 13.63
CA PHE A 1021 19.29 19.11 14.22
C PHE A 1021 18.13 18.34 13.59
N GLY A 1022 18.46 17.36 12.76
CA GLY A 1022 17.48 16.70 11.91
C GLY A 1022 16.66 15.65 12.64
N ILE A 1023 15.85 14.95 11.86
CA ILE A 1023 14.93 13.94 12.38
C ILE A 1023 15.67 12.63 12.56
N GLN A 1024 15.42 11.98 13.71
CA GLN A 1024 15.91 10.63 13.99
C GLN A 1024 17.42 10.52 13.81
N GLU A 1025 18.14 11.52 14.31
CA GLU A 1025 19.61 11.52 14.26
C GLU A 1025 20.16 11.76 15.65
N GLU A 1026 21.29 11.12 15.95
CA GLU A 1026 21.88 11.14 17.27
C GLU A 1026 23.34 11.55 17.16
N PHE A 1027 23.83 12.30 18.15
CA PHE A 1027 25.25 12.62 18.23
C PHE A 1027 25.70 12.53 19.68
N ASN A 1028 26.98 12.21 19.85
CA ASN A 1028 27.58 12.00 21.17
C ASN A 1028 28.29 13.27 21.59
N ALA A 1029 27.55 14.19 22.22
CA ALA A 1029 28.14 15.39 22.79
C ALA A 1029 28.97 15.00 24.01
N THR A 1030 30.29 15.11 23.89
CA THR A 1030 31.20 14.67 24.94
C THR A 1030 32.02 15.84 25.47
N LEU A 1031 32.32 15.79 26.76
CA LEU A 1031 33.18 16.75 27.43
C LEU A 1031 34.45 16.07 27.89
N LYS A 1032 35.58 16.74 27.72
CA LYS A 1032 36.85 16.16 28.07
C LYS A 1032 37.76 17.23 28.65
N GLY A 1033 38.42 16.90 29.75
CA GLY A 1033 39.33 17.81 30.41
C GLY A 1033 39.93 17.14 31.62
N ASN A 1034 40.93 17.81 32.19
CA ASN A 1034 41.75 17.23 33.25
C ASN A 1034 41.26 17.75 34.60
N LEU A 1035 40.84 16.82 35.46
CA LEU A 1035 40.40 17.18 36.80
C LEU A 1035 41.57 17.63 37.66
N SER A 1036 41.32 18.60 38.53
CA SER A 1036 42.34 19.18 39.39
C SER A 1036 41.95 18.96 40.85
N PHE A 1037 42.75 18.15 41.55
CA PHE A 1037 42.53 17.89 42.98
C PHE A 1037 43.28 18.93 43.82
N ASP A 1038 42.82 20.18 43.71
CA ASP A 1038 43.39 21.29 44.46
C ASP A 1038 42.46 21.83 45.53
N TRP A 1039 41.26 21.26 45.68
CA TRP A 1039 40.25 21.76 46.58
C TRP A 1039 39.71 20.73 47.56
N TYR A 1040 40.24 19.50 47.56
CA TYR A 1040 39.58 18.39 48.24
C TYR A 1040 39.34 18.70 49.71
N ILE A 1041 38.11 18.49 50.15
CA ILE A 1041 37.68 18.77 51.51
C ILE A 1041 37.40 17.47 52.23
N LYS A 1042 38.03 17.27 53.39
CA LYS A 1042 37.86 16.05 54.17
C LYS A 1042 36.68 16.24 55.13
N THR A 1043 35.49 16.25 54.54
CA THR A 1043 34.26 16.42 55.32
C THR A 1043 33.88 15.10 56.00
N SER A 1044 32.76 15.13 56.72
CA SER A 1044 32.30 13.93 57.43
C SER A 1044 31.98 12.80 56.45
N HIS A 1045 31.29 13.12 55.37
CA HIS A 1045 31.04 12.12 54.34
C HIS A 1045 32.35 11.78 53.62
N ASN A 1046 32.64 10.49 53.50
CA ASN A 1046 33.89 10.06 52.90
C ASN A 1046 33.87 10.15 51.38
N HIS A 1047 32.85 10.77 50.80
CA HIS A 1047 32.72 10.88 49.35
C HIS A 1047 32.28 12.29 48.97
N LEU A 1048 32.61 12.68 47.74
CA LEU A 1048 32.16 13.94 47.17
C LEU A 1048 31.74 13.70 45.73
N LEU A 1049 30.91 14.59 45.21
CA LEU A 1049 30.27 14.39 43.91
C LEU A 1049 30.47 15.63 43.05
N ILE A 1050 31.19 15.47 41.95
CA ILE A 1050 31.31 16.52 40.93
C ILE A 1050 30.16 16.32 39.95
N VAL A 1051 29.32 17.34 39.80
CA VAL A 1051 28.09 17.24 39.03
C VAL A 1051 28.12 18.26 37.90
N SER A 1052 27.89 17.77 36.68
CA SER A 1052 27.76 18.61 35.49
C SER A 1052 26.42 18.32 34.84
N THR A 1053 25.71 19.37 34.44
CA THR A 1053 24.36 19.25 33.92
C THR A 1053 24.29 19.80 32.50
N ALA A 1054 23.70 19.02 31.60
CA ALA A 1054 23.51 19.43 30.21
C ALA A 1054 22.02 19.51 29.93
N GLU A 1055 21.56 20.69 29.55
CA GLU A 1055 20.16 20.92 29.22
C GLU A 1055 20.05 21.48 27.81
N ILE A 1056 19.08 20.99 27.05
CA ILE A 1056 18.92 21.37 25.65
C ILE A 1056 17.93 22.54 25.59
N LEU A 1057 18.45 23.73 25.33
CA LEU A 1057 17.58 24.88 25.11
C LEU A 1057 17.12 24.94 23.66
N PHE A 1058 15.89 25.35 23.46
CA PHE A 1058 15.31 25.51 22.13
C PHE A 1058 14.38 26.71 22.16
N ASN A 1059 14.15 27.29 20.99
CA ASN A 1059 13.28 28.47 20.92
C ASN A 1059 11.87 28.10 21.34
N ASP A 1060 11.48 28.53 22.54
CA ASP A 1060 10.16 28.20 23.07
C ASP A 1060 9.03 28.89 22.31
N SER A 1061 9.33 29.91 21.51
CA SER A 1061 8.28 30.58 20.74
C SER A 1061 7.74 29.70 19.63
N VAL A 1062 8.46 28.64 19.28
CA VAL A 1062 8.04 27.76 18.19
C VAL A 1062 7.98 26.29 18.58
N PHE A 1063 8.69 25.84 19.61
CA PHE A 1063 8.89 24.43 19.88
C PHE A 1063 8.57 24.13 21.34
N THR A 1064 8.10 22.91 21.60
CA THR A 1064 7.72 22.52 22.95
C THR A 1064 7.88 21.02 23.13
N LEU A 1065 7.94 20.61 24.39
CA LEU A 1065 7.97 19.20 24.77
C LEU A 1065 6.56 18.74 25.13
N LEU A 1066 6.37 17.42 25.10
CA LEU A 1066 5.07 16.88 25.48
C LEU A 1066 4.96 16.74 27.00
N PRO A 1067 3.75 16.87 27.54
CA PRO A 1067 3.57 16.72 29.00
C PRO A 1067 4.04 15.35 29.48
N GLY A 1068 4.64 15.34 30.67
CA GLY A 1068 5.09 14.10 31.28
C GLY A 1068 6.44 13.65 30.78
N GLN A 1069 6.53 13.31 29.49
CA GLN A 1069 7.79 12.86 28.91
C GLN A 1069 8.80 13.99 28.74
N GLY A 1070 8.40 15.23 28.94
CA GLY A 1070 9.29 16.37 28.76
C GLY A 1070 10.17 16.69 29.93
N ALA A 1071 10.24 15.81 30.93
CA ALA A 1071 11.10 15.99 32.09
C ALA A 1071 12.54 15.58 31.82
N PHE A 1072 12.81 15.02 30.65
CA PHE A 1072 14.12 14.48 30.32
C PHE A 1072 14.92 15.40 29.39
N VAL A 1073 14.56 16.68 29.33
CA VAL A 1073 15.31 17.63 28.53
C VAL A 1073 16.66 17.97 29.16
N ARG A 1074 16.84 17.66 30.44
CA ARG A 1074 18.09 17.89 31.13
C ARG A 1074 18.56 16.61 31.81
N SER A 1075 19.87 16.50 31.98
CA SER A 1075 20.47 15.31 32.57
C SER A 1075 21.75 15.72 33.29
N GLN A 1076 22.16 14.88 34.24
CA GLN A 1076 23.34 15.14 35.05
C GLN A 1076 24.18 13.88 35.15
N THR A 1077 25.47 14.08 35.38
CA THR A 1077 26.42 12.97 35.55
C THR A 1077 27.33 13.29 36.71
N GLU A 1078 27.46 12.34 37.63
CA GLU A 1078 28.23 12.55 38.86
C GLU A 1078 29.46 11.66 38.85
N THR A 1079 30.61 12.26 39.14
CA THR A 1079 31.86 11.53 39.32
C THR A 1079 32.15 11.45 40.81
N LYS A 1080 32.10 10.25 41.36
CA LYS A 1080 32.19 10.03 42.79
C LYS A 1080 33.64 9.80 43.18
N VAL A 1081 34.05 10.43 44.29
CA VAL A 1081 35.43 10.34 44.77
C VAL A 1081 35.42 9.90 46.24
N GLU A 1082 35.92 8.70 46.50
CA GLU A 1082 35.91 8.13 47.84
C GLU A 1082 36.91 6.98 47.87
N PRO A 1083 37.20 6.42 49.06
CA PRO A 1083 37.98 5.17 49.10
C PRO A 1083 37.31 4.02 48.37
N GLU B 2 -28.19 -5.15 15.46
CA GLU B 2 -29.60 -4.81 15.40
C GLU B 2 -30.06 -4.59 13.96
N CYS B 3 -31.37 -4.65 13.75
CA CYS B 3 -31.96 -4.59 12.42
C CYS B 3 -32.08 -3.13 11.98
N THR B 4 -31.15 -2.69 11.15
CA THR B 4 -31.17 -1.35 10.58
C THR B 4 -31.78 -1.40 9.18
N LYS B 5 -32.90 -0.72 8.99
CA LYS B 5 -33.75 -0.87 7.81
C LYS B 5 -33.83 0.43 6.99
N PHE B 6 -33.40 0.36 5.72
CA PHE B 6 -33.53 1.48 4.79
C PHE B 6 -34.91 1.46 4.13
N LYS B 7 -35.90 2.05 4.81
CA LYS B 7 -37.24 2.29 4.24
C LYS B 7 -37.84 1.04 3.59
N VAL B 8 -37.53 -0.14 4.14
CA VAL B 8 -38.05 -1.38 3.57
C VAL B 8 -39.59 -1.37 3.55
N SER B 9 -40.14 -2.03 2.54
CA SER B 9 -41.59 -2.02 2.34
C SER B 9 -42.13 -3.33 1.78
N SER B 10 -41.31 -4.37 1.65
CA SER B 10 -41.76 -5.66 1.17
C SER B 10 -40.91 -6.75 1.79
N CYS B 11 -41.50 -7.93 1.96
CA CYS B 11 -40.95 -8.97 2.83
C CYS B 11 -39.48 -9.27 2.52
N ARG B 12 -39.17 -9.51 1.25
CA ARG B 12 -37.80 -9.87 0.88
C ARG B 12 -36.82 -8.73 1.16
N GLU B 13 -37.29 -7.49 1.14
CA GLU B 13 -36.41 -6.35 1.42
C GLU B 13 -35.86 -6.40 2.84
N CYS B 14 -36.63 -6.97 3.78
CA CYS B 14 -36.16 -7.12 5.15
C CYS B 14 -34.96 -8.05 5.25
N ILE B 15 -34.91 -9.08 4.41
CA ILE B 15 -33.77 -10.00 4.43
C ILE B 15 -32.55 -9.33 3.81
N GLU B 16 -32.74 -8.63 2.69
CA GLU B 16 -31.68 -7.84 2.09
C GLU B 16 -31.13 -6.79 3.05
N SER B 17 -31.96 -6.27 3.94
CA SER B 17 -31.59 -5.15 4.81
C SER B 17 -30.81 -5.54 6.06
N GLY B 18 -30.58 -6.83 6.33
CA GLY B 18 -29.68 -7.18 7.40
C GLY B 18 -29.67 -8.64 7.82
N PRO B 19 -28.58 -9.04 8.48
CA PRO B 19 -28.37 -10.47 8.81
C PRO B 19 -29.24 -10.93 9.97
N GLY B 20 -29.49 -10.04 10.92
CA GLY B 20 -30.27 -10.34 12.11
C GLY B 20 -31.73 -9.98 12.01
N CYS B 21 -32.18 -9.42 10.90
CA CYS B 21 -33.56 -9.01 10.74
C CYS B 21 -34.48 -10.22 10.59
N THR B 22 -35.75 -10.01 10.94
CA THR B 22 -36.78 -11.03 10.84
C THR B 22 -38.09 -10.38 10.40
N TRP B 23 -38.91 -11.14 9.69
CA TRP B 23 -40.24 -10.73 9.30
C TRP B 23 -41.29 -11.52 10.06
N CYS B 24 -42.45 -10.89 10.29
CA CYS B 24 -43.57 -11.51 10.97
C CYS B 24 -44.80 -11.41 10.08
N GLN B 25 -45.63 -12.46 10.11
CA GLN B 25 -46.71 -12.59 9.14
C GLN B 25 -48.09 -12.31 9.72
N LYS B 26 -48.24 -12.19 11.03
CA LYS B 26 -49.55 -12.03 11.62
C LYS B 26 -50.15 -10.68 11.23
N LEU B 27 -51.46 -10.68 10.96
CA LEU B 27 -52.11 -9.47 10.48
C LEU B 27 -52.28 -8.43 11.59
N ASN B 28 -52.34 -8.87 12.85
CA ASN B 28 -52.54 -7.97 13.96
C ASN B 28 -51.29 -7.16 14.30
N PHE B 29 -50.16 -7.45 13.67
CA PHE B 29 -48.87 -6.90 14.06
C PHE B 29 -48.74 -5.40 13.74
N THR B 30 -49.65 -4.83 12.96
CA THR B 30 -49.51 -3.45 12.50
C THR B 30 -50.81 -2.70 12.71
N GLY B 31 -50.72 -1.52 13.32
CA GLY B 31 -51.87 -0.68 13.55
C GLY B 31 -51.99 0.43 12.52
N PRO B 32 -53.03 1.26 12.65
CA PRO B 32 -53.21 2.34 11.68
C PRO B 32 -52.07 3.34 11.63
N GLY B 33 -51.46 3.64 12.78
CA GLY B 33 -50.38 4.60 12.85
C GLY B 33 -48.98 4.05 12.70
N ASP B 34 -48.84 2.75 12.40
CA ASP B 34 -47.52 2.15 12.31
C ASP B 34 -47.19 1.79 10.87
N PRO B 35 -45.97 2.07 10.42
CA PRO B 35 -45.60 1.75 9.04
C PRO B 35 -45.21 0.29 8.90
N ASP B 36 -45.41 -0.23 7.69
CA ASP B 36 -45.14 -1.64 7.41
C ASP B 36 -43.69 -2.03 7.69
N SER B 37 -42.77 -1.06 7.71
CA SER B 37 -41.38 -1.34 8.07
C SER B 37 -41.21 -1.92 9.46
N ILE B 38 -42.18 -1.73 10.36
CA ILE B 38 -42.09 -2.33 11.69
C ILE B 38 -42.06 -3.86 11.63
N ARG B 39 -42.51 -4.46 10.53
CA ARG B 39 -42.46 -5.90 10.39
C ARG B 39 -41.03 -6.41 10.51
N CYS B 40 -40.05 -5.60 10.15
CA CYS B 40 -38.65 -5.99 10.11
C CYS B 40 -37.96 -5.44 11.35
N ASP B 41 -37.57 -6.32 12.27
CA ASP B 41 -36.70 -5.90 13.37
C ASP B 41 -35.98 -7.13 13.92
N THR B 42 -35.14 -6.90 14.93
CA THR B 42 -34.44 -7.97 15.62
C THR B 42 -35.41 -8.90 16.35
N ARG B 43 -35.09 -10.20 16.32
CA ARG B 43 -36.01 -11.26 16.73
C ARG B 43 -36.61 -11.10 18.12
N PRO B 44 -35.86 -10.78 19.19
CA PRO B 44 -36.50 -10.57 20.48
C PRO B 44 -37.50 -9.43 20.48
N GLN B 45 -37.27 -8.38 19.71
CA GLN B 45 -38.24 -7.29 19.68
C GLN B 45 -39.52 -7.76 19.01
N LEU B 46 -39.40 -8.62 18.00
CA LEU B 46 -40.58 -9.21 17.38
C LEU B 46 -41.36 -10.05 18.38
N LEU B 47 -40.66 -10.85 19.18
CA LEU B 47 -41.36 -11.63 20.20
C LEU B 47 -42.03 -10.74 21.23
N MET B 48 -41.36 -9.65 21.62
CA MET B 48 -41.93 -8.72 22.58
C MET B 48 -43.18 -8.02 22.03
N ARG B 49 -43.16 -7.67 20.74
CA ARG B 49 -44.28 -6.95 20.16
C ARG B 49 -45.51 -7.82 19.97
N GLY B 50 -45.36 -9.13 19.85
CA GLY B 50 -46.50 -10.00 19.72
C GLY B 50 -46.38 -11.09 18.66
N CYS B 51 -45.21 -11.21 18.05
CA CYS B 51 -45.00 -12.29 17.10
C CYS B 51 -44.77 -13.60 17.83
N ALA B 52 -44.82 -14.70 17.08
CA ALA B 52 -44.71 -16.03 17.66
C ALA B 52 -43.73 -16.87 16.87
N ALA B 53 -43.29 -17.97 17.48
CA ALA B 53 -42.30 -18.84 16.86
C ALA B 53 -42.83 -19.49 15.58
N ASP B 54 -44.14 -19.63 15.44
CA ASP B 54 -44.72 -20.14 14.21
C ASP B 54 -45.18 -19.05 13.25
N ASP B 55 -45.37 -17.83 13.74
CA ASP B 55 -45.67 -16.70 12.88
C ASP B 55 -44.43 -15.99 12.36
N ILE B 56 -43.27 -16.24 12.93
CA ILE B 56 -42.03 -15.61 12.50
C ILE B 56 -41.41 -16.40 11.36
N MET B 57 -40.66 -15.71 10.51
CA MET B 57 -39.88 -16.35 9.46
C MET B 57 -38.62 -15.52 9.25
N ASP B 58 -37.46 -16.08 9.60
CA ASP B 58 -36.23 -15.29 9.53
C ASP B 58 -35.89 -14.88 8.10
N PRO B 59 -35.77 -15.81 7.13
CA PRO B 59 -35.61 -17.27 7.17
C PRO B 59 -34.13 -17.65 7.35
N THR B 60 -33.86 -18.64 8.19
CA THR B 60 -32.48 -19.01 8.47
C THR B 60 -31.81 -19.63 7.26
N SER B 61 -30.56 -19.26 7.03
CA SER B 61 -29.75 -19.94 6.03
C SER B 61 -29.43 -21.35 6.49
N LEU B 62 -29.63 -22.32 5.61
CA LEU B 62 -29.57 -23.73 5.99
C LEU B 62 -28.84 -24.52 4.90
N ALA B 63 -28.46 -25.74 5.25
CA ALA B 63 -27.68 -26.59 4.36
C ALA B 63 -28.25 -28.00 4.35
N GLU B 64 -28.06 -28.68 3.21
CA GLU B 64 -28.40 -30.09 3.06
C GLU B 64 -27.16 -30.87 2.66
N THR B 65 -26.96 -32.03 3.29
CA THR B 65 -25.79 -32.86 3.05
C THR B 65 -26.23 -34.18 2.44
N GLN B 66 -25.61 -34.55 1.33
CA GLN B 66 -25.87 -35.81 0.65
C GLN B 66 -24.66 -36.72 0.77
N GLU B 67 -24.89 -37.95 1.20
CA GLU B 67 -23.81 -38.91 1.41
C GLU B 67 -24.24 -40.28 0.90
N ASP B 68 -23.25 -41.12 0.63
CA ASP B 68 -23.47 -42.47 0.15
C ASP B 68 -23.21 -43.46 1.29
N HIS B 69 -24.21 -44.32 1.55
CA HIS B 69 -24.08 -45.28 2.63
C HIS B 69 -23.09 -46.39 2.28
N ASN B 70 -23.08 -46.84 1.02
CA ASN B 70 -22.21 -47.93 0.64
C ASN B 70 -20.75 -47.51 0.54
N GLY B 71 -20.48 -46.22 0.34
CA GLY B 71 -19.12 -45.74 0.21
C GLY B 71 -18.35 -45.83 1.51
N GLY B 72 -17.33 -46.69 1.55
CA GLY B 72 -16.50 -46.85 2.74
C GLY B 72 -15.21 -46.06 2.63
N GLN B 73 -14.75 -45.57 3.79
CA GLN B 73 -13.52 -44.78 3.88
C GLN B 73 -13.56 -43.58 2.94
N LYS B 74 -14.69 -42.87 2.95
CA LYS B 74 -14.83 -41.67 2.14
C LYS B 74 -13.86 -40.59 2.63
N GLN B 75 -12.90 -40.23 1.78
CA GLN B 75 -11.86 -39.31 2.20
C GLN B 75 -12.37 -37.88 2.34
N LEU B 76 -13.44 -37.53 1.63
CA LEU B 76 -13.97 -36.16 1.69
C LEU B 76 -15.48 -36.22 1.50
N SER B 77 -16.21 -35.92 2.56
CA SER B 77 -17.67 -35.98 2.57
C SER B 77 -18.23 -34.71 3.19
N PRO B 78 -19.45 -34.31 2.81
CA PRO B 78 -20.39 -34.92 1.86
C PRO B 78 -19.94 -34.82 0.40
N GLN B 79 -20.51 -35.66 -0.46
CA GLN B 79 -20.19 -35.61 -1.88
C GLN B 79 -20.61 -34.29 -2.50
N LYS B 80 -21.79 -33.79 -2.14
CA LYS B 80 -22.28 -32.51 -2.66
C LYS B 80 -23.25 -31.93 -1.66
N VAL B 81 -23.28 -30.60 -1.59
CA VAL B 81 -24.12 -29.88 -0.64
C VAL B 81 -24.82 -28.73 -1.37
N THR B 82 -25.92 -28.28 -0.80
CA THR B 82 -26.67 -27.15 -1.31
C THR B 82 -26.95 -26.17 -0.18
N LEU B 83 -26.89 -24.88 -0.49
CA LEU B 83 -27.01 -23.83 0.52
C LEU B 83 -28.08 -22.84 0.11
N TYR B 84 -29.07 -22.64 0.98
CA TYR B 84 -30.08 -21.59 0.78
C TYR B 84 -29.59 -20.37 1.55
N LEU B 85 -28.61 -19.71 0.94
CA LEU B 85 -27.90 -18.61 1.58
C LEU B 85 -28.78 -17.38 1.75
N ARG B 86 -28.45 -16.60 2.77
CA ARG B 86 -29.08 -15.35 3.13
C ARG B 86 -28.01 -14.27 3.14
N PRO B 87 -28.31 -13.05 2.68
CA PRO B 87 -27.33 -11.97 2.81
C PRO B 87 -26.98 -11.70 4.26
N GLY B 88 -25.68 -11.58 4.51
CA GLY B 88 -25.16 -11.25 5.84
C GLY B 88 -25.14 -12.40 6.84
N GLN B 89 -26.21 -13.19 6.88
CA GLN B 89 -26.31 -14.31 7.81
C GLN B 89 -25.65 -15.54 7.19
N ALA B 90 -24.43 -15.84 7.65
CA ALA B 90 -23.69 -16.97 7.10
C ALA B 90 -24.40 -18.28 7.37
N ALA B 91 -24.49 -19.12 6.34
CA ALA B 91 -24.74 -20.54 6.54
C ALA B 91 -23.47 -21.25 7.01
N ALA B 92 -23.66 -22.34 7.75
CA ALA B 92 -22.56 -23.19 8.16
C ALA B 92 -22.88 -24.64 7.85
N PHE B 93 -21.87 -25.39 7.40
CA PHE B 93 -21.99 -26.82 7.22
C PHE B 93 -20.63 -27.47 7.51
N ASN B 94 -20.68 -28.72 7.95
CA ASN B 94 -19.51 -29.42 8.48
C ASN B 94 -18.99 -30.42 7.46
N VAL B 95 -18.04 -29.97 6.63
CA VAL B 95 -17.32 -30.89 5.75
C VAL B 95 -16.38 -31.74 6.60
N THR B 96 -16.40 -33.05 6.37
CA THR B 96 -15.61 -33.99 7.16
C THR B 96 -14.54 -34.63 6.27
N PHE B 97 -13.31 -34.65 6.77
CA PHE B 97 -12.18 -35.25 6.07
C PHE B 97 -11.68 -36.45 6.87
N ARG B 98 -11.25 -37.49 6.17
CA ARG B 98 -10.74 -38.69 6.80
C ARG B 98 -9.63 -39.27 5.94
N ARG B 99 -8.46 -39.47 6.53
CA ARG B 99 -7.33 -40.02 5.80
C ARG B 99 -7.56 -41.49 5.51
N ALA B 100 -7.43 -41.88 4.24
CA ALA B 100 -7.68 -43.23 3.80
C ALA B 100 -6.38 -44.02 3.69
N LYS B 101 -6.53 -45.32 3.46
CA LYS B 101 -5.40 -46.23 3.30
C LYS B 101 -5.32 -46.76 1.87
N GLY B 102 -4.12 -47.17 1.49
CA GLY B 102 -3.92 -47.93 0.28
C GLY B 102 -3.84 -47.14 -1.01
N TYR B 103 -3.73 -45.81 -0.94
CA TYR B 103 -3.66 -45.01 -2.14
C TYR B 103 -2.22 -44.99 -2.67
N PRO B 104 -1.96 -45.50 -3.88
CA PRO B 104 -0.57 -45.63 -4.34
C PRO B 104 0.13 -44.30 -4.57
N ILE B 105 1.39 -44.35 -5.00
CA ILE B 105 2.22 -43.17 -5.18
C ILE B 105 2.94 -43.26 -6.52
N ASP B 106 2.96 -42.16 -7.26
CA ASP B 106 3.80 -42.01 -8.45
C ASP B 106 4.90 -41.00 -8.15
N LEU B 107 6.15 -41.44 -8.25
CA LEU B 107 7.30 -40.62 -7.88
C LEU B 107 8.13 -40.33 -9.12
N TYR B 108 8.31 -39.05 -9.44
CA TYR B 108 9.18 -38.63 -10.52
C TYR B 108 10.37 -37.87 -9.94
N TYR B 109 11.59 -38.27 -10.31
CA TYR B 109 12.81 -37.69 -9.75
C TYR B 109 13.46 -36.79 -10.80
N LEU B 110 13.44 -35.49 -10.55
CA LEU B 110 14.00 -34.48 -11.44
C LEU B 110 15.23 -33.86 -10.78
N MET B 111 16.39 -33.97 -11.44
CA MET B 111 17.66 -33.68 -10.79
C MET B 111 18.50 -32.72 -11.62
N ASP B 112 19.20 -31.83 -10.92
CA ASP B 112 20.21 -30.97 -11.51
C ASP B 112 21.47 -31.77 -11.84
N LEU B 113 21.97 -31.62 -13.07
CA LEU B 113 23.18 -32.30 -13.51
C LEU B 113 24.39 -31.38 -13.59
N SER B 114 24.34 -30.21 -12.94
CA SER B 114 25.52 -29.36 -12.85
C SER B 114 26.67 -30.10 -12.17
N TYR B 115 27.88 -29.56 -12.36
CA TYR B 115 29.08 -30.30 -11.98
C TYR B 115 29.15 -30.55 -10.47
N SER B 116 28.56 -29.67 -9.67
CA SER B 116 28.52 -29.88 -8.23
C SER B 116 27.59 -31.03 -7.83
N MET B 117 26.79 -31.55 -8.76
CA MET B 117 25.89 -32.66 -8.51
C MET B 117 26.44 -33.99 -9.01
N LEU B 118 27.76 -34.10 -9.15
CA LEU B 118 28.35 -35.34 -9.66
C LEU B 118 28.21 -36.48 -8.67
N ASP B 119 28.57 -36.25 -7.40
CA ASP B 119 28.47 -37.29 -6.40
C ASP B 119 27.01 -37.63 -6.09
N ASP B 120 26.14 -36.63 -6.10
CA ASP B 120 24.72 -36.89 -5.91
C ASP B 120 24.18 -37.78 -7.02
N LEU B 121 24.59 -37.52 -8.27
CA LEU B 121 24.18 -38.38 -9.37
C LEU B 121 24.78 -39.77 -9.25
N ARG B 122 25.98 -39.87 -8.69
CA ARG B 122 26.58 -41.17 -8.44
C ARG B 122 25.75 -41.97 -7.44
N ASN B 123 25.25 -41.31 -6.39
CA ASN B 123 24.46 -42.01 -5.38
C ASN B 123 23.04 -42.32 -5.87
N VAL B 124 22.45 -41.42 -6.64
CA VAL B 124 21.06 -41.57 -7.04
C VAL B 124 20.86 -42.73 -7.99
N LYS B 125 21.83 -42.97 -8.88
CA LYS B 125 21.67 -44.00 -9.90
C LYS B 125 21.52 -45.41 -9.32
N LYS B 126 21.87 -45.60 -8.04
CA LYS B 126 21.72 -46.88 -7.36
C LYS B 126 20.69 -46.81 -6.24
N LEU B 127 19.61 -46.05 -6.47
CA LEU B 127 18.62 -45.78 -5.43
C LEU B 127 17.20 -46.17 -5.84
N GLY B 128 16.98 -46.62 -7.07
CA GLY B 128 15.62 -46.85 -7.54
C GLY B 128 14.88 -47.90 -6.74
N GLY B 129 15.56 -49.03 -6.47
CA GLY B 129 14.91 -50.09 -5.71
C GLY B 129 14.52 -49.65 -4.31
N ASP B 130 15.40 -48.92 -3.63
CA ASP B 130 15.09 -48.43 -2.30
C ASP B 130 13.90 -47.49 -2.31
N LEU B 131 13.86 -46.58 -3.29
CA LEU B 131 12.74 -45.65 -3.39
C LEU B 131 11.43 -46.38 -3.64
N LEU B 132 11.45 -47.36 -4.56
CA LEU B 132 10.23 -48.09 -4.86
C LEU B 132 9.76 -48.92 -3.66
N ARG B 133 10.68 -49.57 -2.96
CA ARG B 133 10.28 -50.36 -1.80
C ARG B 133 9.76 -49.46 -0.68
N ALA B 134 10.38 -48.29 -0.47
CA ALA B 134 9.87 -47.37 0.55
C ALA B 134 8.51 -46.83 0.17
N LEU B 135 8.25 -46.65 -1.14
CA LEU B 135 6.91 -46.35 -1.59
C LEU B 135 5.94 -47.47 -1.26
N ASN B 136 6.39 -48.72 -1.42
CA ASN B 136 5.55 -49.86 -1.09
C ASN B 136 5.33 -50.00 0.41
N GLU B 137 6.29 -49.56 1.22
CA GLU B 137 6.12 -49.60 2.67
C GLU B 137 5.00 -48.70 3.16
N ILE B 138 4.54 -47.76 2.33
CA ILE B 138 3.40 -46.92 2.69
C ILE B 138 2.15 -47.50 2.06
N THR B 139 2.12 -47.53 0.73
CA THR B 139 1.01 -48.08 -0.03
C THR B 139 1.55 -48.89 -1.20
N GLU B 140 0.83 -49.94 -1.56
CA GLU B 140 1.31 -50.86 -2.59
C GLU B 140 1.23 -50.21 -3.97
N SER B 141 1.90 -50.84 -4.93
CA SER B 141 1.85 -50.48 -6.36
C SER B 141 2.37 -49.07 -6.59
N GLY B 142 3.66 -48.87 -6.30
CA GLY B 142 4.32 -47.60 -6.56
C GLY B 142 5.07 -47.62 -7.90
N ARG B 143 5.44 -46.41 -8.34
CA ARG B 143 6.19 -46.23 -9.57
C ARG B 143 7.22 -45.13 -9.40
N ILE B 144 8.27 -45.18 -10.23
CA ILE B 144 9.38 -44.23 -10.16
C ILE B 144 9.74 -43.75 -11.55
N GLY B 145 10.43 -42.61 -11.61
CA GLY B 145 10.90 -42.04 -12.85
C GLY B 145 12.19 -41.26 -12.63
N PHE B 146 12.69 -40.67 -13.71
CA PHE B 146 13.92 -39.88 -13.65
C PHE B 146 13.87 -38.76 -14.70
N GLY B 147 14.52 -37.65 -14.38
CA GLY B 147 14.60 -36.51 -15.28
C GLY B 147 15.76 -35.63 -14.93
N SER B 148 16.27 -34.91 -15.94
CA SER B 148 17.52 -34.18 -15.80
C SER B 148 17.43 -32.81 -16.47
N PHE B 149 18.16 -31.85 -15.90
CA PHE B 149 18.25 -30.50 -16.48
C PHE B 149 19.64 -29.93 -16.20
N VAL B 150 20.03 -28.96 -17.03
CA VAL B 150 21.20 -28.13 -16.73
C VAL B 150 20.82 -26.66 -16.85
N ASP B 151 20.89 -26.11 -18.07
CA ASP B 151 20.53 -24.71 -18.28
C ASP B 151 20.31 -24.48 -19.78
N LYS B 152 19.73 -23.32 -20.09
CA LYS B 152 19.64 -22.86 -21.48
C LYS B 152 21.02 -22.81 -22.13
N THR B 153 21.08 -23.25 -23.38
CA THR B 153 22.32 -23.33 -24.15
C THR B 153 22.55 -22.01 -24.89
N VAL B 154 22.79 -20.95 -24.12
CA VAL B 154 23.07 -19.64 -24.70
C VAL B 154 23.79 -18.77 -23.68
N LEU B 155 24.58 -17.83 -24.17
CA LEU B 155 25.22 -16.83 -23.33
C LEU B 155 24.18 -15.90 -22.72
N PRO B 156 24.45 -15.35 -21.51
CA PRO B 156 25.60 -15.57 -20.63
C PRO B 156 25.55 -16.91 -19.88
N PHE B 157 24.40 -17.58 -19.95
CA PHE B 157 24.14 -18.70 -19.04
C PHE B 157 25.11 -19.86 -19.28
N VAL B 158 25.44 -20.14 -20.54
CA VAL B 158 26.60 -20.94 -20.87
C VAL B 158 27.29 -20.32 -22.08
N ASN B 159 28.62 -20.41 -22.10
CA ASN B 159 29.38 -19.91 -23.24
C ASN B 159 29.12 -20.73 -24.49
N THR B 160 29.02 -20.04 -25.62
CA THR B 160 28.61 -20.64 -26.88
C THR B 160 29.78 -20.91 -27.82
N HIS B 161 31.00 -20.91 -27.30
CA HIS B 161 32.14 -21.25 -28.13
C HIS B 161 32.02 -22.71 -28.58
N PRO B 162 32.36 -23.01 -29.84
CA PRO B 162 32.18 -24.40 -30.33
C PRO B 162 32.96 -25.44 -29.54
N ASP B 163 34.12 -25.08 -28.98
CA ASP B 163 34.87 -26.03 -28.17
C ASP B 163 34.18 -26.26 -26.82
N LYS B 164 33.73 -25.19 -26.18
CA LYS B 164 33.15 -25.31 -24.84
C LYS B 164 31.73 -25.86 -24.86
N LEU B 165 31.00 -25.68 -25.96
CA LEU B 165 29.69 -26.32 -26.08
C LEU B 165 29.83 -27.84 -26.12
N ARG B 166 30.89 -28.33 -26.75
CA ARG B 166 31.16 -29.77 -26.75
C ARG B 166 31.45 -30.28 -25.34
N ASN B 167 32.20 -29.51 -24.56
CA ASN B 167 32.61 -29.93 -23.21
C ASN B 167 32.47 -28.74 -22.27
N PRO B 168 31.29 -28.58 -21.63
CA PRO B 168 31.05 -27.39 -20.82
C PRO B 168 31.52 -27.52 -19.38
N CYS B 169 31.71 -28.75 -18.90
CA CYS B 169 32.11 -28.96 -17.52
C CYS B 169 33.51 -28.38 -17.27
N PRO B 170 33.73 -27.72 -16.13
CA PRO B 170 34.98 -26.97 -15.94
C PRO B 170 36.24 -27.83 -16.03
N ASN B 171 36.21 -29.06 -15.52
CA ASN B 171 37.36 -29.94 -15.63
C ASN B 171 37.49 -30.42 -17.08
N LYS B 172 38.49 -29.89 -17.78
CA LYS B 172 38.65 -30.18 -19.20
C LYS B 172 38.96 -31.66 -19.44
N GLU B 173 39.68 -32.30 -18.51
CA GLU B 173 40.07 -33.69 -18.72
C GLU B 173 38.87 -34.62 -18.69
N LYS B 174 37.90 -34.36 -17.81
CA LYS B 174 36.77 -35.27 -17.67
C LYS B 174 35.85 -35.17 -18.88
N GLU B 175 35.11 -36.25 -19.11
CA GLU B 175 34.20 -36.37 -20.24
C GLU B 175 32.78 -36.07 -19.78
N CYS B 176 32.16 -35.05 -20.36
CA CYS B 176 30.86 -34.58 -19.92
C CYS B 176 30.00 -34.25 -21.13
N GLN B 177 28.68 -34.34 -20.94
CA GLN B 177 27.72 -34.15 -22.02
C GLN B 177 27.44 -32.67 -22.27
N PRO B 178 27.18 -32.30 -23.51
CA PRO B 178 26.91 -30.89 -23.85
C PRO B 178 25.66 -30.39 -23.17
N PRO B 179 25.56 -29.07 -22.96
CA PRO B 179 24.45 -28.52 -22.16
C PRO B 179 23.10 -28.76 -22.81
N PHE B 180 22.07 -28.85 -21.97
CA PHE B 180 20.71 -29.06 -22.42
C PHE B 180 19.76 -28.46 -21.40
N ALA B 181 18.54 -28.15 -21.85
CA ALA B 181 17.54 -27.60 -20.95
C ALA B 181 16.84 -28.69 -20.14
N PHE B 182 16.22 -29.66 -20.83
CA PHE B 182 15.53 -30.74 -20.15
C PHE B 182 15.62 -32.00 -21.00
N ARG B 183 15.79 -33.14 -20.35
CA ARG B 183 15.70 -34.44 -21.00
C ARG B 183 14.86 -35.36 -20.11
N HIS B 184 13.83 -35.96 -20.70
CA HIS B 184 13.03 -36.98 -20.03
C HIS B 184 13.71 -38.34 -20.20
N VAL B 185 14.06 -38.97 -19.09
CA VAL B 185 14.92 -40.15 -19.12
C VAL B 185 14.12 -41.45 -19.01
N LEU B 186 13.28 -41.58 -17.98
CA LEU B 186 12.64 -42.85 -17.70
C LEU B 186 11.13 -42.69 -17.59
N LYS B 187 10.41 -43.65 -18.15
CA LYS B 187 8.96 -43.71 -18.01
C LYS B 187 8.59 -44.18 -16.61
N LEU B 188 7.45 -43.69 -16.12
CA LEU B 188 6.94 -44.11 -14.82
C LEU B 188 6.62 -45.59 -14.82
N THR B 189 7.44 -46.39 -14.11
CA THR B 189 7.31 -47.84 -14.13
C THR B 189 7.45 -48.38 -12.72
N ASN B 190 7.00 -49.62 -12.54
CA ASN B 190 7.16 -50.34 -11.28
C ASN B 190 8.34 -51.32 -11.32
N ASN B 191 9.25 -51.14 -12.27
CA ASN B 191 10.40 -52.03 -12.45
C ASN B 191 11.66 -51.27 -12.06
N SER B 192 12.42 -51.83 -11.12
CA SER B 192 13.66 -51.19 -10.69
C SER B 192 14.76 -51.35 -11.72
N ASN B 193 14.72 -52.43 -12.51
CA ASN B 193 15.75 -52.65 -13.52
C ASN B 193 15.73 -51.55 -14.57
N GLN B 194 14.54 -51.12 -14.99
CA GLN B 194 14.44 -50.04 -15.96
C GLN B 194 15.03 -48.75 -15.42
N PHE B 195 14.78 -48.47 -14.13
CA PHE B 195 15.37 -47.28 -13.51
C PHE B 195 16.90 -47.38 -13.48
N GLN B 196 17.43 -48.51 -13.02
CA GLN B 196 18.88 -48.62 -12.92
C GLN B 196 19.55 -48.70 -14.29
N THR B 197 18.79 -49.00 -15.34
CA THR B 197 19.34 -49.03 -16.69
C THR B 197 19.33 -47.65 -17.35
N GLU B 198 18.14 -47.03 -17.40
CA GLU B 198 18.02 -45.75 -18.12
C GLU B 198 18.81 -44.65 -17.45
N VAL B 199 18.81 -44.61 -16.10
CA VAL B 199 19.53 -43.55 -15.39
C VAL B 199 21.03 -43.70 -15.58
N GLY B 200 21.51 -44.94 -15.65
CA GLY B 200 22.94 -45.19 -15.74
C GLY B 200 23.60 -44.64 -17.00
N LYS B 201 22.82 -44.28 -18.01
CA LYS B 201 23.35 -43.69 -19.23
C LYS B 201 23.55 -42.18 -19.12
N GLN B 202 23.16 -41.57 -18.01
CA GLN B 202 23.27 -40.13 -17.86
C GLN B 202 24.71 -39.72 -17.55
N LEU B 203 25.08 -38.53 -18.01
CA LEU B 203 26.42 -38.00 -17.82
C LEU B 203 26.33 -36.59 -17.25
N ILE B 204 27.40 -36.18 -16.56
CA ILE B 204 27.41 -34.86 -15.93
C ILE B 204 27.59 -33.78 -16.99
N SER B 205 27.28 -32.55 -16.61
CA SER B 205 27.40 -31.40 -17.50
C SER B 205 27.70 -30.17 -16.65
N GLY B 206 27.53 -28.99 -17.24
CA GLY B 206 27.72 -27.75 -16.52
C GLY B 206 27.33 -26.53 -17.31
N ASN B 207 26.93 -25.46 -16.61
CA ASN B 207 26.68 -24.15 -17.19
C ASN B 207 27.75 -23.18 -16.72
N LEU B 208 27.58 -21.90 -17.06
CA LEU B 208 28.49 -20.85 -16.63
C LEU B 208 27.94 -20.04 -15.45
N ASP B 209 26.64 -19.74 -15.46
CA ASP B 209 26.01 -18.96 -14.42
C ASP B 209 25.78 -19.81 -13.17
N ALA B 210 25.64 -19.16 -12.03
CA ALA B 210 25.53 -19.85 -10.75
C ALA B 210 24.13 -20.43 -10.47
N PRO B 211 23.03 -19.76 -10.85
CA PRO B 211 21.72 -20.47 -10.86
C PRO B 211 21.58 -21.50 -11.96
N GLU B 212 20.47 -22.23 -11.95
CA GLU B 212 20.16 -23.23 -12.97
C GLU B 212 18.70 -23.12 -13.40
N GLY B 213 18.36 -23.84 -14.48
CA GLY B 213 17.15 -23.70 -15.27
C GLY B 213 15.95 -24.54 -14.87
N GLY B 214 16.09 -25.37 -13.83
CA GLY B 214 15.16 -26.42 -13.47
C GLY B 214 13.71 -26.05 -13.26
N LEU B 215 13.43 -24.75 -13.16
CA LEU B 215 12.06 -24.30 -13.17
C LEU B 215 11.38 -24.61 -14.50
N ASP B 216 12.09 -24.46 -15.61
CA ASP B 216 11.54 -24.83 -16.91
C ASP B 216 11.53 -26.34 -17.15
N ALA B 217 12.38 -27.08 -16.44
CA ALA B 217 12.25 -28.54 -16.44
C ALA B 217 10.99 -28.99 -15.71
N MET B 218 10.74 -28.46 -14.50
CA MET B 218 9.49 -28.79 -13.83
C MET B 218 8.28 -28.35 -14.65
N MET B 219 8.39 -27.20 -15.34
CA MET B 219 7.30 -26.73 -16.20
C MET B 219 7.02 -27.69 -17.35
N GLN B 220 8.05 -28.40 -17.84
CA GLN B 220 7.82 -29.41 -18.87
C GLN B 220 7.34 -30.74 -18.30
N VAL B 221 7.87 -31.14 -17.14
CA VAL B 221 7.37 -32.31 -16.41
C VAL B 221 5.89 -32.19 -16.07
N ALA B 222 5.39 -30.97 -15.88
CA ALA B 222 3.95 -30.80 -15.74
C ALA B 222 3.24 -30.77 -17.09
N ALA B 223 3.86 -30.22 -18.13
CA ALA B 223 3.18 -30.04 -19.41
C ALA B 223 3.03 -31.31 -20.23
N CYS B 224 3.75 -32.39 -19.92
CA CYS B 224 3.75 -33.60 -20.75
C CYS B 224 3.19 -34.82 -20.01
N PRO B 225 1.87 -34.85 -19.73
CA PRO B 225 1.34 -35.94 -18.90
C PRO B 225 1.53 -37.34 -19.50
N GLU B 226 1.20 -37.51 -20.78
CA GLU B 226 1.28 -38.84 -21.39
C GLU B 226 2.70 -39.36 -21.48
N GLU B 227 3.66 -38.49 -21.82
CA GLU B 227 5.05 -38.94 -21.95
C GLU B 227 5.61 -39.35 -20.60
N ILE B 228 5.30 -38.59 -19.55
CA ILE B 228 5.80 -38.89 -18.22
C ILE B 228 5.15 -40.17 -17.69
N GLY B 229 3.85 -40.33 -17.89
CA GLY B 229 3.16 -41.53 -17.50
C GLY B 229 2.35 -41.46 -16.22
N TRP B 230 1.79 -40.30 -15.90
CA TRP B 230 1.04 -40.13 -14.66
C TRP B 230 -0.27 -40.93 -14.66
N ARG B 231 -0.56 -41.57 -13.54
CA ARG B 231 -1.87 -42.13 -13.30
C ARG B 231 -2.73 -41.12 -12.54
N ASN B 232 -3.98 -41.46 -12.28
CA ASN B 232 -4.85 -40.59 -11.48
C ASN B 232 -4.71 -40.93 -10.00
N VAL B 233 -3.46 -40.85 -9.53
CA VAL B 233 -3.07 -41.25 -8.19
C VAL B 233 -2.13 -40.18 -7.63
N THR B 234 -1.63 -40.41 -6.43
CA THR B 234 -0.71 -39.47 -5.79
C THR B 234 0.57 -39.34 -6.60
N ARG B 235 0.89 -38.11 -6.99
CA ARG B 235 2.04 -37.81 -7.85
C ARG B 235 3.05 -36.99 -7.06
N LEU B 236 4.28 -37.48 -6.99
CA LEU B 236 5.35 -36.79 -6.27
C LEU B 236 6.46 -36.41 -7.25
N LEU B 237 7.05 -35.24 -7.03
CA LEU B 237 8.07 -34.68 -7.92
C LEU B 237 9.25 -34.21 -7.07
N VAL B 238 10.26 -35.05 -6.91
CA VAL B 238 11.42 -34.69 -6.11
C VAL B 238 12.31 -33.77 -6.95
N PHE B 239 12.65 -32.61 -6.38
CA PHE B 239 13.48 -31.61 -7.04
C PHE B 239 14.76 -31.42 -6.24
N ALA B 240 15.88 -31.90 -6.77
CA ALA B 240 17.14 -31.92 -6.05
C ALA B 240 18.10 -30.89 -6.65
N THR B 241 18.31 -29.80 -5.92
CA THR B 241 19.24 -28.74 -6.30
C THR B 241 20.10 -28.38 -5.11
N ASP B 242 21.32 -27.91 -5.39
CA ASP B 242 22.21 -27.38 -4.37
C ASP B 242 22.45 -25.87 -4.48
N ASP B 243 21.76 -25.17 -5.38
CA ASP B 243 21.97 -23.73 -5.50
C ASP B 243 20.67 -23.12 -6.01
N GLY B 244 20.70 -21.83 -6.31
CA GLY B 244 19.52 -21.11 -6.74
C GLY B 244 19.05 -21.49 -8.13
N PHE B 245 17.98 -20.84 -8.56
CA PHE B 245 17.36 -21.09 -9.85
C PHE B 245 17.24 -19.78 -10.62
N HIS B 246 17.32 -19.89 -11.94
CA HIS B 246 16.79 -18.86 -12.82
C HIS B 246 15.27 -18.85 -12.82
N PHE B 247 14.72 -17.67 -13.04
CA PHE B 247 13.28 -17.46 -13.20
C PHE B 247 13.09 -16.35 -14.21
N ALA B 248 11.82 -16.08 -14.54
CA ALA B 248 11.47 -15.16 -15.61
C ALA B 248 12.20 -13.82 -15.46
N GLY B 249 12.59 -13.26 -16.61
CA GLY B 249 13.32 -12.03 -16.69
C GLY B 249 14.82 -12.18 -16.90
N ASP B 250 15.38 -13.35 -16.61
CA ASP B 250 16.81 -13.56 -16.80
C ASP B 250 17.19 -13.71 -18.26
N GLY B 251 16.24 -14.05 -19.13
CA GLY B 251 16.52 -14.27 -20.54
C GLY B 251 16.94 -13.04 -21.32
N LYS B 252 16.69 -11.85 -20.77
CA LYS B 252 17.08 -10.63 -21.48
C LYS B 252 18.58 -10.53 -21.66
N LEU B 253 19.35 -11.13 -20.75
CA LEU B 253 20.79 -11.16 -20.92
C LEU B 253 21.20 -12.01 -22.12
N GLY B 254 20.41 -13.02 -22.45
CA GLY B 254 20.67 -13.83 -23.63
C GLY B 254 19.86 -13.42 -24.85
N ALA B 255 19.33 -12.20 -24.84
CA ALA B 255 18.49 -11.69 -25.92
C ALA B 255 17.26 -12.57 -26.13
N ILE B 256 16.71 -13.11 -25.05
CA ILE B 256 15.49 -13.90 -25.07
C ILE B 256 14.40 -13.11 -24.37
N LEU B 257 13.29 -12.89 -25.06
CA LEU B 257 12.22 -12.07 -24.50
C LEU B 257 10.84 -12.68 -24.71
N THR B 258 10.75 -13.91 -25.23
CA THR B 258 9.45 -14.55 -25.39
C THR B 258 9.05 -15.31 -24.13
N PRO B 259 7.87 -15.07 -23.59
CA PRO B 259 7.44 -15.80 -22.38
C PRO B 259 7.39 -17.30 -22.60
N ASN B 260 7.61 -18.05 -21.52
CA ASN B 260 7.38 -19.48 -21.51
C ASN B 260 5.89 -19.77 -21.51
N ASP B 261 5.44 -20.62 -22.44
CA ASP B 261 4.00 -20.80 -22.67
C ASP B 261 3.43 -22.04 -21.96
N GLY B 262 4.27 -22.90 -21.40
CA GLY B 262 3.80 -24.04 -20.64
C GLY B 262 3.22 -25.18 -21.44
N ARG B 263 3.42 -25.21 -22.76
CA ARG B 263 2.99 -26.33 -23.57
C ARG B 263 4.11 -27.37 -23.65
N CYS B 264 3.74 -28.57 -24.10
CA CYS B 264 4.70 -29.68 -24.14
C CYS B 264 5.52 -29.59 -25.42
N HIS B 265 6.76 -29.13 -25.28
CA HIS B 265 7.71 -28.96 -26.37
C HIS B 265 8.72 -30.10 -26.45
N LEU B 266 8.37 -31.27 -25.95
CA LEU B 266 9.26 -32.43 -26.04
C LEU B 266 9.34 -32.94 -27.47
N GLU B 267 10.57 -33.13 -27.93
CA GLU B 267 10.86 -33.73 -29.23
C GLU B 267 12.09 -34.62 -29.07
N ASP B 268 11.92 -35.92 -29.29
CA ASP B 268 12.99 -36.91 -29.11
C ASP B 268 13.57 -36.84 -27.69
N ASN B 269 12.68 -36.69 -26.71
CA ASN B 269 12.99 -36.65 -25.28
C ASN B 269 13.86 -35.47 -24.87
N LEU B 270 14.01 -34.47 -25.74
CA LEU B 270 14.79 -33.27 -25.42
C LEU B 270 13.89 -32.05 -25.55
N TYR B 271 14.07 -31.10 -24.62
CA TYR B 271 13.36 -29.82 -24.70
C TYR B 271 14.08 -28.93 -25.70
N LYS B 272 13.93 -29.28 -26.98
CA LYS B 272 14.32 -28.39 -28.06
C LYS B 272 13.47 -27.13 -28.04
N ARG B 273 13.94 -26.10 -28.73
CA ARG B 273 13.34 -24.77 -28.72
C ARG B 273 13.41 -24.11 -27.35
N SER B 274 14.37 -24.52 -26.53
CA SER B 274 14.54 -23.94 -25.20
C SER B 274 15.00 -22.48 -25.25
N ASN B 275 15.79 -22.11 -26.26
CA ASN B 275 16.33 -20.76 -26.33
C ASN B 275 15.36 -19.75 -26.91
N GLU B 276 14.29 -20.19 -27.56
CA GLU B 276 13.26 -19.29 -28.04
C GLU B 276 12.20 -18.96 -26.99
N PHE B 277 12.32 -19.50 -25.78
CA PHE B 277 11.45 -19.13 -24.68
C PHE B 277 12.30 -18.74 -23.47
N ASP B 278 11.80 -17.78 -22.71
CA ASP B 278 12.41 -17.40 -21.45
C ASP B 278 12.30 -18.55 -20.45
N TYR B 279 12.82 -18.33 -19.24
CA TYR B 279 12.42 -19.15 -18.10
C TYR B 279 11.01 -18.81 -17.64
N PRO B 280 10.30 -19.78 -17.07
CA PRO B 280 8.98 -19.49 -16.50
C PRO B 280 9.10 -18.68 -15.21
N SER B 281 8.00 -18.05 -14.83
CA SER B 281 7.95 -17.47 -13.50
C SER B 281 7.61 -18.53 -12.45
N VAL B 282 7.91 -18.22 -11.18
CA VAL B 282 7.53 -19.08 -10.08
C VAL B 282 6.02 -19.28 -10.02
N GLY B 283 5.25 -18.29 -10.47
CA GLY B 283 3.80 -18.43 -10.47
C GLY B 283 3.29 -19.36 -11.54
N GLN B 284 4.01 -19.46 -12.67
CA GLN B 284 3.67 -20.43 -13.70
C GLN B 284 3.81 -21.85 -13.18
N LEU B 285 4.97 -22.16 -12.61
CA LEU B 285 5.20 -23.49 -12.05
C LEU B 285 4.20 -23.78 -10.93
N ALA B 286 4.06 -22.85 -9.99
CA ALA B 286 3.18 -23.07 -8.84
C ALA B 286 1.74 -23.33 -9.29
N HIS B 287 1.21 -22.49 -10.17
CA HIS B 287 -0.16 -22.66 -10.64
C HIS B 287 -0.33 -23.95 -11.43
N LYS B 288 0.63 -24.29 -12.28
CA LYS B 288 0.48 -25.46 -13.14
C LYS B 288 0.57 -26.77 -12.35
N LEU B 289 1.50 -26.85 -11.40
CA LEU B 289 1.54 -28.01 -10.51
C LEU B 289 0.24 -28.18 -9.73
N ALA B 290 -0.43 -27.08 -9.38
CA ALA B 290 -1.64 -27.19 -8.58
C ALA B 290 -2.78 -27.82 -9.38
N GLU B 291 -2.89 -27.46 -10.65
CA GLU B 291 -3.97 -27.96 -11.50
C GLU B 291 -3.67 -29.36 -12.05
N ASN B 292 -2.67 -30.06 -11.51
CA ASN B 292 -2.39 -31.44 -11.89
C ASN B 292 -2.13 -32.35 -10.70
N ASN B 293 -2.28 -31.85 -9.47
CA ASN B 293 -2.10 -32.65 -8.25
C ASN B 293 -0.70 -33.24 -8.14
N ILE B 294 0.31 -32.53 -8.63
CA ILE B 294 1.71 -32.92 -8.49
C ILE B 294 2.29 -32.21 -7.28
N GLN B 295 2.89 -32.97 -6.37
CA GLN B 295 3.37 -32.42 -5.11
C GLN B 295 4.89 -32.30 -5.11
N PRO B 296 5.43 -31.08 -5.16
CA PRO B 296 6.89 -30.92 -5.19
C PRO B 296 7.52 -31.23 -3.84
N ILE B 297 8.70 -31.84 -3.90
CA ILE B 297 9.52 -32.10 -2.73
C ILE B 297 10.88 -31.47 -3.01
N PHE B 298 11.09 -30.27 -2.47
CA PHE B 298 12.33 -29.52 -2.69
C PHE B 298 13.44 -30.07 -1.80
N ALA B 299 14.18 -31.04 -2.33
CA ALA B 299 15.38 -31.54 -1.67
C ALA B 299 16.52 -30.56 -1.97
N VAL B 300 16.80 -29.66 -1.04
CA VAL B 300 17.78 -28.61 -1.24
C VAL B 300 18.79 -28.65 -0.10
N THR B 301 19.98 -28.12 -0.37
CA THR B 301 21.06 -28.14 0.60
C THR B 301 20.81 -27.11 1.70
N SER B 302 21.66 -27.17 2.73
CA SER B 302 21.42 -26.41 3.95
C SER B 302 21.41 -24.90 3.69
N ARG B 303 22.34 -24.41 2.87
CA ARG B 303 22.40 -22.99 2.58
C ARG B 303 21.17 -22.50 1.84
N MET B 304 20.54 -23.37 1.05
CA MET B 304 19.40 -22.99 0.23
C MET B 304 18.06 -23.23 0.92
N VAL B 305 18.04 -23.88 2.08
CA VAL B 305 16.78 -24.23 2.72
C VAL B 305 15.95 -22.97 3.01
N LYS B 306 16.58 -21.97 3.64
CA LYS B 306 15.87 -20.76 4.00
C LYS B 306 15.31 -20.06 2.77
N THR B 307 16.02 -20.14 1.64
CA THR B 307 15.52 -19.55 0.40
C THR B 307 14.32 -20.32 -0.13
N TYR B 308 14.39 -21.66 -0.08
CA TYR B 308 13.35 -22.51 -0.65
C TYR B 308 12.11 -22.62 0.25
N GLU B 309 12.24 -22.31 1.54
CA GLU B 309 11.06 -22.26 2.39
C GLU B 309 10.06 -21.24 1.87
N LYS B 310 10.54 -20.17 1.23
CA LYS B 310 9.66 -19.12 0.74
C LYS B 310 8.77 -19.60 -0.40
N LEU B 311 9.17 -20.66 -1.10
CA LEU B 311 8.31 -21.25 -2.14
C LEU B 311 7.04 -21.84 -1.54
N THR B 312 7.13 -22.40 -0.34
CA THR B 312 5.96 -23.04 0.27
C THR B 312 4.85 -22.04 0.57
N GLU B 313 5.19 -20.77 0.81
CA GLU B 313 4.17 -19.75 0.91
C GLU B 313 3.44 -19.54 -0.41
N ILE B 314 4.13 -19.78 -1.52
CA ILE B 314 3.50 -19.67 -2.85
C ILE B 314 2.94 -21.02 -3.28
N ILE B 315 3.61 -22.11 -2.93
CA ILE B 315 3.22 -23.45 -3.36
C ILE B 315 2.76 -24.25 -2.14
N PRO B 316 1.47 -24.31 -1.85
CA PRO B 316 0.97 -25.36 -0.95
C PRO B 316 1.06 -26.72 -1.59
N LYS B 317 1.01 -27.76 -0.74
CA LYS B 317 1.29 -29.13 -1.15
C LYS B 317 2.70 -29.26 -1.71
N SER B 318 3.65 -28.54 -1.10
CA SER B 318 5.06 -28.69 -1.39
C SER B 318 5.84 -28.70 -0.08
N ALA B 319 6.94 -29.44 -0.07
CA ALA B 319 7.75 -29.59 1.12
C ALA B 319 9.23 -29.37 0.79
N VAL B 320 9.97 -28.87 1.77
CA VAL B 320 11.39 -28.58 1.62
C VAL B 320 12.14 -29.32 2.72
N GLY B 321 13.24 -29.97 2.34
CA GLY B 321 14.04 -30.71 3.29
C GLY B 321 15.51 -30.49 3.05
N GLU B 322 16.28 -30.52 4.13
CA GLU B 322 17.72 -30.32 4.04
C GLU B 322 18.32 -31.54 3.35
N LEU B 323 18.79 -31.36 2.12
CA LEU B 323 19.44 -32.42 1.36
C LEU B 323 20.93 -32.42 1.66
N SER B 324 21.48 -33.61 1.88
CA SER B 324 22.90 -33.75 2.13
C SER B 324 23.71 -33.35 0.90
N GLU B 325 25.00 -33.11 1.11
CA GLU B 325 25.88 -32.74 0.02
C GLU B 325 26.07 -33.85 -1.00
N ASP B 326 25.69 -35.09 -0.68
CA ASP B 326 25.78 -36.20 -1.61
C ASP B 326 24.44 -36.91 -1.80
N SER B 327 23.34 -36.29 -1.38
CA SER B 327 21.99 -36.85 -1.53
C SER B 327 21.87 -38.24 -0.91
N SER B 328 22.48 -38.44 0.26
CA SER B 328 22.37 -39.72 0.93
C SER B 328 21.03 -39.92 1.60
N ASN B 329 20.39 -38.83 2.03
CA ASN B 329 19.15 -38.89 2.82
C ASN B 329 17.90 -38.70 1.98
N VAL B 330 17.92 -39.13 0.72
CA VAL B 330 16.78 -38.89 -0.16
C VAL B 330 15.54 -39.64 0.32
N VAL B 331 15.71 -40.90 0.73
CA VAL B 331 14.56 -41.71 1.11
C VAL B 331 13.91 -41.19 2.38
N HIS B 332 14.72 -40.88 3.40
CA HIS B 332 14.18 -40.35 4.65
C HIS B 332 13.52 -39.01 4.42
N LEU B 333 14.13 -38.15 3.61
CA LEU B 333 13.55 -36.86 3.30
C LEU B 333 12.21 -37.02 2.59
N ILE B 334 12.13 -37.99 1.66
CA ILE B 334 10.89 -38.22 0.94
C ILE B 334 9.80 -38.69 1.89
N LYS B 335 10.14 -39.62 2.79
CA LYS B 335 9.13 -40.12 3.73
C LYS B 335 8.65 -39.02 4.67
N ASN B 336 9.58 -38.21 5.19
CA ASN B 336 9.18 -37.11 6.08
C ASN B 336 8.33 -36.09 5.33
N ALA B 337 8.69 -35.78 4.09
CA ALA B 337 7.91 -34.85 3.30
C ALA B 337 6.51 -35.40 3.02
N TYR B 338 6.40 -36.69 2.75
CA TYR B 338 5.10 -37.29 2.52
C TYR B 338 4.24 -37.25 3.77
N ASN B 339 4.85 -37.52 4.94
CA ASN B 339 4.09 -37.43 6.19
C ASN B 339 3.63 -35.99 6.45
N LYS B 340 4.50 -35.02 6.19
CA LYS B 340 4.10 -33.62 6.35
C LYS B 340 2.98 -33.25 5.38
N LEU B 341 3.07 -33.71 4.13
CA LEU B 341 2.06 -33.37 3.14
C LEU B 341 0.71 -33.98 3.49
N SER B 342 0.70 -35.24 3.94
CA SER B 342 -0.56 -35.91 4.23
C SER B 342 -1.17 -35.45 5.55
N SER B 343 -0.33 -35.12 6.54
CA SER B 343 -0.87 -34.62 7.80
C SER B 343 -1.34 -33.17 7.68
N ARG B 344 -0.68 -32.37 6.84
CA ARG B 344 -1.04 -30.97 6.65
C ARG B 344 -2.09 -30.90 5.56
N VAL B 345 -3.35 -31.09 5.95
CA VAL B 345 -4.48 -31.08 5.03
C VAL B 345 -4.93 -29.64 4.83
N PHE B 346 -4.52 -29.03 3.73
CA PHE B 346 -5.12 -27.77 3.30
C PHE B 346 -6.42 -28.05 2.56
N LEU B 347 -7.47 -27.32 2.92
CA LEU B 347 -8.78 -27.47 2.31
C LEU B 347 -9.22 -26.12 1.78
N ASP B 348 -9.17 -25.95 0.46
CA ASP B 348 -9.38 -24.65 -0.17
C ASP B 348 -10.33 -24.81 -1.36
N HIS B 349 -11.01 -23.73 -1.70
CA HIS B 349 -11.94 -23.72 -2.82
C HIS B 349 -11.25 -23.29 -4.11
N ASN B 350 -11.95 -23.48 -5.22
CA ASN B 350 -11.65 -22.79 -6.47
C ASN B 350 -12.18 -21.35 -6.42
N ALA B 351 -11.61 -20.51 -7.28
CA ALA B 351 -11.91 -19.08 -7.22
C ALA B 351 -13.40 -18.83 -7.43
N LEU B 352 -13.92 -17.85 -6.73
CA LEU B 352 -15.34 -17.54 -6.67
C LEU B 352 -15.54 -16.03 -6.69
N PRO B 353 -16.75 -15.56 -7.06
CA PRO B 353 -17.02 -14.12 -7.04
C PRO B 353 -16.90 -13.53 -5.64
N ASP B 354 -16.43 -12.27 -5.60
CA ASP B 354 -16.30 -11.54 -4.34
C ASP B 354 -17.60 -11.41 -3.55
N THR B 355 -18.76 -11.67 -4.17
CA THR B 355 -20.01 -11.68 -3.43
C THR B 355 -20.09 -12.80 -2.40
N LEU B 356 -19.28 -13.85 -2.55
CA LEU B 356 -19.21 -14.92 -1.57
C LEU B 356 -17.96 -14.78 -0.70
N LYS B 357 -18.15 -14.73 0.61
CA LYS B 357 -17.05 -14.68 1.57
C LYS B 357 -16.99 -16.03 2.28
N VAL B 358 -16.61 -17.06 1.53
CA VAL B 358 -16.36 -18.37 2.13
C VAL B 358 -15.26 -18.24 3.16
N THR B 359 -15.52 -18.79 4.34
CA THR B 359 -14.67 -18.69 5.51
C THR B 359 -14.70 -20.03 6.21
N TYR B 360 -13.58 -20.41 6.83
CA TYR B 360 -13.48 -21.71 7.47
C TYR B 360 -13.20 -21.57 8.96
N ASP B 361 -13.97 -22.29 9.77
CA ASP B 361 -13.59 -22.65 11.13
C ASP B 361 -13.07 -24.07 11.12
N SER B 362 -11.94 -24.31 11.77
CA SER B 362 -11.27 -25.60 11.75
C SER B 362 -11.17 -26.15 13.17
N PHE B 363 -11.82 -27.29 13.40
CA PHE B 363 -11.65 -28.06 14.62
C PHE B 363 -10.69 -29.22 14.33
N CYS B 364 -9.40 -28.90 14.32
CA CYS B 364 -8.38 -29.89 14.03
C CYS B 364 -8.33 -30.94 15.15
N SER B 365 -7.51 -31.97 14.94
CA SER B 365 -7.56 -33.16 15.78
C SER B 365 -6.93 -32.93 17.15
N ASN B 366 -5.65 -32.56 17.18
CA ASN B 366 -4.89 -32.56 18.43
C ASN B 366 -5.13 -31.32 19.28
N GLY B 367 -6.40 -31.01 19.54
CA GLY B 367 -6.75 -29.99 20.51
C GLY B 367 -6.68 -28.56 20.01
N VAL B 368 -6.10 -28.32 18.84
CA VAL B 368 -5.97 -26.97 18.31
C VAL B 368 -7.23 -26.63 17.54
N THR B 369 -7.62 -25.36 17.59
CA THR B 369 -8.80 -24.88 16.89
C THR B 369 -8.53 -23.48 16.37
N HIS B 370 -8.90 -23.26 15.10
CA HIS B 370 -8.73 -21.96 14.45
C HIS B 370 -10.11 -21.43 14.09
N ARG B 371 -10.23 -20.09 14.09
CA ARG B 371 -11.49 -19.44 13.80
C ARG B 371 -11.33 -18.44 12.67
N ASN B 372 -12.34 -18.36 11.81
CA ASN B 372 -12.42 -17.37 10.74
C ASN B 372 -11.17 -17.33 9.87
N GLN B 373 -10.53 -18.49 9.66
CA GLN B 373 -9.38 -18.55 8.79
C GLN B 373 -9.80 -18.40 7.33
N PRO B 374 -8.95 -17.81 6.48
CA PRO B 374 -9.29 -17.73 5.05
C PRO B 374 -9.37 -19.08 4.36
N ARG B 375 -8.60 -20.07 4.80
CA ARG B 375 -8.67 -21.42 4.27
C ARG B 375 -8.60 -22.41 5.43
N GLY B 376 -9.16 -23.60 5.20
CA GLY B 376 -9.10 -24.63 6.22
C GLY B 376 -7.67 -25.03 6.54
N ASP B 377 -7.40 -25.15 7.84
CA ASP B 377 -6.05 -25.42 8.32
C ASP B 377 -6.13 -26.48 9.42
N CYS B 378 -5.29 -27.51 9.30
CA CYS B 378 -5.23 -28.56 10.31
C CYS B 378 -3.92 -29.31 10.12
N ASP B 379 -3.46 -29.93 11.21
CA ASP B 379 -2.19 -30.63 11.18
C ASP B 379 -2.29 -31.86 12.08
N GLY B 380 -1.43 -32.83 11.82
CA GLY B 380 -1.47 -34.09 12.54
C GLY B 380 -2.72 -34.91 12.26
N VAL B 381 -3.24 -34.83 11.04
CA VAL B 381 -4.43 -35.61 10.66
C VAL B 381 -4.05 -37.08 10.65
N GLN B 382 -4.60 -37.85 11.59
CA GLN B 382 -4.28 -39.26 11.71
C GLN B 382 -5.06 -40.07 10.68
N ILE B 383 -4.66 -41.33 10.53
CA ILE B 383 -5.34 -42.24 9.64
C ILE B 383 -6.61 -42.75 10.32
N ASN B 384 -7.73 -42.65 9.61
CA ASN B 384 -9.04 -43.11 10.07
C ASN B 384 -9.57 -42.31 11.26
N VAL B 385 -9.07 -41.10 11.48
CA VAL B 385 -9.54 -40.22 12.53
C VAL B 385 -10.30 -39.08 11.88
N PRO B 386 -11.62 -38.97 12.07
CA PRO B 386 -12.39 -37.90 11.43
C PRO B 386 -11.89 -36.52 11.84
N ILE B 387 -11.97 -35.59 10.89
CA ILE B 387 -11.67 -34.18 11.12
C ILE B 387 -12.86 -33.37 10.58
N THR B 388 -13.17 -32.27 11.25
CA THR B 388 -14.33 -31.46 10.90
C THR B 388 -13.89 -30.04 10.55
N PHE B 389 -14.36 -29.55 9.41
CA PHE B 389 -14.15 -28.16 8.98
C PHE B 389 -15.51 -27.50 8.90
N GLN B 390 -15.71 -26.42 9.66
CA GLN B 390 -16.96 -25.67 9.63
C GLN B 390 -16.83 -24.61 8.55
N VAL B 391 -17.31 -24.94 7.34
CA VAL B 391 -17.32 -23.98 6.25
C VAL B 391 -18.41 -22.94 6.49
N LYS B 392 -18.01 -21.67 6.61
CA LYS B 392 -18.91 -20.56 6.84
C LYS B 392 -18.98 -19.73 5.57
N VAL B 393 -20.17 -19.66 4.96
CA VAL B 393 -20.36 -18.98 3.68
C VAL B 393 -21.32 -17.81 3.87
N THR B 394 -20.82 -16.60 3.67
CA THR B 394 -21.63 -15.38 3.75
C THR B 394 -21.81 -14.80 2.35
N ALA B 395 -23.05 -14.62 1.93
CA ALA B 395 -23.38 -13.79 0.78
C ALA B 395 -23.81 -12.39 1.21
N THR B 396 -23.75 -11.45 0.26
CA THR B 396 -24.21 -10.08 0.49
C THR B 396 -25.09 -9.55 -0.64
N GLU B 397 -25.66 -10.43 -1.47
CA GLU B 397 -26.21 -10.00 -2.74
C GLU B 397 -27.61 -10.51 -3.05
N CYS B 398 -28.08 -11.59 -2.42
CA CYS B 398 -29.12 -12.44 -2.99
C CYS B 398 -28.68 -12.90 -4.38
N ILE B 399 -27.59 -13.66 -4.39
CA ILE B 399 -26.94 -14.17 -5.60
C ILE B 399 -27.92 -14.93 -6.48
N GLN B 400 -27.67 -14.89 -7.79
CA GLN B 400 -28.33 -15.81 -8.71
C GLN B 400 -27.74 -17.21 -8.58
N GLU B 401 -28.60 -18.21 -8.80
CA GLU B 401 -28.24 -19.60 -8.53
C GLU B 401 -26.98 -19.99 -9.29
N GLN B 402 -25.94 -20.35 -8.56
CA GLN B 402 -24.60 -20.53 -9.10
C GLN B 402 -23.90 -21.61 -8.28
N SER B 403 -22.65 -21.89 -8.61
CA SER B 403 -21.95 -22.98 -7.96
C SER B 403 -20.45 -22.72 -7.90
N PHE B 404 -19.81 -23.30 -6.90
CA PHE B 404 -18.37 -23.32 -6.77
C PHE B 404 -17.96 -24.68 -6.22
N VAL B 405 -16.67 -24.96 -6.22
CA VAL B 405 -16.14 -26.24 -5.78
C VAL B 405 -15.18 -26.04 -4.62
N ILE B 406 -15.40 -26.80 -3.55
CA ILE B 406 -14.44 -26.96 -2.45
C ILE B 406 -13.65 -28.23 -2.70
N ARG B 407 -12.32 -28.15 -2.51
CA ARG B 407 -11.45 -29.28 -2.76
C ARG B 407 -10.44 -29.42 -1.64
N ALA B 408 -10.15 -30.66 -1.25
CA ALA B 408 -9.01 -30.96 -0.39
C ALA B 408 -7.77 -30.97 -1.27
N LEU B 409 -6.89 -29.98 -1.07
CA LEU B 409 -5.76 -29.80 -1.97
C LEU B 409 -4.86 -31.03 -1.98
N GLY B 410 -4.39 -31.40 -3.15
CA GLY B 410 -3.62 -32.61 -3.34
C GLY B 410 -4.43 -33.85 -3.63
N PHE B 411 -5.76 -33.74 -3.65
CA PHE B 411 -6.64 -34.89 -3.86
C PHE B 411 -7.69 -34.56 -4.90
N THR B 412 -8.05 -35.58 -5.69
CA THR B 412 -9.04 -35.40 -6.74
C THR B 412 -10.43 -35.19 -6.18
N ASP B 413 -10.73 -35.76 -5.01
CA ASP B 413 -12.05 -35.64 -4.41
C ASP B 413 -12.42 -34.18 -4.18
N ILE B 414 -13.63 -33.80 -4.57
CA ILE B 414 -14.11 -32.44 -4.45
C ILE B 414 -15.52 -32.46 -3.86
N VAL B 415 -15.96 -31.29 -3.38
CA VAL B 415 -17.31 -31.07 -2.90
C VAL B 415 -17.97 -30.04 -3.79
N THR B 416 -18.97 -30.46 -4.56
CA THR B 416 -19.81 -29.51 -5.28
C THR B 416 -20.72 -28.78 -4.31
N VAL B 417 -20.65 -27.45 -4.30
CA VAL B 417 -21.55 -26.62 -3.51
C VAL B 417 -22.48 -25.85 -4.44
N GLN B 418 -23.77 -26.08 -4.28
CA GLN B 418 -24.81 -25.30 -4.96
C GLN B 418 -25.35 -24.25 -4.00
N VAL B 419 -25.53 -23.03 -4.51
CA VAL B 419 -25.92 -21.89 -3.67
C VAL B 419 -27.09 -21.16 -4.33
N LEU B 420 -28.09 -20.81 -3.51
CA LEU B 420 -29.38 -20.33 -3.96
C LEU B 420 -29.85 -19.19 -3.08
N PRO B 421 -30.56 -18.20 -3.64
CA PRO B 421 -31.09 -17.10 -2.84
C PRO B 421 -32.30 -17.51 -2.03
N GLN B 422 -32.16 -17.49 -0.70
CA GLN B 422 -33.26 -17.71 0.22
C GLN B 422 -34.02 -16.42 0.54
N CYS B 423 -33.81 -15.37 -0.26
CA CYS B 423 -34.37 -14.06 0.04
C CYS B 423 -35.87 -14.00 -0.19
N GLU B 424 -36.40 -14.81 -1.10
CA GLU B 424 -37.85 -14.93 -1.27
C GLU B 424 -38.53 -15.43 -0.01
N CYS B 425 -39.81 -15.05 0.13
CA CYS B 425 -40.61 -15.36 1.31
C CYS B 425 -41.68 -16.39 0.97
N ARG B 426 -41.91 -17.32 1.89
CA ARG B 426 -42.86 -18.41 1.71
C ARG B 426 -44.11 -18.24 2.57
N CYS B 427 -44.59 -17.01 2.70
CA CYS B 427 -45.76 -16.73 3.54
C CYS B 427 -47.01 -17.40 2.99
N ARG B 428 -47.81 -17.96 3.89
CA ARG B 428 -49.03 -18.67 3.55
C ARG B 428 -50.26 -17.76 3.53
N ASP B 429 -50.09 -16.45 3.76
CA ASP B 429 -51.22 -15.54 3.88
C ASP B 429 -51.98 -15.32 2.58
N GLN B 430 -51.45 -15.81 1.45
CA GLN B 430 -52.12 -15.61 0.16
C GLN B 430 -53.49 -16.27 0.09
N SER B 431 -53.78 -17.22 0.98
CA SER B 431 -55.08 -17.88 0.99
C SER B 431 -56.19 -17.04 1.59
N ARG B 432 -55.86 -15.91 2.22
CA ARG B 432 -56.88 -15.07 2.84
C ARG B 432 -57.70 -14.36 1.76
N ASP B 433 -58.92 -13.98 2.13
CA ASP B 433 -59.83 -13.34 1.20
C ASP B 433 -59.29 -11.98 0.76
N ARG B 434 -59.68 -11.58 -0.45
CA ARG B 434 -59.21 -10.32 -1.03
C ARG B 434 -59.89 -9.10 -0.41
N SER B 435 -60.90 -9.29 0.44
CA SER B 435 -61.61 -8.16 1.00
C SER B 435 -60.71 -7.28 1.85
N LEU B 436 -59.64 -7.86 2.42
CA LEU B 436 -58.73 -7.07 3.23
C LEU B 436 -57.96 -6.04 2.41
N CYS B 437 -57.71 -6.34 1.13
CA CYS B 437 -56.99 -5.44 0.23
C CYS B 437 -57.93 -4.53 -0.55
N HIS B 438 -59.13 -4.27 -0.01
CA HIS B 438 -60.14 -3.44 -0.67
C HIS B 438 -60.57 -4.00 -2.02
N GLY B 439 -60.31 -5.29 -2.26
CA GLY B 439 -60.66 -5.91 -3.52
C GLY B 439 -59.77 -5.52 -4.68
N LYS B 440 -58.67 -4.82 -4.42
CA LYS B 440 -57.77 -4.36 -5.47
C LYS B 440 -56.46 -5.14 -5.49
N GLY B 441 -55.75 -5.20 -4.36
CA GLY B 441 -54.49 -5.91 -4.28
C GLY B 441 -54.64 -7.35 -3.83
N PHE B 442 -53.52 -7.90 -3.36
CA PHE B 442 -53.47 -9.25 -2.82
C PHE B 442 -52.56 -9.32 -1.60
N LEU B 443 -52.98 -10.11 -0.60
CA LEU B 443 -52.32 -10.18 0.71
C LEU B 443 -51.32 -11.33 0.89
N GLU B 444 -50.08 -10.98 1.19
CA GLU B 444 -48.96 -11.89 1.47
C GLU B 444 -48.07 -11.33 2.57
N CYS B 445 -47.67 -12.21 3.48
CA CYS B 445 -46.91 -11.86 4.68
C CYS B 445 -47.57 -10.76 5.50
N GLY B 446 -48.90 -10.65 5.43
CA GLY B 446 -49.64 -9.66 6.18
C GLY B 446 -49.64 -8.26 5.62
N ILE B 447 -49.00 -8.03 4.48
CA ILE B 447 -48.99 -6.72 3.83
C ILE B 447 -49.72 -6.85 2.51
N CYS B 448 -50.65 -5.93 2.27
CA CYS B 448 -51.45 -5.95 1.05
C CYS B 448 -50.60 -5.42 -0.09
N ARG B 449 -49.93 -6.34 -0.78
CA ARG B 449 -49.17 -5.98 -1.97
C ARG B 449 -50.10 -5.48 -3.06
N CYS B 450 -49.75 -4.35 -3.66
CA CYS B 450 -50.61 -3.68 -4.62
C CYS B 450 -50.00 -3.74 -6.01
N ASP B 451 -50.86 -3.72 -7.03
CA ASP B 451 -50.42 -3.73 -8.41
C ASP B 451 -50.02 -2.31 -8.83
N THR B 452 -49.80 -2.10 -10.13
CA THR B 452 -49.38 -0.80 -10.63
C THR B 452 -50.48 0.25 -10.55
N GLY B 453 -51.73 -0.14 -10.30
CA GLY B 453 -52.83 0.81 -10.31
C GLY B 453 -53.20 1.33 -8.93
N TYR B 454 -52.65 0.73 -7.88
CA TYR B 454 -53.00 1.11 -6.53
C TYR B 454 -51.74 1.14 -5.67
N ILE B 455 -51.83 1.87 -4.55
CA ILE B 455 -50.72 2.01 -3.61
C ILE B 455 -51.30 2.16 -2.22
N GLY B 456 -50.46 1.93 -1.21
CA GLY B 456 -50.85 2.06 0.17
C GLY B 456 -50.71 0.76 0.94
N LYS B 457 -50.97 0.85 2.25
CA LYS B 457 -50.86 -0.32 3.11
C LYS B 457 -51.93 -1.36 2.78
N ASN B 458 -53.13 -0.91 2.42
CA ASN B 458 -54.23 -1.80 2.05
C ASN B 458 -54.72 -1.56 0.64
N CYS B 459 -53.87 -0.99 -0.22
CA CYS B 459 -54.24 -0.65 -1.61
C CYS B 459 -55.44 0.29 -1.66
N GLU B 460 -55.59 1.12 -0.64
CA GLU B 460 -56.72 2.04 -0.58
C GLU B 460 -56.54 3.24 -1.50
N CYS B 461 -55.30 3.63 -1.79
CA CYS B 461 -55.02 4.81 -2.58
C CYS B 461 -54.69 4.42 -4.01
N GLN B 462 -55.46 4.94 -4.96
CA GLN B 462 -55.18 4.72 -6.37
C GLN B 462 -54.03 5.61 -6.84
N THR B 463 -53.27 5.11 -7.80
CA THR B 463 -52.10 5.85 -8.29
C THR B 463 -52.49 7.11 -9.05
N GLN B 464 -53.73 7.21 -9.53
CA GLN B 464 -54.17 8.38 -10.26
C GLN B 464 -54.70 9.49 -9.34
N GLY B 465 -55.30 9.12 -8.21
CA GLY B 465 -55.87 10.11 -7.32
C GLY B 465 -54.83 10.88 -6.55
N ARG B 466 -55.16 12.13 -6.23
CA ARG B 466 -54.27 12.97 -5.45
C ARG B 466 -54.25 12.53 -3.99
N SER B 467 -53.17 12.89 -3.30
CA SER B 467 -53.02 12.54 -1.90
C SER B 467 -53.97 13.37 -1.05
N SER B 468 -54.63 12.71 -0.10
CA SER B 468 -55.54 13.40 0.81
C SER B 468 -54.76 14.20 1.83
N GLN B 469 -55.25 15.41 2.14
CA GLN B 469 -54.57 16.26 3.10
C GLN B 469 -54.55 15.65 4.49
N GLU B 470 -55.62 14.95 4.86
CA GLU B 470 -55.68 14.31 6.17
C GLU B 470 -54.61 13.23 6.31
N LEU B 471 -54.25 12.56 5.21
CA LEU B 471 -53.17 11.58 5.27
C LEU B 471 -51.81 12.26 5.30
N GLU B 472 -51.66 13.37 4.56
CA GLU B 472 -50.39 14.08 4.56
C GLU B 472 -50.09 14.70 5.92
N GLY B 473 -51.12 15.11 6.64
CA GLY B 473 -50.92 15.75 7.94
C GLY B 473 -50.37 14.83 9.01
N SER B 474 -50.46 13.52 8.81
CA SER B 474 -50.00 12.56 9.81
C SER B 474 -48.51 12.25 9.70
N CYS B 475 -47.83 12.75 8.67
CA CYS B 475 -46.40 12.46 8.47
C CYS B 475 -45.51 13.48 9.17
N ARG B 476 -45.75 13.71 10.47
CA ARG B 476 -45.00 14.68 11.23
C ARG B 476 -44.70 14.13 12.62
N LYS B 477 -43.50 14.41 13.12
CA LYS B 477 -43.15 14.01 14.48
C LYS B 477 -43.85 14.88 15.51
N ASP B 478 -43.88 16.19 15.28
CA ASP B 478 -44.43 17.14 16.23
C ASP B 478 -44.90 18.37 15.47
N ASN B 479 -45.48 19.32 16.21
CA ASN B 479 -46.07 20.50 15.59
C ASN B 479 -45.05 21.38 14.87
N ASN B 480 -43.77 21.29 15.24
CA ASN B 480 -42.74 22.12 14.63
C ASN B 480 -42.06 21.46 13.43
N SER B 481 -42.35 20.20 13.15
CA SER B 481 -41.67 19.49 12.07
C SER B 481 -42.26 19.84 10.71
N ILE B 482 -41.38 20.05 9.73
CA ILE B 482 -41.82 20.26 8.36
C ILE B 482 -42.32 18.93 7.79
N ILE B 483 -43.23 19.02 6.81
CA ILE B 483 -43.80 17.82 6.19
C ILE B 483 -42.68 16.97 5.60
N CYS B 484 -42.57 15.73 6.09
CA CYS B 484 -41.52 14.80 5.67
C CYS B 484 -40.13 15.41 5.83
N SER B 485 -39.98 16.33 6.78
CA SER B 485 -38.73 17.03 7.05
C SER B 485 -38.22 17.80 5.83
N GLY B 486 -39.11 18.10 4.89
CA GLY B 486 -38.75 18.85 3.70
C GLY B 486 -37.91 18.10 2.69
N LEU B 487 -37.73 16.79 2.85
CA LEU B 487 -36.92 15.99 1.93
C LEU B 487 -37.73 14.89 1.26
N GLY B 488 -39.05 15.01 1.22
CA GLY B 488 -39.87 13.98 0.61
C GLY B 488 -41.29 14.45 0.41
N ASP B 489 -42.13 13.52 -0.01
CA ASP B 489 -43.55 13.78 -0.25
C ASP B 489 -44.38 12.68 0.37
N CYS B 490 -45.58 13.05 0.82
CA CYS B 490 -46.51 12.08 1.42
C CYS B 490 -47.30 11.37 0.32
N VAL B 491 -47.14 10.06 0.24
CA VAL B 491 -47.90 9.23 -0.70
C VAL B 491 -48.71 8.24 0.12
N CYS B 492 -50.03 8.45 0.16
CA CYS B 492 -50.95 7.58 0.89
C CYS B 492 -50.52 7.40 2.35
N GLY B 493 -50.10 8.50 2.98
CA GLY B 493 -49.77 8.49 4.39
C GLY B 493 -48.34 8.13 4.75
N GLN B 494 -47.49 7.85 3.77
CA GLN B 494 -46.08 7.58 4.03
C GLN B 494 -45.22 8.48 3.15
N CYS B 495 -44.09 8.93 3.71
CA CYS B 495 -43.19 9.81 2.98
C CYS B 495 -42.44 9.03 1.91
N LEU B 496 -42.75 9.31 0.65
CA LEU B 496 -41.90 8.95 -0.48
C LEU B 496 -40.70 9.89 -0.52
N CYS B 497 -39.52 9.38 -0.18
CA CYS B 497 -38.33 10.22 -0.10
C CYS B 497 -37.82 10.58 -1.49
N HIS B 498 -37.23 11.77 -1.59
CA HIS B 498 -36.55 12.20 -2.79
C HIS B 498 -35.16 11.58 -2.86
N THR B 499 -34.47 11.81 -3.98
CA THR B 499 -33.07 11.43 -4.13
C THR B 499 -32.24 12.68 -4.38
N SER B 500 -31.00 12.64 -3.90
CA SER B 500 -30.12 13.81 -3.91
C SER B 500 -29.09 13.67 -5.02
N ASP B 501 -28.91 14.74 -5.79
CA ASP B 501 -27.91 14.74 -6.86
C ASP B 501 -26.49 14.61 -6.31
N VAL B 502 -26.26 14.98 -5.06
CA VAL B 502 -24.94 14.84 -4.45
C VAL B 502 -24.66 13.36 -4.25
N PRO B 503 -23.41 12.91 -4.36
CA PRO B 503 -23.12 11.47 -4.34
C PRO B 503 -23.42 10.86 -2.99
N GLY B 504 -24.13 9.73 -3.01
CA GLY B 504 -24.26 8.88 -1.85
C GLY B 504 -25.31 9.27 -0.83
N LYS B 505 -26.03 10.38 -1.03
CA LYS B 505 -26.97 10.89 -0.04
C LYS B 505 -28.33 10.23 -0.26
N LEU B 506 -28.54 9.09 0.39
CA LEU B 506 -29.88 8.50 0.49
C LEU B 506 -30.68 9.20 1.57
N ILE B 507 -31.99 9.33 1.32
CA ILE B 507 -32.94 9.89 2.27
C ILE B 507 -33.95 8.81 2.63
N TYR B 508 -34.17 8.60 3.93
CA TYR B 508 -34.93 7.44 4.40
C TYR B 508 -35.41 7.71 5.82
N GLY B 509 -35.86 6.65 6.49
CA GLY B 509 -36.56 6.74 7.76
C GLY B 509 -38.06 6.96 7.61
N GLN B 510 -38.76 6.83 8.75
CA GLN B 510 -40.22 6.81 8.72
C GLN B 510 -40.79 8.14 8.23
N TYR B 511 -40.26 9.25 8.72
CA TYR B 511 -40.68 10.58 8.30
C TYR B 511 -39.71 11.19 7.29
N CYS B 512 -38.92 10.37 6.62
CA CYS B 512 -37.98 10.80 5.60
C CYS B 512 -36.98 11.81 6.18
N GLU B 513 -36.53 11.54 7.41
CA GLU B 513 -35.76 12.48 8.19
C GLU B 513 -34.30 12.09 8.36
N CYS B 514 -33.89 10.90 7.93
CA CYS B 514 -32.54 10.42 8.11
C CYS B 514 -31.76 10.47 6.80
N ASP B 515 -30.52 10.94 6.87
CA ASP B 515 -29.61 10.97 5.74
C ASP B 515 -28.37 10.17 6.09
N THR B 516 -27.84 9.44 5.13
CA THR B 516 -26.71 8.55 5.33
C THR B 516 -25.37 9.26 5.21
N ILE B 517 -25.34 10.59 5.30
CA ILE B 517 -24.10 11.35 5.13
C ILE B 517 -23.82 12.30 6.29
N ASN B 518 -24.66 12.32 7.32
CA ASN B 518 -24.52 13.32 8.37
C ASN B 518 -23.71 12.85 9.57
N CYS B 519 -23.19 11.64 9.55
CA CYS B 519 -22.38 11.17 10.67
C CYS B 519 -21.01 11.82 10.65
N GLU B 520 -20.34 11.79 11.79
CA GLU B 520 -19.05 12.45 11.93
C GLU B 520 -17.95 11.62 11.26
N ARG B 521 -16.99 12.34 10.68
CA ARG B 521 -16.10 11.83 9.65
C ARG B 521 -14.78 11.34 10.23
N TYR B 522 -14.15 10.43 9.49
CA TYR B 522 -12.80 9.97 9.79
C TYR B 522 -12.02 9.87 8.48
N ASN B 523 -10.87 10.54 8.44
CA ASN B 523 -10.10 10.71 7.21
C ASN B 523 -10.95 11.31 6.09
N GLY B 524 -11.81 12.26 6.46
CA GLY B 524 -12.56 13.01 5.48
C GLY B 524 -13.78 12.30 4.92
N GLN B 525 -14.04 11.07 5.33
CA GLN B 525 -15.15 10.29 4.81
C GLN B 525 -16.12 9.95 5.95
N VAL B 526 -17.41 9.91 5.64
CA VAL B 526 -18.41 9.58 6.65
C VAL B 526 -18.23 8.13 7.09
N CYS B 527 -18.10 7.93 8.39
CA CYS B 527 -17.81 6.62 8.98
C CYS B 527 -16.67 5.90 8.26
N GLY B 528 -15.71 6.65 7.73
CA GLY B 528 -14.60 6.03 7.04
C GLY B 528 -14.95 5.46 5.68
N GLY B 529 -16.12 5.78 5.14
CA GLY B 529 -16.56 5.24 3.87
C GLY B 529 -17.16 3.87 4.01
N PRO B 530 -17.65 3.32 2.88
CA PRO B 530 -18.24 1.97 2.89
C PRO B 530 -17.34 0.91 3.52
N GLY B 531 -16.03 1.13 3.52
CA GLY B 531 -15.12 0.12 4.03
C GLY B 531 -15.10 -0.03 5.54
N ARG B 532 -15.75 0.86 6.28
CA ARG B 532 -15.77 0.77 7.73
C ARG B 532 -17.16 0.75 8.33
N GLY B 533 -18.11 1.51 7.78
CA GLY B 533 -19.44 1.52 8.37
C GLY B 533 -20.39 2.41 7.57
N LEU B 534 -21.61 2.51 8.09
CA LEU B 534 -22.72 3.18 7.44
C LEU B 534 -23.40 4.11 8.43
N CYS B 535 -23.98 5.19 7.91
CA CYS B 535 -24.55 6.25 8.73
C CYS B 535 -26.07 6.13 8.80
N PHE B 536 -26.62 6.21 10.01
CA PHE B 536 -28.07 6.20 10.21
C PHE B 536 -28.47 7.46 10.99
N CYS B 537 -28.52 8.59 10.29
CA CYS B 537 -28.93 9.88 10.84
C CYS B 537 -28.33 10.14 12.22
N GLY B 538 -27.01 10.24 12.25
CA GLY B 538 -26.30 10.63 13.44
C GLY B 538 -25.71 9.47 14.24
N LYS B 539 -26.04 8.24 13.88
CA LYS B 539 -25.46 7.07 14.54
C LYS B 539 -24.80 6.19 13.48
N CYS B 540 -23.63 5.66 13.81
CA CYS B 540 -22.86 4.82 12.90
C CYS B 540 -22.89 3.37 13.37
N ARG B 541 -23.32 2.48 12.47
CA ARG B 541 -23.24 1.04 12.71
C ARG B 541 -22.04 0.50 11.96
N CYS B 542 -21.22 -0.29 12.64
CA CYS B 542 -20.01 -0.85 12.06
C CYS B 542 -20.23 -2.29 11.62
N HIS B 543 -19.40 -2.72 10.67
CA HIS B 543 -19.28 -4.12 10.34
C HIS B 543 -18.56 -4.84 11.47
N PRO B 544 -18.69 -6.17 11.55
CA PRO B 544 -17.93 -6.92 12.54
C PRO B 544 -16.43 -6.66 12.41
N GLY B 545 -15.78 -6.46 13.54
CA GLY B 545 -14.36 -6.12 13.56
C GLY B 545 -14.07 -4.65 13.69
N PHE B 546 -15.09 -3.79 13.71
CA PHE B 546 -14.91 -2.34 13.84
C PHE B 546 -15.87 -1.80 14.88
N GLU B 547 -15.48 -0.69 15.50
CA GLU B 547 -16.29 -0.05 16.53
C GLU B 547 -16.00 1.44 16.53
N GLY B 548 -16.66 2.16 17.42
CA GLY B 548 -16.45 3.59 17.59
C GLY B 548 -17.58 4.40 17.00
N SER B 549 -17.47 5.72 17.17
CA SER B 549 -18.49 6.64 16.70
C SER B 549 -18.48 6.79 15.18
N ALA B 550 -17.39 6.43 14.50
CA ALA B 550 -17.33 6.48 13.05
C ALA B 550 -16.65 5.25 12.47
N CYS B 551 -16.69 4.14 13.19
CA CYS B 551 -16.07 2.88 12.75
C CYS B 551 -14.57 3.03 12.49
N GLN B 552 -13.94 4.03 13.11
CA GLN B 552 -12.52 4.25 12.95
C GLN B 552 -11.69 3.36 13.87
N CYS B 553 -12.33 2.63 14.77
CA CYS B 553 -11.63 1.84 15.78
C CYS B 553 -11.96 0.38 15.58
N GLU B 554 -10.93 -0.44 15.36
CA GLU B 554 -11.12 -1.86 15.18
C GLU B 554 -11.25 -2.58 16.52
N ARG B 555 -11.82 -3.78 16.48
CA ARG B 555 -11.88 -4.66 17.64
C ARG B 555 -11.24 -6.01 17.35
N THR B 556 -10.46 -6.11 16.28
CA THR B 556 -9.85 -7.37 15.87
C THR B 556 -8.52 -7.08 15.20
N THR B 557 -7.68 -8.11 15.13
CA THR B 557 -6.31 -7.99 14.63
C THR B 557 -5.59 -6.85 15.35
N GLU B 558 -5.72 -6.85 16.67
CA GLU B 558 -5.25 -5.71 17.48
C GLU B 558 -3.74 -5.54 17.35
N GLY B 559 -3.32 -4.30 17.15
CA GLY B 559 -1.92 -3.95 17.21
C GLY B 559 -1.38 -3.72 18.60
N CYS B 560 -2.26 -3.78 19.60
CA CYS B 560 -1.84 -3.62 20.99
C CYS B 560 -0.99 -4.79 21.47
N LEU B 561 -1.15 -5.96 20.86
CA LEU B 561 -0.67 -7.20 21.45
C LEU B 561 0.73 -7.53 20.95
N ASN B 562 1.67 -7.62 21.88
CA ASN B 562 2.99 -8.14 21.58
C ASN B 562 2.90 -9.66 21.42
N PRO B 563 3.94 -10.29 20.83
CA PRO B 563 3.88 -11.76 20.64
C PRO B 563 3.77 -12.56 21.93
N ARG B 564 3.77 -11.90 23.08
CA ARG B 564 3.54 -12.56 24.36
C ARG B 564 2.09 -12.48 24.82
N ARG B 565 1.20 -11.92 24.00
CA ARG B 565 -0.23 -11.86 24.26
C ARG B 565 -0.54 -11.07 25.53
N VAL B 566 -0.08 -9.81 25.55
CA VAL B 566 -0.40 -8.89 26.62
C VAL B 566 -0.49 -7.49 26.02
N GLU B 567 -1.38 -6.67 26.58
CA GLU B 567 -1.68 -5.36 26.01
C GLU B 567 -0.57 -4.37 26.34
N CYS B 568 0.13 -3.88 25.31
CA CYS B 568 1.14 -2.84 25.44
C CYS B 568 2.24 -3.23 26.43
N SER B 569 2.59 -4.51 26.44
CA SER B 569 3.67 -5.05 27.28
C SER B 569 3.41 -4.78 28.76
N GLY B 570 2.15 -4.64 29.15
CA GLY B 570 1.79 -4.50 30.55
C GLY B 570 2.04 -3.16 31.16
N ARG B 571 2.38 -2.13 30.38
CA ARG B 571 2.67 -0.81 30.91
C ARG B 571 1.94 0.27 30.14
N GLY B 572 0.71 -0.01 29.73
CA GLY B 572 -0.09 1.00 29.07
C GLY B 572 -1.42 0.51 28.56
N ARG B 573 -2.46 1.32 28.74
CA ARG B 573 -3.74 1.01 28.11
C ARG B 573 -3.65 1.35 26.62
N CYS B 574 -4.56 0.75 25.85
CA CYS B 574 -4.66 1.05 24.41
C CYS B 574 -6.12 1.30 24.07
N ARG B 575 -6.47 2.57 23.91
CA ARG B 575 -7.77 2.96 23.40
C ARG B 575 -7.71 3.00 21.88
N CYS B 576 -8.62 2.26 21.24
CA CYS B 576 -8.81 2.29 19.79
C CYS B 576 -7.57 1.75 19.07
N ASN B 577 -7.11 0.58 19.48
CA ASN B 577 -6.06 -0.22 18.85
C ASN B 577 -4.68 0.42 18.93
N VAL B 578 -4.54 1.59 19.55
CA VAL B 578 -3.26 2.29 19.65
C VAL B 578 -2.90 2.42 21.12
N CYS B 579 -1.71 1.97 21.48
CA CYS B 579 -1.28 2.01 22.87
C CYS B 579 -1.06 3.44 23.34
N GLU B 580 -1.49 3.71 24.56
CA GLU B 580 -1.22 4.97 25.25
C GLU B 580 -0.31 4.68 26.44
N CYS B 581 0.75 5.44 26.57
CA CYS B 581 1.84 5.10 27.47
C CYS B 581 1.89 6.04 28.66
N HIS B 582 2.48 5.56 29.75
CA HIS B 582 2.82 6.37 30.89
C HIS B 582 4.34 6.47 31.01
N SER B 583 4.81 7.62 31.50
CA SER B 583 6.24 7.91 31.59
C SER B 583 6.88 7.91 30.20
N GLY B 584 8.20 7.79 30.16
CA GLY B 584 8.94 7.98 28.93
C GLY B 584 8.97 6.79 27.98
N TYR B 585 7.89 6.01 27.94
CA TYR B 585 7.82 4.86 27.05
C TYR B 585 7.28 5.27 25.68
N GLN B 586 7.76 4.60 24.64
CA GLN B 586 7.50 4.99 23.26
C GLN B 586 6.65 3.95 22.53
N LEU B 587 5.98 4.43 21.49
CA LEU B 587 5.16 3.58 20.62
C LEU B 587 6.04 2.61 19.84
N PRO B 588 5.45 1.51 19.32
CA PRO B 588 4.06 1.07 19.47
C PRO B 588 3.82 0.01 20.54
N LEU B 589 4.83 -0.80 20.84
CA LEU B 589 4.70 -1.91 21.78
C LEU B 589 5.30 -1.60 23.16
N CYS B 590 5.77 -0.38 23.39
CA CYS B 590 6.28 0.06 24.68
C CYS B 590 7.49 -0.75 25.14
N GLN B 591 8.20 -1.39 24.20
CA GLN B 591 9.23 -2.36 24.58
C GLN B 591 10.44 -1.70 25.24
N GLU B 592 10.78 -0.48 24.83
CA GLU B 592 11.99 0.18 25.31
C GLU B 592 11.67 1.61 25.71
N CYS B 593 12.37 2.09 26.72
CA CYS B 593 12.21 3.45 27.23
C CYS B 593 13.49 4.24 26.99
N PRO B 594 13.53 5.12 26.01
CA PRO B 594 14.65 6.05 25.88
C PRO B 594 14.41 7.31 26.71
N GLY B 595 15.52 7.91 27.14
CA GLY B 595 15.46 9.09 27.98
C GLY B 595 15.49 8.83 29.47
N CYS B 596 14.78 7.81 29.92
CA CYS B 596 14.79 7.46 31.33
C CYS B 596 16.18 6.98 31.74
N PRO B 597 16.77 7.52 32.80
CA PRO B 597 18.14 7.16 33.16
C PRO B 597 18.24 5.70 33.56
N SER B 598 19.46 5.19 33.55
CA SER B 598 19.70 3.80 33.86
C SER B 598 19.33 3.51 35.31
N PRO B 599 18.41 2.60 35.58
CA PRO B 599 18.05 2.26 36.97
C PRO B 599 18.99 1.26 37.62
N CYS B 600 20.13 0.95 36.99
CA CYS B 600 21.01 -0.08 37.53
C CYS B 600 21.59 0.33 38.87
N GLY B 601 21.87 1.61 39.06
CA GLY B 601 22.47 2.08 40.30
C GLY B 601 21.61 1.92 41.53
N LYS B 602 20.29 1.84 41.35
CA LYS B 602 19.40 1.73 42.50
C LYS B 602 18.88 0.31 42.72
N TYR B 603 19.09 -0.60 41.77
CA TYR B 603 18.82 -2.01 41.97
C TYR B 603 20.01 -2.76 42.54
N ILE B 604 21.09 -2.05 42.91
CA ILE B 604 22.20 -2.70 43.58
C ILE B 604 21.74 -3.31 44.90
N SER B 605 20.77 -2.68 45.56
CA SER B 605 20.21 -3.23 46.79
C SER B 605 19.55 -4.58 46.55
N CYS B 606 19.11 -4.86 45.33
CA CYS B 606 18.50 -6.14 44.99
C CYS B 606 19.53 -7.17 44.53
N ALA B 607 20.42 -6.78 43.61
CA ALA B 607 21.42 -7.70 43.11
C ALA B 607 22.40 -8.14 44.19
N GLU B 608 22.57 -7.33 45.24
CA GLU B 608 23.47 -7.68 46.33
C GLU B 608 22.99 -8.91 47.09
N CYS B 609 21.69 -9.23 47.02
CA CYS B 609 21.11 -10.30 47.82
C CYS B 609 20.93 -11.59 47.03
N LEU B 610 20.23 -11.51 45.89
CA LEU B 610 19.74 -12.71 45.22
C LEU B 610 20.89 -13.61 44.78
N LYS B 611 21.80 -13.08 43.95
CA LYS B 611 22.88 -13.89 43.43
C LYS B 611 23.84 -14.35 44.51
N PHE B 612 23.93 -13.59 45.61
CA PHE B 612 24.86 -13.88 46.68
C PHE B 612 24.21 -14.48 47.92
N GLU B 613 22.88 -14.56 47.95
CA GLU B 613 22.14 -15.28 48.99
C GLU B 613 22.46 -14.75 50.40
N LYS B 614 22.61 -13.43 50.51
CA LYS B 614 22.78 -12.83 51.83
C LYS B 614 21.44 -12.79 52.56
N GLY B 615 21.51 -12.80 53.89
CA GLY B 615 20.33 -12.74 54.72
C GLY B 615 19.63 -11.39 54.62
N PRO B 616 18.66 -11.15 55.50
CA PRO B 616 17.89 -9.91 55.43
C PRO B 616 18.76 -8.69 55.73
N PHE B 617 18.50 -7.62 55.00
CA PHE B 617 19.12 -6.32 55.27
C PHE B 617 18.29 -5.51 56.28
N GLY B 618 18.02 -6.11 57.43
CA GLY B 618 17.07 -5.53 58.36
C GLY B 618 15.65 -5.75 57.87
N LYS B 619 15.31 -5.08 56.77
CA LYS B 619 14.12 -5.40 56.01
C LYS B 619 14.37 -6.65 55.17
N ASN B 620 13.36 -7.50 55.06
CA ASN B 620 13.54 -8.79 54.41
C ASN B 620 13.85 -8.59 52.92
N CYS B 621 14.71 -9.48 52.40
CA CYS B 621 15.17 -9.33 51.02
C CYS B 621 14.05 -9.50 50.02
N SER B 622 13.16 -10.47 50.24
CA SER B 622 12.06 -10.70 49.32
C SER B 622 11.15 -9.47 49.22
N ALA B 623 10.89 -8.81 50.34
CA ALA B 623 10.15 -7.55 50.32
C ALA B 623 11.02 -6.38 49.86
N ALA B 624 12.34 -6.52 49.93
CA ALA B 624 13.22 -5.43 49.50
C ALA B 624 13.27 -5.32 47.98
N CYS B 625 13.02 -6.41 47.27
CA CYS B 625 13.09 -6.44 45.80
C CYS B 625 11.83 -7.08 45.24
N PRO B 626 10.69 -6.40 45.31
CA PRO B 626 9.47 -6.92 44.69
C PRO B 626 9.55 -6.82 43.18
N GLY B 627 8.92 -7.80 42.52
CA GLY B 627 8.87 -7.81 41.06
C GLY B 627 10.22 -7.87 40.39
N LEU B 628 10.93 -8.99 40.55
CA LEU B 628 12.21 -9.20 39.91
C LEU B 628 12.58 -10.67 40.07
N GLN B 629 13.29 -11.20 39.08
CA GLN B 629 13.67 -12.61 39.08
C GLN B 629 15.09 -12.74 38.54
N LEU B 630 15.82 -13.71 39.07
CA LEU B 630 17.18 -14.01 38.65
C LEU B 630 17.18 -15.21 37.71
N SER B 631 17.96 -15.11 36.64
CA SER B 631 17.99 -16.13 35.60
C SER B 631 19.25 -16.97 35.72
N ASN B 632 19.09 -18.27 35.47
CA ASN B 632 20.22 -19.19 35.47
C ASN B 632 20.97 -19.21 34.15
N ASN B 633 20.58 -18.38 33.20
CA ASN B 633 21.20 -18.30 31.89
C ASN B 633 21.37 -16.83 31.53
N PRO B 634 22.37 -16.49 30.70
CA PRO B 634 22.56 -15.09 30.32
C PRO B 634 21.37 -14.55 29.55
N VAL B 635 21.08 -13.27 29.77
CA VAL B 635 19.96 -12.60 29.15
C VAL B 635 20.45 -11.32 28.48
N LYS B 636 19.66 -10.82 27.53
CA LYS B 636 20.06 -9.77 26.62
C LYS B 636 19.38 -8.47 26.98
N GLY B 637 20.14 -7.37 27.02
CA GLY B 637 19.58 -6.07 27.32
C GLY B 637 20.65 -5.11 27.81
N ARG B 638 20.23 -4.19 28.67
CA ARG B 638 21.14 -3.20 29.22
C ARG B 638 22.19 -3.84 30.10
N THR B 639 23.44 -3.40 29.94
CA THR B 639 24.55 -3.86 30.75
C THR B 639 25.05 -2.74 31.66
N CYS B 640 25.41 -3.09 32.89
CA CYS B 640 25.75 -2.08 33.89
C CYS B 640 26.79 -2.64 34.85
N LYS B 641 27.50 -1.73 35.52
CA LYS B 641 28.52 -2.11 36.49
C LYS B 641 28.55 -1.02 37.55
N GLU B 642 28.42 -1.42 38.82
CA GLU B 642 28.49 -0.48 39.93
C GLU B 642 29.23 -1.16 41.08
N ARG B 643 29.26 -0.48 42.22
CA ARG B 643 29.98 -0.93 43.40
C ARG B 643 29.00 -1.35 44.48
N ASP B 644 29.23 -2.52 45.07
CA ASP B 644 28.34 -3.10 46.06
C ASP B 644 28.71 -2.63 47.46
N SER B 645 28.07 -3.21 48.47
CA SER B 645 28.34 -2.86 49.86
C SER B 645 29.70 -3.36 50.33
N GLU B 646 30.27 -4.37 49.67
CA GLU B 646 31.60 -4.87 50.01
C GLU B 646 32.69 -4.24 49.16
N GLY B 647 32.36 -3.25 48.34
CA GLY B 647 33.35 -2.64 47.48
C GLY B 647 33.80 -3.52 46.32
N CYS B 648 32.90 -4.35 45.80
CA CYS B 648 33.22 -5.27 44.73
C CYS B 648 32.42 -4.94 43.49
N TRP B 649 32.99 -5.25 42.32
CA TRP B 649 32.35 -4.95 41.04
C TRP B 649 31.32 -6.02 40.72
N VAL B 650 30.04 -5.66 40.81
CA VAL B 650 28.95 -6.53 40.37
C VAL B 650 28.61 -6.16 38.93
N ALA B 651 29.00 -7.02 38.00
CA ALA B 651 28.74 -6.82 36.57
C ALA B 651 27.52 -7.65 36.20
N TYR B 652 26.42 -6.96 35.90
CA TYR B 652 25.15 -7.64 35.64
C TYR B 652 24.40 -6.92 34.53
N THR B 653 23.43 -7.63 33.96
CA THR B 653 22.58 -7.12 32.90
C THR B 653 21.12 -7.14 33.36
N LEU B 654 20.32 -6.22 32.81
CA LEU B 654 18.95 -5.99 33.26
C LEU B 654 18.03 -6.06 32.06
N GLU B 655 17.53 -7.26 31.75
CA GLU B 655 16.57 -7.43 30.66
C GLU B 655 15.16 -7.13 31.17
N GLN B 656 14.49 -6.17 30.53
CA GLN B 656 13.13 -5.83 30.92
C GLN B 656 12.16 -6.85 30.35
N GLN B 657 11.09 -7.10 31.09
CA GLN B 657 10.08 -8.07 30.67
C GLN B 657 8.70 -7.51 30.98
N ASP B 658 7.68 -8.26 30.56
CA ASP B 658 6.29 -7.79 30.60
C ASP B 658 5.90 -7.32 32.00
N GLY B 659 5.17 -6.22 32.06
CA GLY B 659 4.74 -5.62 33.30
C GLY B 659 5.44 -4.31 33.57
N MET B 660 5.18 -3.76 34.75
CA MET B 660 5.74 -2.49 35.18
C MET B 660 6.74 -2.74 36.31
N ASP B 661 7.99 -2.35 36.08
CA ASP B 661 9.07 -2.45 37.07
C ASP B 661 9.34 -3.91 37.45
N ARG B 662 9.66 -4.71 36.44
CA ARG B 662 10.13 -6.07 36.68
C ARG B 662 11.14 -6.44 35.61
N TYR B 663 12.23 -7.07 36.02
CA TYR B 663 13.35 -7.34 35.13
C TYR B 663 13.94 -8.71 35.45
N LEU B 664 14.87 -9.14 34.60
CA LEU B 664 15.69 -10.31 34.85
C LEU B 664 17.14 -9.88 35.02
N ILE B 665 17.82 -10.48 35.99
CA ILE B 665 19.19 -10.12 36.33
C ILE B 665 20.08 -11.36 36.22
N TYR B 666 21.20 -11.22 35.52
CA TYR B 666 22.24 -12.23 35.48
C TYR B 666 23.55 -11.58 35.91
N VAL B 667 24.19 -12.14 36.93
CA VAL B 667 25.34 -11.54 37.58
C VAL B 667 26.56 -12.44 37.37
N ASP B 668 27.67 -11.84 36.97
CA ASP B 668 28.91 -12.59 36.81
C ASP B 668 29.41 -13.07 38.16
N GLU B 669 29.76 -14.36 38.24
CA GLU B 669 30.19 -14.94 39.51
C GLU B 669 31.64 -14.62 39.86
N SER B 670 32.45 -14.21 38.89
CA SER B 670 33.86 -13.89 39.13
C SER B 670 33.96 -12.51 39.79
N ARG B 671 33.60 -12.49 41.08
CA ARG B 671 33.57 -11.24 41.83
C ARG B 671 34.99 -10.71 42.03
N GLU B 672 35.17 -9.42 41.77
CA GLU B 672 36.44 -8.74 42.01
C GLU B 672 36.20 -7.56 42.95
N CYS B 673 37.10 -7.42 43.92
CA CYS B 673 36.95 -6.42 44.98
C CYS B 673 38.20 -5.58 45.08
N VAL B 674 38.04 -4.36 45.58
CA VAL B 674 39.14 -3.43 45.75
C VAL B 674 40.05 -3.91 46.88
#